data_6TIS
#
_entry.id   6TIS
#
_cell.length_a   66.588
_cell.length_b   126.515
_cell.length_c   250.241
_cell.angle_alpha   90
_cell.angle_beta   90
_cell.angle_gamma   90
#
_symmetry.space_group_name_H-M   'P 21 21 21'
#
loop_
_entity.id
_entity.type
_entity.pdbx_description
1 polymer 'Tubulin alpha-1 chain'
2 polymer 'Tubulin beta-1 chain'
3 polymer Stathmin-4
4 non-polymer "GUANOSINE-5'-TRIPHOSPHATE"
5 non-polymer 'MAGNESIUM ION'
6 non-polymer 'SULFATE ION'
7 non-polymer GLYCEROL
8 non-polymer "GUANOSINE-5'-DIPHOSPHATE"
9 water water
#
loop_
_entity_poly.entity_id
_entity_poly.type
_entity_poly.pdbx_seq_one_letter_code
_entity_poly.pdbx_strand_id
1 'polypeptide(L)'
;MRECISIHVGQAGVQIGNACWELYCLEHGIQPDGQMPSDRTVGGGDDSFNTFFSETGAGKHVPRAVFVDLEPTVVDEVRT
GTYRQLFHPEQLITGKEDAANNYARGHYTIGKEIVDLVLDRIRKLADQCTGLQGFLIFHSFGGGTGSGFTSLLMERLSVD
YGKKSKLEFAIYPAPQVSTAVVEPYNSILTTHTTLEHSDCAFMVDNEAIYDICRRNLDIERPTYTNLNRLIGQIVSSITA
SLRFDGALNVDLTEFQTNLVPYPRIHFPLVTYAPVISAEKAYHEQLSVAEITNACFEPANQMVKCDPRHGKYMACCMLYR
GDVVPKDVNAAIATIKTKRTIQFVDWCPTGFKVGINYQPPTVVPGGDLAKVQRAVCMLSNTTAIAEAWARLDHKFDLMYA
KRAFVHWYVGEGMEEGEFSEAREDLAALEKDYEEVGMDSGDGEGEGAEEY
;
A,C
2 'polypeptide(L)'
;MREIVHIQAGQCGNQIGAKFWEIISDEHGIDATGAYHGDSDLQLERINVYYNEASGGKYVPRAVLVDLEPGTMDSVRSGP
FGQIFRPDNFVFGQSGAGNNWAKGHYTEGAELVDSVLDVVRKEAESCDCLQGFQLTHSLGGGTGSGMGTLLISKIREEYP
DRIMNTYSVVPSPKVSDTVVEPYNATLSVHQLVENTDETYCIDNEALYDICFRTLKLTTPTYGDLNHLVSLTMSGVTTCL
RFPGQLNADLRKLAVNMVPFPRLHFFMPGFAPLTSRGSQQYRALTVPELTQQMFDAKNMMAACDPRHGRYLTVAAIFRGR
MSMKEVDEQMLNIQNKNSSYFVEWIPNNVKTAVCDIPPRGLKMSATFIGNSTAIQELFKRISEQFTAMFRRKAFLHWYTG
EGMDEMEFTEAESNMNDLVSEYQQYQEATADEDAEFEEEQEAEVDEN
;
B,D
3 'polypeptide(L)'
;MADMEVIELNKATSGQSWEVILKPPSFDGVPEFNASLPRRRDPSLEEIQKKLEAAEERRKYQEAELLKHLAEKREHEREV
IQKAIEENNNFIKMAKEKLAQKMESNKENREAHLAAMLERLQEKDKHAEEVRKNKELKEEASR
;
E
#
loop_
_chem_comp.id
_chem_comp.type
_chem_comp.name
_chem_comp.formula
GDP RNA linking GUANOSINE-5'-DIPHOSPHATE 'C10 H15 N5 O11 P2'
GOL non-polymer GLYCEROL 'C3 H8 O3'
GTP non-polymer GUANOSINE-5'-TRIPHOSPHATE 'C10 H16 N5 O14 P3'
MG non-polymer 'MAGNESIUM ION' 'Mg 2'
SO4 non-polymer 'SULFATE ION' 'O4 S -2'
#
# COMPACT_ATOMS: atom_id res chain seq x y z
N MET A 1 54.75 -59.68 -3.17
CA MET A 1 54.21 -58.36 -2.82
C MET A 1 52.72 -58.42 -2.54
N ARG A 2 52.26 -57.67 -1.55
CA ARG A 2 50.85 -57.69 -1.15
C ARG A 2 50.34 -56.25 -0.96
N GLU A 3 49.98 -55.57 -2.05
CA GLU A 3 49.61 -54.16 -1.98
C GLU A 3 48.23 -53.87 -1.40
N CYS A 4 48.11 -52.76 -0.69
CA CYS A 4 46.82 -52.33 -0.15
C CYS A 4 46.55 -50.93 -0.70
N ILE A 5 45.33 -50.70 -1.20
CA ILE A 5 44.90 -49.40 -1.70
C ILE A 5 43.98 -48.73 -0.67
N SER A 6 44.37 -47.54 -0.20
CA SER A 6 43.56 -46.80 0.78
C SER A 6 42.64 -45.81 0.11
N ILE A 7 41.38 -45.81 0.54
CA ILE A 7 40.40 -44.91 -0.03
C ILE A 7 39.85 -44.02 1.09
N HIS A 8 40.00 -42.71 0.96
CA HIS A 8 39.54 -41.75 1.97
C HIS A 8 38.35 -40.97 1.44
N VAL A 9 37.18 -41.06 2.10
CA VAL A 9 35.95 -40.47 1.58
C VAL A 9 35.39 -39.43 2.53
N GLY A 10 35.10 -38.25 2.00
CA GLY A 10 34.52 -37.16 2.77
C GLY A 10 35.53 -36.49 3.69
N GLN A 11 35.08 -35.49 4.46
CA GLN A 11 35.95 -34.76 5.36
C GLN A 11 36.62 -35.67 6.39
N ALA A 12 35.84 -36.53 7.08
CA ALA A 12 36.38 -37.41 8.11
C ALA A 12 37.42 -38.35 7.51
N GLY A 13 37.10 -38.99 6.40
CA GLY A 13 38.01 -39.91 5.75
C GLY A 13 39.28 -39.23 5.28
N VAL A 14 39.16 -38.03 4.72
CA VAL A 14 40.32 -37.28 4.22
C VAL A 14 41.21 -36.78 5.34
N GLN A 15 40.62 -36.22 6.39
CA GLN A 15 41.39 -35.67 7.50
C GLN A 15 42.06 -36.77 8.33
N ILE A 16 41.39 -37.92 8.46
CA ILE A 16 42.00 -39.08 9.10
C ILE A 16 43.11 -39.64 8.21
N GLY A 17 42.92 -39.58 6.89
CA GLY A 17 43.92 -39.97 5.93
C GLY A 17 45.16 -39.13 6.05
N ASN A 18 45.01 -37.83 6.28
CA ASN A 18 46.15 -36.93 6.49
C ASN A 18 46.98 -37.37 7.69
N ALA A 19 46.33 -37.69 8.79
CA ALA A 19 46.99 -38.14 10.01
C ALA A 19 47.69 -39.49 9.83
N CYS A 20 47.04 -40.42 9.12
CA CYS A 20 47.62 -41.75 8.88
C CYS A 20 48.87 -41.67 8.03
N TRP A 21 48.77 -41.02 6.89
CA TRP A 21 49.90 -40.94 5.95
C TRP A 21 51.05 -40.10 6.49
N GLU A 22 50.75 -39.15 7.39
CA GLU A 22 51.81 -38.38 8.04
C GLU A 22 52.59 -39.35 8.96
N LEU A 23 51.87 -40.18 9.70
CA LEU A 23 52.46 -41.14 10.59
C LEU A 23 53.24 -42.22 9.85
N TYR A 24 52.70 -42.73 8.74
CA TYR A 24 53.40 -43.75 7.94
C TYR A 24 54.73 -43.22 7.44
N CYS A 25 54.75 -41.99 6.94
CA CYS A 25 55.97 -41.35 6.46
C CYS A 25 57.03 -41.28 7.59
N LEU A 26 56.60 -40.90 8.78
CA LEU A 26 57.51 -40.83 9.93
C LEU A 26 58.05 -42.20 10.30
N GLU A 27 57.19 -43.22 10.22
CA GLU A 27 57.56 -44.60 10.56
C GLU A 27 58.52 -45.20 9.54
N HIS A 28 58.37 -44.82 8.27
CA HIS A 28 59.22 -45.37 7.21
C HIS A 28 60.37 -44.48 6.78
N GLY A 29 60.51 -43.32 7.39
CA GLY A 29 61.58 -42.39 7.03
C GLY A 29 61.35 -41.70 5.69
N ILE A 30 60.09 -41.55 5.29
CA ILE A 30 59.75 -40.87 4.05
C ILE A 30 59.49 -39.40 4.36
N GLN A 31 60.14 -38.51 3.63
CA GLN A 31 59.95 -37.08 3.83
C GLN A 31 58.65 -36.62 3.14
N PRO A 32 58.13 -35.44 3.50
CA PRO A 32 56.90 -34.93 2.84
C PRO A 32 57.02 -34.80 1.31
N ASP A 33 58.24 -34.69 0.78
CA ASP A 33 58.42 -34.63 -0.67
C ASP A 33 58.44 -36.02 -1.35
N GLY A 34 58.35 -37.09 -0.56
CA GLY A 34 58.36 -38.45 -1.08
C GLY A 34 59.73 -39.10 -1.08
N GLN A 35 60.79 -38.33 -0.78
CA GLN A 35 62.13 -38.86 -0.76
C GLN A 35 62.41 -39.67 0.49
N MET A 36 63.25 -40.69 0.35
CA MET A 36 63.60 -41.55 1.47
C MET A 36 65.11 -41.86 1.38
N PRO A 37 65.89 -41.21 2.26
CA PRO A 37 67.36 -41.34 2.20
C PRO A 37 67.98 -42.74 2.39
N SER A 38 67.16 -43.79 2.60
CA SER A 38 67.57 -45.20 2.78
C SER A 38 68.96 -45.59 2.19
N GLY A 44 70.75 -52.99 5.97
CA GLY A 44 69.47 -53.10 6.66
C GLY A 44 68.29 -52.57 5.86
N GLY A 45 67.13 -52.51 6.52
CA GLY A 45 65.90 -52.03 5.91
C GLY A 45 64.82 -53.10 5.80
N ASP A 46 63.53 -52.68 5.73
CA ASP A 46 62.46 -53.67 5.67
C ASP A 46 61.94 -53.96 4.23
N ASP A 47 61.61 -52.94 3.39
CA ASP A 47 61.11 -53.16 2.02
C ASP A 47 59.59 -53.40 1.94
N SER A 48 58.99 -53.81 3.07
CA SER A 48 57.55 -54.07 3.18
C SER A 48 56.69 -52.81 3.03
N PHE A 49 57.29 -51.61 3.19
CA PHE A 49 56.56 -50.35 3.00
C PHE A 49 55.99 -50.20 1.59
N ASN A 50 56.49 -50.99 0.62
CA ASN A 50 55.99 -50.97 -0.75
C ASN A 50 54.53 -51.44 -0.85
N THR A 51 53.99 -52.07 0.21
CA THR A 51 52.59 -52.47 0.21
C THR A 51 51.68 -51.23 0.23
N PHE A 52 52.16 -50.12 0.82
CA PHE A 52 51.41 -48.88 0.92
C PHE A 52 51.98 -47.78 0.04
N PHE A 53 53.23 -47.92 -0.45
CA PHE A 53 53.86 -46.89 -1.27
C PHE A 53 54.41 -47.45 -2.57
N SER A 54 54.07 -46.81 -3.68
CA SER A 54 54.67 -47.15 -4.97
C SER A 54 55.92 -46.24 -5.14
N GLU A 55 56.73 -46.47 -6.16
CA GLU A 55 57.90 -45.63 -6.42
C GLU A 55 57.87 -45.06 -7.82
N THR A 56 58.31 -43.81 -7.98
CA THR A 56 58.34 -43.15 -9.30
C THR A 56 59.76 -43.20 -9.84
N GLY A 57 59.88 -42.87 -11.14
CA GLY A 57 61.14 -42.78 -11.85
C GLY A 57 62.10 -41.77 -11.23
N ALA A 58 61.60 -40.81 -10.47
CA ALA A 58 62.44 -39.83 -9.78
C ALA A 58 62.89 -40.30 -8.36
N GLY A 59 62.52 -41.52 -7.96
CA GLY A 59 62.85 -42.05 -6.64
C GLY A 59 61.94 -41.59 -5.52
N LYS A 60 60.76 -41.10 -5.87
CA LYS A 60 59.76 -40.58 -4.97
C LYS A 60 58.82 -41.72 -4.56
N HIS A 61 58.45 -41.78 -3.28
CA HIS A 61 57.56 -42.81 -2.76
C HIS A 61 56.18 -42.20 -2.64
N VAL A 62 55.21 -42.76 -3.35
CA VAL A 62 53.86 -42.18 -3.42
C VAL A 62 52.79 -43.13 -2.84
N PRO A 63 51.98 -42.64 -1.88
CA PRO A 63 50.92 -43.46 -1.31
C PRO A 63 49.99 -44.14 -2.32
N ARG A 64 49.64 -45.40 -2.06
CA ARG A 64 48.67 -46.12 -2.88
C ARG A 64 47.32 -45.70 -2.29
N ALA A 65 46.95 -44.44 -2.50
CA ALA A 65 45.75 -43.88 -1.90
C ALA A 65 44.97 -43.00 -2.85
N VAL A 66 43.65 -42.90 -2.60
CA VAL A 66 42.76 -42.00 -3.34
C VAL A 66 41.97 -41.19 -2.32
N PHE A 67 41.96 -39.87 -2.45
CA PHE A 67 41.19 -39.00 -1.58
C PHE A 67 40.03 -38.49 -2.37
N VAL A 68 38.82 -38.72 -1.90
CA VAL A 68 37.63 -38.32 -2.61
C VAL A 68 36.70 -37.52 -1.69
N ASP A 69 36.16 -36.45 -2.20
CA ASP A 69 35.16 -35.65 -1.49
C ASP A 69 34.24 -35.00 -2.52
N LEU A 70 32.97 -34.79 -2.20
CA LEU A 70 32.06 -34.13 -3.17
C LEU A 70 32.18 -32.60 -3.21
N GLU A 71 33.09 -32.05 -2.42
CA GLU A 71 33.33 -30.63 -2.24
C GLU A 71 34.86 -30.46 -2.10
N PRO A 72 35.44 -29.38 -2.61
CA PRO A 72 36.90 -29.29 -2.70
C PRO A 72 37.70 -28.73 -1.52
N THR A 73 37.09 -28.06 -0.57
CA THR A 73 37.75 -27.36 0.53
C THR A 73 38.77 -28.19 1.34
N VAL A 74 38.41 -29.40 1.76
CA VAL A 74 39.25 -30.21 2.61
C VAL A 74 40.41 -30.80 1.86
N VAL A 75 40.14 -31.36 0.69
CA VAL A 75 41.18 -31.92 -0.16
C VAL A 75 42.10 -30.80 -0.71
N ASP A 76 41.59 -29.58 -0.81
CA ASP A 76 42.40 -28.43 -1.24
C ASP A 76 43.52 -28.15 -0.26
N GLU A 77 43.31 -28.41 1.03
CA GLU A 77 44.35 -28.24 2.03
C GLU A 77 45.46 -29.28 1.81
N VAL A 78 45.12 -30.49 1.32
CA VAL A 78 46.08 -31.52 0.99
C VAL A 78 46.85 -31.11 -0.26
N ARG A 79 46.15 -30.53 -1.26
CA ARG A 79 46.74 -30.06 -2.52
C ARG A 79 47.73 -28.94 -2.36
N THR A 80 47.59 -28.14 -1.30
CA THR A 80 48.49 -27.00 -1.07
C THR A 80 49.29 -27.13 0.25
N GLY A 81 49.12 -28.22 0.99
CA GLY A 81 49.73 -28.37 2.30
C GLY A 81 51.16 -28.86 2.32
N THR A 82 51.59 -29.34 3.49
CA THR A 82 52.92 -29.88 3.75
C THR A 82 53.22 -31.11 2.88
N TYR A 83 52.20 -31.94 2.66
CA TYR A 83 52.35 -33.16 1.90
C TYR A 83 51.85 -33.07 0.45
N ARG A 84 51.80 -31.87 -0.15
CA ARG A 84 51.32 -31.72 -1.54
C ARG A 84 52.17 -32.39 -2.58
N GLN A 85 53.46 -32.58 -2.29
CA GLN A 85 54.34 -33.24 -3.20
C GLN A 85 54.23 -34.76 -3.07
N LEU A 86 53.74 -35.27 -1.92
CA LEU A 86 53.61 -36.70 -1.67
C LEU A 86 52.56 -37.32 -2.58
N PHE A 87 51.48 -36.60 -2.87
CA PHE A 87 50.41 -37.10 -3.72
C PHE A 87 50.44 -36.50 -5.12
N HIS A 88 50.04 -37.28 -6.10
CA HIS A 88 49.91 -36.77 -7.47
C HIS A 88 48.50 -36.22 -7.62
N PRO A 89 48.34 -35.11 -8.33
CA PRO A 89 47.01 -34.47 -8.39
C PRO A 89 45.85 -35.38 -8.73
N GLU A 90 46.12 -36.38 -9.54
CA GLU A 90 45.17 -37.36 -10.02
C GLU A 90 44.55 -38.19 -8.91
N GLN A 91 45.27 -38.39 -7.79
CA GLN A 91 44.69 -39.17 -6.71
C GLN A 91 43.85 -38.33 -5.72
N LEU A 92 43.78 -37.01 -5.91
CA LEU A 92 42.98 -36.14 -5.05
C LEU A 92 41.80 -35.66 -5.87
N ILE A 93 40.66 -36.30 -5.70
CA ILE A 93 39.47 -36.11 -6.51
C ILE A 93 38.36 -35.41 -5.77
N THR A 94 37.86 -34.30 -6.34
CA THR A 94 36.79 -33.57 -5.68
C THR A 94 35.72 -33.14 -6.66
N GLY A 95 34.51 -32.97 -6.17
CA GLY A 95 33.39 -32.41 -6.94
C GLY A 95 33.24 -30.94 -6.59
N LYS A 96 32.08 -30.34 -6.88
CA LYS A 96 31.85 -28.92 -6.56
C LYS A 96 30.93 -28.73 -5.37
N GLU A 97 29.93 -29.59 -5.24
CA GLU A 97 28.87 -29.45 -4.26
C GLU A 97 28.78 -30.69 -3.41
N ASP A 98 28.69 -30.53 -2.08
CA ASP A 98 28.68 -31.70 -1.22
C ASP A 98 27.27 -32.35 -1.11
N ALA A 99 27.15 -33.39 -0.33
CA ALA A 99 25.91 -34.11 -0.14
C ALA A 99 25.02 -33.51 0.94
N ALA A 100 25.39 -32.36 1.52
CA ALA A 100 24.59 -31.63 2.52
C ALA A 100 24.07 -32.54 3.64
N ASN A 101 24.96 -33.39 4.20
CA ASN A 101 24.63 -34.31 5.28
C ASN A 101 23.47 -35.24 4.95
N ASN A 102 23.30 -35.56 3.68
CA ASN A 102 22.16 -36.33 3.22
C ASN A 102 22.67 -37.53 2.46
N TYR A 103 22.42 -38.72 3.00
CA TYR A 103 22.85 -39.98 2.39
C TYR A 103 22.32 -40.08 0.95
N ALA A 104 21.02 -39.77 0.77
CA ALA A 104 20.37 -39.85 -0.55
C ALA A 104 21.05 -38.96 -1.57
N ARG A 105 21.52 -37.79 -1.14
CA ARG A 105 22.21 -36.85 -2.00
C ARG A 105 23.59 -37.38 -2.38
N GLY A 106 24.29 -38.01 -1.44
CA GLY A 106 25.61 -38.58 -1.72
C GLY A 106 25.61 -39.84 -2.56
N HIS A 107 24.64 -40.73 -2.34
CA HIS A 107 24.52 -42.01 -3.01
C HIS A 107 23.87 -41.91 -4.38
N TYR A 108 22.71 -41.19 -4.45
CA TYR A 108 21.88 -41.11 -5.65
C TYR A 108 22.01 -39.88 -6.55
N THR A 109 22.19 -38.68 -6.01
CA THR A 109 22.22 -37.45 -6.83
C THR A 109 23.61 -37.01 -7.25
N ILE A 110 24.52 -36.77 -6.28
CA ILE A 110 25.82 -36.18 -6.55
C ILE A 110 26.90 -37.21 -6.74
N GLY A 111 26.86 -38.25 -5.93
CA GLY A 111 27.82 -39.34 -6.03
C GLY A 111 27.86 -40.00 -7.38
N LYS A 112 26.69 -40.16 -7.99
CA LYS A 112 26.48 -40.75 -9.31
C LYS A 112 27.32 -40.04 -10.41
N GLU A 113 27.62 -38.74 -10.25
CA GLU A 113 28.38 -37.99 -11.25
C GLU A 113 29.90 -38.16 -11.16
N ILE A 114 30.41 -38.69 -10.04
CA ILE A 114 31.84 -38.80 -9.84
C ILE A 114 32.34 -40.24 -9.60
N VAL A 115 31.43 -41.24 -9.50
CA VAL A 115 31.85 -42.62 -9.23
C VAL A 115 32.79 -43.16 -10.26
N ASP A 116 32.46 -42.97 -11.54
CA ASP A 116 33.25 -43.52 -12.62
C ASP A 116 34.66 -42.98 -12.62
N LEU A 117 34.82 -41.70 -12.34
CA LEU A 117 36.13 -41.06 -12.24
C LEU A 117 36.94 -41.68 -11.09
N VAL A 118 36.31 -41.89 -9.92
CA VAL A 118 36.97 -42.49 -8.77
C VAL A 118 37.40 -43.93 -9.09
N LEU A 119 36.51 -44.72 -9.69
CA LEU A 119 36.81 -46.12 -10.05
C LEU A 119 37.93 -46.23 -11.08
N ASP A 120 38.04 -45.23 -11.97
CA ASP A 120 39.09 -45.18 -12.98
C ASP A 120 40.42 -44.97 -12.28
N ARG A 121 40.47 -44.06 -11.31
CA ARG A 121 41.70 -43.79 -10.58
C ARG A 121 42.10 -44.97 -9.70
N ILE A 122 41.12 -45.64 -9.12
CA ILE A 122 41.37 -46.85 -8.34
C ILE A 122 41.94 -47.94 -9.24
N ARG A 123 41.40 -48.07 -10.47
CA ARG A 123 41.87 -49.05 -11.44
C ARG A 123 43.32 -48.80 -11.83
N LYS A 124 43.68 -47.53 -11.98
CA LYS A 124 45.06 -47.15 -12.30
C LYS A 124 46.03 -47.52 -11.17
N LEU A 125 45.60 -47.41 -9.91
CA LEU A 125 46.42 -47.82 -8.78
C LEU A 125 46.52 -49.36 -8.75
N ALA A 126 45.40 -50.06 -8.99
CA ALA A 126 45.33 -51.52 -9.01
C ALA A 126 46.24 -52.11 -10.10
N ASP A 127 46.34 -51.42 -11.23
CA ASP A 127 47.19 -51.83 -12.34
C ASP A 127 48.66 -51.84 -11.92
N GLN A 128 49.06 -50.98 -10.98
CA GLN A 128 50.43 -50.93 -10.49
C GLN A 128 50.73 -51.97 -9.39
N CYS A 129 49.75 -52.83 -9.05
CA CYS A 129 49.89 -53.86 -8.03
C CYS A 129 50.13 -55.20 -8.66
N THR A 130 51.12 -55.94 -8.16
CA THR A 130 51.38 -57.30 -8.63
C THR A 130 50.65 -58.37 -7.76
N GLY A 131 50.18 -57.98 -6.57
CA GLY A 131 49.46 -58.87 -5.67
C GLY A 131 48.52 -58.09 -4.77
N LEU A 132 47.58 -57.34 -5.37
CA LEU A 132 46.63 -56.52 -4.65
C LEU A 132 45.85 -57.30 -3.59
N GLN A 133 45.88 -56.83 -2.37
CA GLN A 133 45.15 -57.49 -1.27
C GLN A 133 43.71 -57.03 -1.25
N GLY A 134 43.51 -55.75 -1.44
CA GLY A 134 42.20 -55.16 -1.42
C GLY A 134 42.28 -53.72 -0.99
N PHE A 135 41.24 -53.28 -0.26
CA PHE A 135 41.05 -51.90 0.06
C PHE A 135 40.84 -51.59 1.53
N LEU A 136 41.32 -50.41 1.96
CA LEU A 136 41.13 -49.88 3.31
C LEU A 136 40.35 -48.60 3.10
N ILE A 137 39.07 -48.57 3.50
CA ILE A 137 38.17 -47.44 3.26
C ILE A 137 37.88 -46.65 4.52
N PHE A 138 38.27 -45.38 4.53
CA PHE A 138 38.09 -44.44 5.64
C PHE A 138 36.94 -43.48 5.36
N HIS A 139 35.97 -43.44 6.27
CA HIS A 139 34.81 -42.59 6.08
C HIS A 139 34.02 -42.44 7.36
N SER A 140 33.10 -41.46 7.39
CA SER A 140 32.22 -41.28 8.55
C SER A 140 30.88 -41.94 8.26
N PHE A 141 30.18 -42.33 9.31
CA PHE A 141 28.82 -42.82 9.19
C PHE A 141 27.83 -41.64 8.99
N GLY A 142 28.14 -40.48 9.56
CA GLY A 142 27.22 -39.35 9.61
C GLY A 142 27.13 -38.39 8.46
N GLY A 143 28.23 -38.18 7.73
CA GLY A 143 28.22 -37.26 6.60
C GLY A 143 27.46 -37.80 5.42
N GLY A 144 27.01 -36.91 4.54
CA GLY A 144 26.32 -37.33 3.33
C GLY A 144 27.25 -38.04 2.36
N THR A 145 28.52 -37.59 2.26
CA THR A 145 29.52 -38.20 1.39
C THR A 145 30.07 -39.47 2.03
N GLY A 146 30.50 -39.39 3.29
CA GLY A 146 31.01 -40.55 4.01
C GLY A 146 30.03 -41.69 4.06
N SER A 147 28.72 -41.37 4.14
CA SER A 147 27.70 -42.43 4.16
C SER A 147 27.22 -42.82 2.75
N GLY A 148 26.78 -41.84 1.97
CA GLY A 148 26.18 -42.07 0.67
C GLY A 148 27.13 -42.48 -0.43
N PHE A 149 28.23 -41.75 -0.56
CA PHE A 149 29.20 -42.04 -1.59
C PHE A 149 29.95 -43.34 -1.28
N THR A 150 30.32 -43.56 -0.01
CA THR A 150 31.02 -44.77 0.38
C THR A 150 30.23 -46.04 0.06
N SER A 151 28.93 -46.07 0.37
CA SER A 151 28.13 -47.28 0.08
C SER A 151 28.01 -47.54 -1.42
N LEU A 152 27.88 -46.47 -2.22
CA LEU A 152 27.84 -46.58 -3.68
C LEU A 152 29.19 -47.12 -4.22
N LEU A 153 30.29 -46.61 -3.66
CA LEU A 153 31.64 -47.04 -4.03
C LEU A 153 31.85 -48.51 -3.69
N MET A 154 31.42 -48.93 -2.49
CA MET A 154 31.57 -50.32 -2.02
C MET A 154 30.88 -51.29 -2.97
N GLU A 155 29.68 -50.93 -3.43
CA GLU A 155 28.90 -51.76 -4.35
C GLU A 155 29.65 -51.97 -5.66
N ARG A 156 30.22 -50.91 -6.24
CA ARG A 156 30.94 -51.04 -7.50
C ARG A 156 32.26 -51.79 -7.32
N LEU A 157 32.92 -51.60 -6.17
CA LEU A 157 34.15 -52.31 -5.88
C LEU A 157 33.91 -53.81 -5.79
N SER A 158 32.75 -54.23 -5.28
CA SER A 158 32.41 -55.65 -5.25
C SER A 158 32.17 -56.19 -6.67
N VAL A 159 31.69 -55.34 -7.59
CA VAL A 159 31.48 -55.74 -8.97
C VAL A 159 32.84 -55.88 -9.68
N ASP A 160 33.70 -54.86 -9.56
CA ASP A 160 34.97 -54.83 -10.27
C ASP A 160 36.07 -55.67 -9.63
N TYR A 161 35.98 -55.93 -8.33
CA TYR A 161 37.03 -56.69 -7.62
C TYR A 161 36.44 -57.84 -6.78
N GLY A 162 35.55 -58.63 -7.39
CA GLY A 162 34.79 -59.72 -6.77
C GLY A 162 35.29 -60.39 -5.52
N LYS A 163 36.49 -60.97 -5.61
CA LYS A 163 37.07 -61.68 -4.49
C LYS A 163 37.48 -60.64 -3.42
N LYS A 164 38.50 -59.82 -3.75
CA LYS A 164 39.24 -58.83 -3.01
C LYS A 164 38.64 -58.31 -1.71
N SER A 165 39.46 -58.30 -0.65
CA SER A 165 39.09 -57.84 0.68
C SER A 165 38.80 -56.33 0.72
N LYS A 166 37.82 -55.94 1.53
CA LYS A 166 37.50 -54.54 1.76
C LYS A 166 37.35 -54.35 3.26
N LEU A 167 38.24 -53.55 3.83
CA LEU A 167 38.23 -53.24 5.25
C LEU A 167 37.86 -51.77 5.43
N GLU A 168 37.03 -51.47 6.43
CA GLU A 168 36.61 -50.12 6.73
C GLU A 168 37.17 -49.61 8.04
N PHE A 169 37.34 -48.31 8.12
CA PHE A 169 37.65 -47.58 9.33
C PHE A 169 36.54 -46.52 9.32
N ALA A 170 35.51 -46.75 10.11
CA ALA A 170 34.32 -45.93 10.10
C ALA A 170 34.13 -45.13 11.35
N ILE A 171 33.78 -43.85 11.17
CA ILE A 171 33.55 -42.97 12.29
C ILE A 171 32.10 -42.99 12.73
N TYR A 172 31.86 -43.53 13.92
CA TYR A 172 30.57 -43.63 14.54
C TYR A 172 30.25 -42.26 15.15
N PRO A 173 29.02 -41.75 14.92
CA PRO A 173 28.70 -40.38 15.37
C PRO A 173 28.61 -40.12 16.87
N ALA A 174 29.00 -38.91 17.30
CA ALA A 174 28.94 -38.47 18.68
C ALA A 174 28.43 -37.04 18.76
N PRO A 175 27.44 -36.79 19.63
CA PRO A 175 26.90 -35.43 19.78
C PRO A 175 27.88 -34.30 20.09
N GLN A 176 28.97 -34.60 20.80
CA GLN A 176 29.94 -33.56 21.17
C GLN A 176 30.63 -32.92 19.98
N VAL A 177 30.73 -33.64 18.86
CA VAL A 177 31.40 -33.11 17.68
C VAL A 177 30.60 -33.23 16.37
N SER A 178 29.39 -33.85 16.43
CA SER A 178 28.56 -34.06 15.25
C SER A 178 28.08 -32.75 14.63
N THR A 179 27.82 -32.80 13.34
CA THR A 179 27.39 -31.62 12.59
C THR A 179 25.98 -31.74 12.00
N ALA A 180 25.27 -32.86 12.21
CA ALA A 180 23.94 -33.02 11.66
C ALA A 180 23.01 -33.85 12.52
N VAL A 181 21.75 -33.41 12.62
CA VAL A 181 20.69 -34.09 13.35
C VAL A 181 20.36 -35.45 12.69
N VAL A 182 20.50 -35.55 11.36
CA VAL A 182 20.15 -36.75 10.64
C VAL A 182 21.26 -37.81 10.57
N GLU A 183 22.36 -37.65 11.33
CA GLU A 183 23.43 -38.67 11.33
C GLU A 183 22.94 -40.07 11.63
N PRO A 184 21.96 -40.30 12.55
CA PRO A 184 21.45 -41.66 12.75
C PRO A 184 20.84 -42.22 11.46
N TYR A 185 20.15 -41.40 10.64
CA TYR A 185 19.59 -41.89 9.39
C TYR A 185 20.72 -42.36 8.45
N ASN A 186 21.72 -41.52 8.24
CA ASN A 186 22.84 -41.78 7.38
C ASN A 186 23.61 -43.03 7.81
N SER A 187 23.81 -43.19 9.11
CA SER A 187 24.52 -44.33 9.69
C SER A 187 23.81 -45.64 9.38
N ILE A 188 22.47 -45.68 9.57
CA ILE A 188 21.71 -46.91 9.32
C ILE A 188 21.63 -47.19 7.84
N LEU A 189 21.38 -46.15 7.05
CA LEU A 189 21.28 -46.31 5.60
C LEU A 189 22.58 -46.85 5.00
N THR A 190 23.73 -46.30 5.41
CA THR A 190 25.01 -46.73 4.86
C THR A 190 25.41 -48.12 5.35
N THR A 191 25.08 -48.45 6.59
CA THR A 191 25.38 -49.76 7.16
C THR A 191 24.60 -50.82 6.40
N HIS A 192 23.33 -50.57 6.12
CA HIS A 192 22.50 -51.51 5.39
C HIS A 192 23.06 -51.82 4.00
N THR A 193 23.39 -50.78 3.23
CA THR A 193 23.88 -50.95 1.87
C THR A 193 25.28 -51.52 1.82
N THR A 194 26.13 -51.19 2.82
CA THR A 194 27.53 -51.62 2.87
C THR A 194 27.77 -53.00 3.48
N LEU A 195 26.88 -53.43 4.36
CA LEU A 195 27.00 -54.66 5.12
C LEU A 195 27.48 -55.87 4.34
N GLU A 196 26.85 -56.20 3.22
CA GLU A 196 27.25 -57.37 2.45
C GLU A 196 28.51 -57.14 1.59
N HIS A 197 28.98 -55.91 1.48
CA HIS A 197 30.16 -55.58 0.68
C HIS A 197 31.45 -55.40 1.49
N SER A 198 31.34 -55.31 2.81
CA SER A 198 32.50 -55.11 3.65
C SER A 198 32.87 -56.42 4.34
N ASP A 199 34.15 -56.73 4.41
CA ASP A 199 34.59 -57.95 5.06
C ASP A 199 34.88 -57.78 6.55
N CYS A 200 35.26 -56.56 6.95
CA CYS A 200 35.63 -56.23 8.32
C CYS A 200 35.62 -54.72 8.49
N ALA A 201 34.95 -54.20 9.52
CA ALA A 201 34.86 -52.77 9.74
C ALA A 201 35.24 -52.38 11.17
N PHE A 202 36.23 -51.51 11.31
CA PHE A 202 36.70 -51.03 12.60
C PHE A 202 36.05 -49.72 12.89
N MET A 203 35.01 -49.72 13.74
CA MET A 203 34.28 -48.52 14.11
C MET A 203 35.05 -47.75 15.17
N VAL A 204 35.07 -46.44 15.02
CA VAL A 204 35.68 -45.54 15.98
C VAL A 204 34.58 -44.57 16.42
N ASP A 205 34.23 -44.60 17.68
CA ASP A 205 33.19 -43.74 18.22
C ASP A 205 33.81 -42.43 18.63
N ASN A 206 33.42 -41.33 18.00
CA ASN A 206 34.00 -40.02 18.29
C ASN A 206 33.94 -39.65 19.76
N GLU A 207 32.91 -40.12 20.47
CA GLU A 207 32.77 -39.84 21.89
C GLU A 207 33.87 -40.55 22.72
N ALA A 208 34.15 -41.83 22.42
CA ALA A 208 35.21 -42.58 23.10
C ALA A 208 36.59 -41.90 22.92
N ILE A 209 36.92 -41.48 21.67
CA ILE A 209 38.18 -40.79 21.38
C ILE A 209 38.25 -39.44 22.06
N TYR A 210 37.13 -38.72 22.02
CA TYR A 210 37.00 -37.41 22.64
C TYR A 210 37.29 -37.51 24.15
N ASP A 211 36.69 -38.51 24.83
CA ASP A 211 36.89 -38.72 26.27
C ASP A 211 38.31 -39.16 26.60
N ILE A 212 38.92 -40.01 25.73
CA ILE A 212 40.32 -40.41 25.94
C ILE A 212 41.24 -39.18 25.85
N CYS A 213 40.97 -38.27 24.90
CA CYS A 213 41.75 -37.03 24.77
C CYS A 213 41.60 -36.14 26.01
N ARG A 214 40.38 -36.04 26.56
CA ARG A 214 40.15 -35.23 27.74
C ARG A 214 40.78 -35.86 29.00
N ARG A 215 40.61 -37.16 29.18
CA ARG A 215 41.09 -37.87 30.35
C ARG A 215 42.58 -38.13 30.34
N ASN A 216 43.08 -38.81 29.31
CA ASN A 216 44.46 -39.22 29.22
C ASN A 216 45.42 -38.17 28.68
N LEU A 217 44.95 -37.25 27.83
CA LEU A 217 45.83 -36.22 27.27
C LEU A 217 45.64 -34.82 27.85
N ASP A 218 44.67 -34.65 28.76
CA ASP A 218 44.36 -33.38 29.41
C ASP A 218 43.99 -32.29 28.42
N ILE A 219 43.31 -32.64 27.34
CA ILE A 219 42.85 -31.66 26.36
C ILE A 219 41.43 -31.22 26.72
N GLU A 220 41.25 -29.96 27.14
CA GLU A 220 39.94 -29.44 27.56
C GLU A 220 38.83 -29.63 26.54
N ARG A 221 39.08 -29.24 25.29
CA ARG A 221 38.09 -29.35 24.24
C ARG A 221 38.78 -29.88 22.96
N PRO A 222 38.87 -31.21 22.85
CA PRO A 222 39.55 -31.80 21.68
C PRO A 222 39.00 -31.35 20.33
N THR A 223 39.91 -31.12 19.39
CA THR A 223 39.58 -30.77 18.02
C THR A 223 39.76 -32.03 17.15
N TYR A 224 39.35 -31.96 15.87
CA TYR A 224 39.55 -33.04 14.94
C TYR A 224 41.03 -33.40 14.81
N THR A 225 41.94 -32.43 14.95
CA THR A 225 43.37 -32.68 14.91
C THR A 225 43.77 -33.60 16.07
N ASN A 226 43.26 -33.33 17.28
CA ASN A 226 43.55 -34.15 18.44
C ASN A 226 42.98 -35.55 18.24
N LEU A 227 41.72 -35.64 17.78
CA LEU A 227 41.08 -36.94 17.59
C LEU A 227 41.80 -37.75 16.51
N ASN A 228 42.14 -37.11 15.38
CA ASN A 228 42.75 -37.78 14.24
C ASN A 228 44.14 -38.30 14.51
N ARG A 229 44.95 -37.57 15.32
CA ARG A 229 46.30 -38.03 15.65
C ARG A 229 46.21 -39.33 16.47
N LEU A 230 45.21 -39.41 17.37
CA LEU A 230 45.00 -40.61 18.16
C LEU A 230 44.50 -41.74 17.28
N ILE A 231 43.55 -41.46 16.40
CA ILE A 231 43.04 -42.46 15.45
C ILE A 231 44.16 -43.02 14.58
N GLY A 232 45.04 -42.16 14.11
CA GLY A 232 46.17 -42.57 13.31
C GLY A 232 47.08 -43.57 14.02
N GLN A 233 47.26 -43.41 15.35
CA GLN A 233 48.07 -44.36 16.13
C GLN A 233 47.43 -45.74 16.10
N ILE A 234 46.11 -45.78 16.22
CA ILE A 234 45.40 -47.03 16.22
C ILE A 234 45.45 -47.67 14.84
N VAL A 235 45.23 -46.88 13.79
CA VAL A 235 45.29 -47.36 12.40
C VAL A 235 46.68 -47.89 12.08
N SER A 236 47.70 -47.17 12.50
CA SER A 236 49.09 -47.57 12.30
C SER A 236 49.36 -48.91 12.97
N SER A 237 48.86 -49.11 14.20
CA SER A 237 49.03 -50.36 14.94
C SER A 237 48.41 -51.54 14.19
N ILE A 238 47.24 -51.33 13.59
CA ILE A 238 46.55 -52.34 12.83
C ILE A 238 47.26 -52.65 11.52
N THR A 239 47.80 -51.62 10.83
CA THR A 239 48.45 -51.80 9.53
C THR A 239 49.94 -52.09 9.60
N ALA A 240 50.55 -51.98 10.78
CA ALA A 240 51.98 -52.22 10.96
C ALA A 240 52.47 -53.54 10.41
N SER A 241 51.69 -54.61 10.61
CA SER A 241 52.08 -55.91 10.09
C SER A 241 51.96 -56.08 8.57
N LEU A 242 51.31 -55.14 7.88
CA LEU A 242 51.25 -55.16 6.43
C LEU A 242 52.43 -54.31 5.87
N ARG A 243 52.91 -53.28 6.63
CA ARG A 243 53.97 -52.37 6.18
C ARG A 243 55.37 -52.70 6.65
N PHE A 244 55.48 -53.63 7.58
CA PHE A 244 56.73 -54.16 8.08
C PHE A 244 56.57 -55.69 8.00
N ASP A 245 57.67 -56.44 8.02
CA ASP A 245 57.59 -57.91 7.92
C ASP A 245 57.16 -58.51 9.27
N GLY A 246 55.89 -58.40 9.58
CA GLY A 246 55.32 -58.90 10.83
C GLY A 246 54.96 -60.37 10.75
N ALA A 247 54.32 -60.89 11.80
CA ALA A 247 53.97 -62.31 11.85
C ALA A 247 52.46 -62.59 11.95
N LEU A 248 51.70 -61.63 12.47
CA LEU A 248 50.26 -61.77 12.62
C LEU A 248 49.58 -60.74 11.73
N ASN A 249 48.44 -61.06 11.11
CA ASN A 249 47.69 -60.18 10.19
C ASN A 249 48.64 -59.68 9.09
N VAL A 250 49.32 -60.61 8.45
CA VAL A 250 50.32 -60.41 7.42
C VAL A 250 49.72 -60.15 6.01
N ASP A 251 48.40 -60.35 5.87
CA ASP A 251 47.61 -60.09 4.68
C ASP A 251 46.18 -59.73 5.11
N LEU A 252 45.43 -59.06 4.21
CA LEU A 252 44.08 -58.62 4.52
C LEU A 252 43.11 -59.74 4.87
N THR A 253 43.19 -60.87 4.15
CA THR A 253 42.34 -62.04 4.38
C THR A 253 42.48 -62.55 5.81
N GLU A 254 43.66 -62.38 6.42
CA GLU A 254 43.90 -62.84 7.78
C GLU A 254 43.07 -62.08 8.81
N PHE A 255 42.68 -60.83 8.52
CA PHE A 255 41.83 -60.07 9.41
C PHE A 255 40.46 -60.74 9.51
N GLN A 256 39.92 -61.19 8.37
CA GLN A 256 38.64 -61.90 8.33
C GLN A 256 38.80 -63.29 8.95
N THR A 257 39.91 -64.00 8.62
CA THR A 257 40.16 -65.34 9.16
C THR A 257 40.22 -65.32 10.69
N ASN A 258 40.98 -64.37 11.26
CA ASN A 258 41.17 -64.32 12.69
C ASN A 258 40.09 -63.63 13.48
N LEU A 259 39.36 -62.70 12.87
CA LEU A 259 38.39 -61.92 13.61
C LEU A 259 36.96 -62.17 13.25
N VAL A 260 36.67 -62.62 12.03
CA VAL A 260 35.27 -62.71 11.58
C VAL A 260 34.76 -64.16 11.32
N PRO A 261 34.12 -64.77 12.34
CA PRO A 261 33.51 -66.11 12.17
C PRO A 261 32.25 -66.16 11.32
N TYR A 262 31.52 -65.03 11.20
CA TYR A 262 30.32 -64.95 10.37
C TYR A 262 30.35 -63.66 9.60
N PRO A 263 29.92 -63.70 8.32
CA PRO A 263 30.00 -62.51 7.48
C PRO A 263 29.38 -61.25 8.04
N ARG A 264 28.19 -61.32 8.64
CA ARG A 264 27.54 -60.10 9.11
C ARG A 264 28.14 -59.54 10.37
N ILE A 265 28.62 -60.38 11.24
CA ILE A 265 29.17 -59.92 12.52
C ILE A 265 30.65 -59.59 12.30
N HIS A 266 30.91 -58.51 11.58
CA HIS A 266 32.28 -58.16 11.18
C HIS A 266 32.76 -56.82 11.76
N PHE A 267 32.31 -56.49 12.95
CA PHE A 267 32.67 -55.22 13.59
C PHE A 267 33.48 -55.44 14.86
N PRO A 268 34.82 -55.57 14.75
CA PRO A 268 35.62 -55.79 15.96
C PRO A 268 35.75 -54.50 16.77
N LEU A 269 35.93 -54.70 18.07
CA LEU A 269 36.11 -53.63 19.02
C LEU A 269 37.62 -53.42 19.14
N VAL A 270 38.06 -52.15 19.00
CA VAL A 270 39.48 -51.83 19.11
C VAL A 270 39.76 -51.24 20.47
N THR A 271 40.81 -51.72 21.16
CA THR A 271 41.25 -51.16 22.44
C THR A 271 42.71 -50.84 22.32
N TYR A 272 43.14 -49.66 22.77
CA TYR A 272 44.55 -49.25 22.62
C TYR A 272 45.17 -48.74 23.92
N ALA A 273 46.44 -49.07 24.17
CA ALA A 273 47.15 -48.58 25.35
C ALA A 273 48.66 -48.64 25.15
N PRO A 274 49.42 -47.73 25.75
CA PRO A 274 48.98 -46.62 26.59
C PRO A 274 48.79 -45.31 25.83
N VAL A 275 47.91 -44.46 26.31
CA VAL A 275 47.72 -43.12 25.75
C VAL A 275 48.20 -42.18 26.85
N ILE A 276 49.39 -41.61 26.67
CA ILE A 276 50.00 -40.76 27.68
C ILE A 276 50.30 -39.37 27.16
N SER A 277 50.07 -38.34 27.98
CA SER A 277 50.32 -36.96 27.59
C SER A 277 51.81 -36.67 27.38
N ALA A 278 52.13 -35.93 26.32
CA ALA A 278 53.50 -35.51 26.03
C ALA A 278 54.01 -34.54 27.09
N GLU A 279 53.11 -33.74 27.66
CA GLU A 279 53.46 -32.79 28.71
C GLU A 279 53.45 -33.41 30.11
N LYS A 280 53.41 -34.76 30.22
CA LYS A 280 53.43 -35.42 31.50
C LYS A 280 54.84 -35.30 32.05
N ALA A 281 54.96 -34.85 33.32
CA ALA A 281 56.23 -34.70 34.02
C ALA A 281 56.90 -36.08 34.12
N TYR A 282 57.84 -36.36 33.19
CA TYR A 282 58.60 -37.60 33.00
C TYR A 282 58.08 -38.82 33.79
N HIS A 283 57.31 -39.68 33.11
CA HIS A 283 56.71 -40.86 33.71
C HIS A 283 57.58 -42.10 33.49
N GLU A 284 57.58 -43.03 34.46
CA GLU A 284 58.30 -44.28 34.31
C GLU A 284 57.49 -45.14 33.34
N GLN A 285 58.17 -45.73 32.39
CA GLN A 285 57.55 -46.53 31.36
C GLN A 285 56.66 -47.70 31.86
N LEU A 286 55.44 -47.81 31.28
CA LEU A 286 54.48 -48.88 31.58
C LEU A 286 54.98 -50.25 31.07
N SER A 287 54.79 -51.27 31.91
CA SER A 287 55.20 -52.64 31.63
C SER A 287 54.22 -53.35 30.70
N VAL A 288 54.59 -54.54 30.25
CA VAL A 288 53.72 -55.37 29.43
C VAL A 288 52.45 -55.73 30.22
N ALA A 289 52.60 -56.04 31.51
CA ALA A 289 51.45 -56.34 32.37
C ALA A 289 50.49 -55.16 32.45
N GLU A 290 51.01 -53.94 32.64
CA GLU A 290 50.19 -52.74 32.75
C GLU A 290 49.44 -52.41 31.46
N ILE A 291 50.13 -52.47 30.30
CA ILE A 291 49.48 -52.17 29.04
C ILE A 291 48.48 -53.27 28.63
N THR A 292 48.75 -54.51 29.01
CA THR A 292 47.88 -55.65 28.74
C THR A 292 46.63 -55.57 29.61
N ASN A 293 46.79 -55.20 30.90
CA ASN A 293 45.64 -55.02 31.80
C ASN A 293 44.71 -53.95 31.24
N ALA A 294 45.30 -52.87 30.67
CA ALA A 294 44.57 -51.76 30.10
C ALA A 294 43.69 -52.16 28.91
N CYS A 295 44.01 -53.29 28.23
CA CYS A 295 43.22 -53.82 27.10
C CYS A 295 41.81 -54.25 27.56
N PHE A 296 41.67 -54.60 28.82
CA PHE A 296 40.41 -55.08 29.34
C PHE A 296 39.65 -54.02 30.17
N GLU A 297 40.03 -52.74 29.97
CA GLU A 297 39.38 -51.63 30.62
C GLU A 297 38.57 -50.88 29.58
N PRO A 298 37.24 -50.77 29.81
CA PRO A 298 36.37 -50.07 28.85
C PRO A 298 36.76 -48.62 28.55
N ALA A 299 37.46 -47.95 29.48
CA ALA A 299 37.89 -46.56 29.28
C ALA A 299 38.89 -46.38 28.14
N ASN A 300 39.53 -47.47 27.69
CA ASN A 300 40.49 -47.42 26.59
C ASN A 300 39.94 -47.90 25.26
N GLN A 301 38.64 -48.23 25.21
CA GLN A 301 38.01 -48.71 23.98
C GLN A 301 37.76 -47.61 22.97
N MET A 302 37.73 -47.96 21.68
CA MET A 302 37.40 -47.05 20.59
C MET A 302 35.90 -46.88 20.45
N VAL A 303 35.06 -47.77 21.00
CA VAL A 303 33.61 -47.67 20.94
C VAL A 303 33.07 -47.87 22.37
N LYS A 304 32.15 -47.01 22.78
CA LYS A 304 31.56 -47.12 24.11
C LYS A 304 30.59 -48.28 24.16
N CYS A 305 30.93 -49.29 24.95
CA CYS A 305 30.16 -50.49 25.19
C CYS A 305 30.79 -51.28 26.35
N ASP A 306 30.03 -52.22 26.90
CA ASP A 306 30.46 -53.02 28.04
C ASP A 306 30.62 -54.47 27.65
N PRO A 307 31.88 -54.91 27.44
CA PRO A 307 32.12 -56.33 27.10
C PRO A 307 31.64 -57.33 28.14
N ARG A 308 31.36 -56.90 29.40
CA ARG A 308 30.77 -57.78 30.44
C ARG A 308 29.39 -58.28 30.00
N HIS A 309 28.67 -57.44 29.23
CA HIS A 309 27.34 -57.73 28.72
C HIS A 309 27.39 -58.45 27.36
N GLY A 310 28.45 -59.20 27.13
CA GLY A 310 28.62 -59.91 25.87
C GLY A 310 29.64 -61.02 25.94
N LYS A 311 29.88 -61.64 24.80
CA LYS A 311 30.81 -62.73 24.70
C LYS A 311 31.81 -62.51 23.58
N TYR A 312 33.04 -62.96 23.79
CA TYR A 312 34.10 -62.84 22.81
C TYR A 312 34.01 -63.97 21.80
N MET A 313 34.34 -63.66 20.57
CA MET A 313 34.39 -64.65 19.50
C MET A 313 35.81 -64.79 18.95
N ALA A 314 36.68 -63.78 19.17
CA ALA A 314 38.07 -63.76 18.74
C ALA A 314 38.79 -62.58 19.39
N CYS A 315 40.09 -62.71 19.66
CA CYS A 315 40.88 -61.64 20.26
C CYS A 315 42.30 -61.66 19.74
N CYS A 316 42.70 -60.55 19.16
CA CYS A 316 44.02 -60.37 18.61
C CYS A 316 44.72 -59.34 19.44
N MET A 317 45.91 -59.65 19.99
CA MET A 317 46.70 -58.67 20.74
C MET A 317 47.87 -58.31 19.86
N LEU A 318 47.95 -57.04 19.45
CA LEU A 318 49.05 -56.58 18.61
C LEU A 318 49.97 -55.69 19.43
N TYR A 319 51.11 -56.21 19.88
CA TYR A 319 52.10 -55.49 20.66
C TYR A 319 53.13 -54.84 19.76
N ARG A 320 53.71 -53.71 20.17
CA ARG A 320 54.71 -52.98 19.39
C ARG A 320 55.77 -52.45 20.31
N GLY A 321 57.04 -52.62 19.93
CA GLY A 321 58.13 -52.10 20.74
C GLY A 321 58.87 -53.13 21.56
N ASP A 322 59.36 -52.72 22.73
CA ASP A 322 60.15 -53.56 23.63
C ASP A 322 59.27 -54.59 24.36
N VAL A 323 58.90 -55.69 23.69
CA VAL A 323 58.01 -56.70 24.25
C VAL A 323 58.55 -58.09 23.97
N VAL A 324 58.52 -58.98 24.99
CA VAL A 324 59.01 -60.35 24.85
C VAL A 324 57.85 -61.34 25.13
N PRO A 325 57.75 -62.47 24.41
CA PRO A 325 56.62 -63.40 24.64
C PRO A 325 56.37 -63.82 26.06
N LYS A 326 57.44 -64.02 26.82
CA LYS A 326 57.39 -64.43 28.22
C LYS A 326 56.58 -63.44 29.04
N ASP A 327 56.76 -62.12 28.80
CA ASP A 327 56.03 -61.11 29.52
C ASP A 327 54.57 -61.05 29.09
N VAL A 328 54.27 -61.34 27.82
CA VAL A 328 52.90 -61.36 27.31
C VAL A 328 52.13 -62.52 27.96
N ASN A 329 52.74 -63.69 27.98
CA ASN A 329 52.11 -64.88 28.53
C ASN A 329 51.87 -64.76 30.02
N ALA A 330 52.82 -64.14 30.74
CA ALA A 330 52.67 -63.92 32.17
C ALA A 330 51.53 -62.94 32.42
N ALA A 331 51.42 -61.89 31.60
CA ALA A 331 50.35 -60.91 31.74
C ALA A 331 48.97 -61.54 31.48
N ILE A 332 48.84 -62.34 30.41
CA ILE A 332 47.58 -63.02 30.08
C ILE A 332 47.18 -64.02 31.15
N ALA A 333 48.17 -64.71 31.73
CA ALA A 333 47.91 -65.69 32.78
C ALA A 333 47.29 -65.04 34.01
N THR A 334 47.79 -63.86 34.43
CA THR A 334 47.22 -63.19 35.60
C THR A 334 45.83 -62.65 35.32
N ILE A 335 45.60 -62.12 34.12
CA ILE A 335 44.30 -61.57 33.77
C ILE A 335 43.21 -62.65 33.81
N LYS A 336 43.52 -63.82 33.27
CA LYS A 336 42.56 -64.92 33.27
C LYS A 336 42.18 -65.40 34.69
N THR A 337 43.14 -65.33 35.62
CA THR A 337 43.01 -65.72 37.02
C THR A 337 42.05 -64.77 37.75
N LYS A 338 42.07 -63.48 37.40
CA LYS A 338 41.26 -62.46 38.07
C LYS A 338 39.95 -62.11 37.38
N ARG A 339 39.90 -62.30 36.06
CA ARG A 339 38.74 -61.89 35.29
C ARG A 339 38.07 -63.02 34.53
N THR A 340 36.80 -62.83 34.21
CA THR A 340 36.01 -63.71 33.38
C THR A 340 36.10 -63.12 31.97
N ILE A 341 36.82 -63.78 31.08
CA ILE A 341 36.96 -63.31 29.68
C ILE A 341 36.05 -64.28 28.93
N GLN A 342 34.72 -64.07 29.02
CA GLN A 342 33.78 -65.06 28.48
C GLN A 342 33.73 -65.15 26.96
N PHE A 343 34.06 -66.31 26.42
CA PHE A 343 33.97 -66.59 25.00
C PHE A 343 32.71 -67.38 24.70
N VAL A 344 32.21 -67.30 23.46
CA VAL A 344 31.05 -68.10 23.04
C VAL A 344 31.43 -69.59 23.09
N ASP A 345 30.43 -70.47 23.27
CA ASP A 345 30.63 -71.93 23.41
C ASP A 345 31.40 -72.61 22.30
N TRP A 346 31.20 -72.13 21.08
CA TRP A 346 31.77 -72.72 19.87
C TRP A 346 33.17 -72.21 19.51
N CYS A 347 33.66 -71.13 20.17
CA CYS A 347 35.02 -70.63 19.93
C CYS A 347 35.91 -70.99 21.11
N PRO A 348 37.20 -71.26 20.86
CA PRO A 348 38.13 -71.51 21.98
C PRO A 348 38.40 -70.22 22.76
N THR A 349 38.56 -70.33 24.08
CA THR A 349 38.89 -69.18 24.90
C THR A 349 40.39 -68.99 24.79
N GLY A 350 40.81 -67.96 24.07
CA GLY A 350 42.22 -67.71 23.85
C GLY A 350 42.52 -66.49 23.04
N PHE A 351 43.80 -66.23 22.81
CA PHE A 351 44.25 -65.06 22.11
C PHE A 351 45.30 -65.37 21.08
N LYS A 352 45.25 -64.66 19.96
CA LYS A 352 46.29 -64.72 18.96
C LYS A 352 47.14 -63.49 19.28
N VAL A 353 48.42 -63.68 19.50
CA VAL A 353 49.32 -62.61 19.88
C VAL A 353 50.32 -62.36 18.78
N GLY A 354 50.57 -61.09 18.50
CA GLY A 354 51.57 -60.67 17.54
C GLY A 354 52.43 -59.59 18.16
N ILE A 355 53.72 -59.63 17.89
CA ILE A 355 54.63 -58.58 18.35
C ILE A 355 55.31 -58.01 17.12
N ASN A 356 55.22 -56.69 16.93
CA ASN A 356 55.90 -56.03 15.84
C ASN A 356 57.02 -55.23 16.50
N TYR A 357 58.25 -55.56 16.17
CA TYR A 357 59.42 -54.99 16.82
C TYR A 357 59.56 -53.49 16.64
N GLN A 358 59.03 -52.95 15.53
CA GLN A 358 59.08 -51.53 15.25
C GLN A 358 58.44 -50.71 16.34
N PRO A 359 59.13 -49.64 16.78
CA PRO A 359 58.63 -48.86 17.91
C PRO A 359 57.37 -48.09 17.61
N PRO A 360 56.60 -47.76 18.66
CA PRO A 360 55.45 -46.87 18.46
C PRO A 360 56.00 -45.47 18.08
N THR A 361 55.54 -44.89 16.95
CA THR A 361 56.05 -43.59 16.54
C THR A 361 55.01 -42.52 16.84
N VAL A 362 55.45 -41.37 17.34
CA VAL A 362 54.54 -40.24 17.57
C VAL A 362 54.94 -39.02 16.74
N VAL A 363 53.95 -38.24 16.36
CA VAL A 363 54.19 -37.02 15.60
C VAL A 363 54.89 -35.98 16.46
N PRO A 364 56.03 -35.44 15.99
CA PRO A 364 56.74 -34.42 16.78
C PRO A 364 55.87 -33.21 17.03
N GLY A 365 55.85 -32.76 18.28
CA GLY A 365 55.03 -31.63 18.69
C GLY A 365 53.56 -31.96 18.94
N GLY A 366 53.20 -33.24 18.82
CA GLY A 366 51.82 -33.67 19.03
C GLY A 366 51.47 -33.80 20.50
N ASP A 367 50.32 -34.42 20.79
CA ASP A 367 49.85 -34.56 22.18
C ASP A 367 50.31 -35.84 22.85
N LEU A 368 50.64 -36.87 22.06
CA LEU A 368 51.03 -38.17 22.60
C LEU A 368 52.50 -38.24 22.95
N ALA A 369 52.81 -38.87 24.08
CA ALA A 369 54.18 -39.07 24.51
C ALA A 369 54.75 -40.30 23.82
N LYS A 370 56.04 -40.26 23.51
CA LYS A 370 56.71 -41.40 22.89
C LYS A 370 56.86 -42.48 23.96
N VAL A 371 56.43 -43.73 23.70
CA VAL A 371 56.52 -44.82 24.69
C VAL A 371 57.40 -45.98 24.18
N GLN A 372 57.93 -46.82 25.09
CA GLN A 372 58.78 -47.95 24.71
C GLN A 372 57.99 -49.16 24.20
N ARG A 373 56.73 -49.29 24.63
CA ARG A 373 55.89 -50.39 24.19
C ARG A 373 54.40 -50.01 24.22
N ALA A 374 53.64 -50.53 23.29
CA ALA A 374 52.21 -50.27 23.20
C ALA A 374 51.48 -51.53 22.70
N VAL A 375 50.14 -51.56 22.80
CA VAL A 375 49.36 -52.70 22.37
C VAL A 375 48.01 -52.23 21.85
N CYS A 376 47.55 -52.88 20.79
CA CYS A 376 46.22 -52.65 20.26
C CYS A 376 45.50 -54.01 20.26
N MET A 377 44.42 -54.14 21.02
CA MET A 377 43.64 -55.36 21.03
C MET A 377 42.46 -55.21 20.08
N LEU A 378 42.25 -56.21 19.25
CA LEU A 378 41.12 -56.23 18.32
C LEU A 378 40.30 -57.41 18.79
N SER A 379 39.10 -57.17 19.32
CA SER A 379 38.28 -58.28 19.79
C SER A 379 36.90 -58.25 19.17
N ASN A 380 36.44 -59.41 18.65
CA ASN A 380 35.08 -59.48 18.12
C ASN A 380 34.16 -59.90 19.26
N THR A 381 33.55 -58.94 19.92
CA THR A 381 32.62 -59.18 21.03
C THR A 381 31.19 -58.83 20.61
N THR A 382 30.21 -59.57 21.14
CA THR A 382 28.79 -59.27 20.94
C THR A 382 28.36 -57.95 21.67
N ALA A 383 29.22 -57.40 22.56
CA ALA A 383 28.93 -56.15 23.26
C ALA A 383 28.81 -54.96 22.32
N ILE A 384 29.48 -55.00 21.17
CA ILE A 384 29.43 -53.92 20.20
C ILE A 384 28.02 -53.68 19.66
N ALA A 385 27.09 -54.62 19.86
CA ALA A 385 25.68 -54.45 19.47
C ALA A 385 25.04 -53.29 20.22
N GLU A 386 25.61 -52.90 21.38
CA GLU A 386 25.12 -51.74 22.16
C GLU A 386 25.20 -50.48 21.32
N ALA A 387 26.24 -50.35 20.49
CA ALA A 387 26.41 -49.19 19.62
C ALA A 387 25.28 -49.14 18.58
N TRP A 388 24.90 -50.30 18.04
CA TRP A 388 23.80 -50.37 17.08
C TRP A 388 22.50 -50.04 17.73
N ALA A 389 22.28 -50.51 18.96
CA ALA A 389 21.06 -50.26 19.71
C ALA A 389 20.88 -48.77 19.95
N ARG A 390 21.95 -48.06 20.34
CA ARG A 390 21.88 -46.61 20.58
C ARG A 390 21.51 -45.85 19.29
N LEU A 391 22.14 -46.22 18.19
CA LEU A 391 21.92 -45.61 16.89
C LEU A 391 20.50 -45.92 16.39
N ASP A 392 20.05 -47.18 16.51
CA ASP A 392 18.71 -47.59 16.09
C ASP A 392 17.62 -46.89 16.86
N HIS A 393 17.85 -46.62 18.15
CA HIS A 393 16.87 -45.93 18.96
C HIS A 393 16.69 -44.48 18.49
N LYS A 394 17.80 -43.81 18.19
CA LYS A 394 17.72 -42.43 17.70
C LYS A 394 17.00 -42.40 16.35
N PHE A 395 17.29 -43.38 15.48
CA PHE A 395 16.64 -43.57 14.21
C PHE A 395 15.14 -43.71 14.39
N ASP A 396 14.70 -44.60 15.31
CA ASP A 396 13.29 -44.85 15.57
C ASP A 396 12.54 -43.66 16.11
N LEU A 397 13.18 -42.87 16.98
CA LEU A 397 12.54 -41.67 17.53
C LEU A 397 12.13 -40.70 16.42
N MET A 398 13.05 -40.45 15.48
CA MET A 398 12.79 -39.53 14.40
C MET A 398 11.89 -40.14 13.35
N TYR A 399 12.18 -41.38 12.93
CA TYR A 399 11.43 -42.04 11.87
C TYR A 399 9.97 -42.28 12.21
N ALA A 400 9.65 -42.46 13.51
CA ALA A 400 8.26 -42.63 13.93
C ALA A 400 7.40 -41.43 13.50
N LYS A 401 8.01 -40.23 13.42
CA LYS A 401 7.36 -39.00 12.98
C LYS A 401 7.68 -38.64 11.54
N ARG A 402 8.57 -39.39 10.88
CA ARG A 402 9.05 -39.10 9.54
C ARG A 402 9.81 -37.78 9.50
N ALA A 403 10.43 -37.37 10.62
CA ALA A 403 11.17 -36.12 10.68
C ALA A 403 12.36 -36.18 9.72
N PHE A 404 12.52 -35.14 8.88
CA PHE A 404 13.61 -34.96 7.91
C PHE A 404 13.57 -35.93 6.73
N VAL A 405 12.59 -36.84 6.68
CA VAL A 405 12.48 -37.84 5.62
C VAL A 405 12.29 -37.22 4.25
N HIS A 406 11.58 -36.08 4.17
CA HIS A 406 11.35 -35.38 2.91
C HIS A 406 12.64 -34.98 2.21
N TRP A 407 13.72 -34.76 2.97
CA TRP A 407 15.01 -34.41 2.38
C TRP A 407 15.56 -35.57 1.54
N TYR A 408 15.32 -36.82 2.00
CA TYR A 408 15.80 -38.01 1.34
C TYR A 408 14.90 -38.36 0.17
N VAL A 409 13.59 -38.29 0.37
CA VAL A 409 12.62 -38.57 -0.69
C VAL A 409 12.78 -37.58 -1.83
N GLY A 410 13.05 -36.30 -1.51
CA GLY A 410 13.27 -35.26 -2.51
C GLY A 410 14.45 -35.56 -3.42
N GLU A 411 15.40 -36.37 -2.94
CA GLU A 411 16.56 -36.79 -3.73
C GLU A 411 16.33 -38.09 -4.52
N GLY A 412 15.10 -38.59 -4.56
CA GLY A 412 14.78 -39.81 -5.31
C GLY A 412 14.77 -41.10 -4.55
N MET A 413 15.15 -41.07 -3.28
CA MET A 413 15.14 -42.26 -2.43
C MET A 413 13.71 -42.55 -2.01
N GLU A 414 13.29 -43.82 -1.96
CA GLU A 414 11.94 -44.13 -1.52
C GLU A 414 11.92 -44.30 -0.04
N GLU A 415 10.77 -43.96 0.54
CA GLU A 415 10.50 -44.09 1.95
C GLU A 415 10.74 -45.52 2.44
N GLY A 416 10.47 -46.51 1.59
CA GLY A 416 10.64 -47.93 1.85
C GLY A 416 12.06 -48.33 2.14
N GLU A 417 13.05 -47.58 1.60
CA GLU A 417 14.47 -47.86 1.87
C GLU A 417 14.81 -47.64 3.33
N PHE A 418 14.12 -46.70 4.01
CA PHE A 418 14.32 -46.48 5.42
C PHE A 418 13.90 -47.72 6.21
N SER A 419 12.70 -48.26 5.93
CA SER A 419 12.17 -49.45 6.60
C SER A 419 13.07 -50.67 6.32
N GLU A 420 13.53 -50.83 5.06
CA GLU A 420 14.40 -51.93 4.70
C GLU A 420 15.71 -51.86 5.43
N ALA A 421 16.33 -50.67 5.49
CA ALA A 421 17.60 -50.49 6.17
C ALA A 421 17.43 -50.73 7.66
N ARG A 422 16.34 -50.23 8.25
CA ARG A 422 16.09 -50.39 9.67
C ARG A 422 15.80 -51.85 10.02
N GLU A 423 15.09 -52.57 9.14
CA GLU A 423 14.80 -53.99 9.34
C GLU A 423 16.08 -54.82 9.28
N ASP A 424 17.03 -54.43 8.42
CA ASP A 424 18.30 -55.10 8.31
C ASP A 424 19.11 -54.91 9.60
N LEU A 425 19.08 -53.71 10.18
CA LEU A 425 19.78 -53.47 11.44
C LEU A 425 19.10 -54.14 12.61
N ALA A 426 17.76 -54.32 12.54
CA ALA A 426 17.06 -55.09 13.56
C ALA A 426 17.50 -56.56 13.46
N ALA A 427 17.71 -57.08 12.24
CA ALA A 427 18.18 -58.47 12.06
C ALA A 427 19.60 -58.61 12.57
N LEU A 428 20.44 -57.58 12.37
CA LEU A 428 21.81 -57.55 12.86
C LEU A 428 21.85 -57.57 14.38
N GLU A 429 21.00 -56.79 15.04
CA GLU A 429 20.93 -56.80 16.50
C GLU A 429 20.51 -58.21 17.00
N LYS A 430 19.58 -58.87 16.26
CA LYS A 430 19.11 -60.21 16.56
C LYS A 430 20.24 -61.20 16.36
N ASP A 431 21.07 -61.03 15.31
CA ASP A 431 22.20 -61.91 15.05
C ASP A 431 23.18 -61.87 16.18
N TYR A 432 23.49 -60.69 16.71
CA TYR A 432 24.40 -60.57 17.84
C TYR A 432 23.85 -61.25 19.08
N GLU A 433 22.55 -61.23 19.26
CA GLU A 433 21.88 -61.88 20.38
C GLU A 433 21.96 -63.40 20.20
N GLU A 434 21.63 -63.91 18.99
CA GLU A 434 21.65 -65.35 18.68
C GLU A 434 23.04 -65.97 18.79
N VAL A 435 24.06 -65.28 18.28
CA VAL A 435 25.43 -65.74 18.30
C VAL A 435 25.98 -65.82 19.75
N GLY A 436 25.50 -64.95 20.63
CA GLY A 436 25.93 -64.97 22.02
C GLY A 436 25.13 -65.89 22.93
N MET A 437 24.03 -66.53 22.43
CA MET A 437 23.07 -67.43 23.13
C MET A 437 23.70 -68.37 24.24
N ASP A 438 23.59 -69.74 24.12
CA ASP A 438 23.99 -70.79 25.08
C ASP A 438 24.99 -70.36 26.16
N MET B 1 28.60 -24.85 -3.09
CA MET B 1 27.93 -24.00 -2.12
C MET B 1 28.85 -22.89 -1.69
N ARG B 2 28.98 -21.89 -2.53
CA ARG B 2 29.83 -20.76 -2.27
C ARG B 2 29.03 -19.46 -2.25
N GLU B 3 28.59 -18.98 -3.42
CA GLU B 3 27.94 -17.70 -3.52
C GLU B 3 26.48 -17.64 -3.10
N ILE B 4 26.13 -16.58 -2.39
CA ILE B 4 24.76 -16.29 -2.10
C ILE B 4 24.41 -15.02 -2.89
N VAL B 5 23.20 -15.00 -3.48
CA VAL B 5 22.73 -13.79 -4.18
C VAL B 5 21.70 -13.12 -3.27
N HIS B 6 21.97 -11.87 -2.87
CA HIS B 6 21.11 -11.12 -1.96
C HIS B 6 20.18 -10.21 -2.73
N ILE B 7 18.91 -10.21 -2.38
CA ILE B 7 17.92 -9.32 -2.98
C ILE B 7 17.23 -8.58 -1.84
N GLN B 8 17.00 -7.27 -1.99
CA GLN B 8 16.24 -6.51 -0.99
C GLN B 8 15.14 -5.76 -1.75
N ALA B 9 13.89 -5.93 -1.33
CA ALA B 9 12.75 -5.35 -2.04
C ALA B 9 11.89 -4.43 -1.16
N GLY B 10 11.48 -3.29 -1.73
CA GLY B 10 10.65 -2.32 -1.05
C GLY B 10 11.42 -1.51 -0.04
N GLN B 11 10.69 -0.59 0.64
CA GLN B 11 11.25 0.31 1.64
C GLN B 11 11.94 -0.43 2.78
N CYS B 12 11.18 -1.28 3.49
CA CYS B 12 11.72 -2.03 4.62
C CYS B 12 12.86 -2.94 4.21
N GLY B 13 12.66 -3.68 3.12
CA GLY B 13 13.68 -4.59 2.61
C GLY B 13 15.00 -3.90 2.32
N ASN B 14 14.95 -2.74 1.69
CA ASN B 14 16.15 -1.98 1.38
C ASN B 14 16.77 -1.31 2.60
N GLN B 15 15.97 -0.94 3.57
CA GLN B 15 16.45 -0.32 4.80
C GLN B 15 17.20 -1.32 5.72
N ILE B 16 16.61 -2.49 5.94
CA ILE B 16 17.29 -3.50 6.74
C ILE B 16 18.45 -4.13 5.94
N GLY B 17 18.26 -4.27 4.63
CA GLY B 17 19.30 -4.81 3.77
C GLY B 17 20.53 -3.91 3.74
N ALA B 18 20.35 -2.57 3.65
CA ALA B 18 21.48 -1.66 3.68
C ALA B 18 22.23 -1.77 5.02
N LYS B 19 21.49 -1.89 6.13
CA LYS B 19 22.07 -2.03 7.45
C LYS B 19 22.85 -3.36 7.58
N PHE B 20 22.36 -4.43 6.97
CA PHE B 20 23.04 -5.71 6.94
C PHE B 20 24.40 -5.56 6.23
N TRP B 21 24.42 -4.91 5.06
CA TRP B 21 25.67 -4.70 4.33
C TRP B 21 26.64 -3.82 5.10
N GLU B 22 26.13 -2.86 5.87
CA GLU B 22 27.01 -1.99 6.66
C GLU B 22 27.67 -2.82 7.75
N ILE B 23 26.88 -3.62 8.50
CA ILE B 23 27.42 -4.42 9.60
C ILE B 23 28.43 -5.44 9.13
N ILE B 24 28.08 -6.27 8.12
CA ILE B 24 28.99 -7.32 7.70
C ILE B 24 30.21 -6.75 6.99
N SER B 25 30.09 -5.59 6.33
CA SER B 25 31.24 -4.96 5.71
C SER B 25 32.24 -4.54 6.78
N ASP B 26 31.75 -3.96 7.87
CA ASP B 26 32.58 -3.56 9.00
C ASP B 26 33.27 -4.78 9.61
N GLU B 27 32.54 -5.88 9.76
CA GLU B 27 33.08 -7.12 10.32
C GLU B 27 34.13 -7.71 9.43
N HIS B 28 33.93 -7.66 8.12
CA HIS B 28 34.89 -8.19 7.16
C HIS B 28 36.01 -7.24 6.78
N GLY B 29 36.04 -6.03 7.35
CA GLY B 29 37.09 -5.04 7.08
C GLY B 29 36.96 -4.31 5.76
N ILE B 30 35.74 -4.23 5.22
CA ILE B 30 35.45 -3.56 3.97
C ILE B 30 34.91 -2.14 4.24
N ASP B 31 35.51 -1.12 3.61
CA ASP B 31 35.05 0.26 3.76
C ASP B 31 34.01 0.62 2.67
N ALA B 32 33.39 1.81 2.74
CA ALA B 32 32.37 2.21 1.77
C ALA B 32 32.85 2.23 0.29
N THR B 33 34.17 2.26 0.06
CA THR B 33 34.70 2.19 -1.31
C THR B 33 34.85 0.72 -1.81
N GLY B 34 34.81 -0.24 -0.89
CA GLY B 34 34.95 -1.65 -1.19
C GLY B 34 36.35 -2.17 -0.95
N ALA B 35 37.23 -1.38 -0.33
CA ALA B 35 38.60 -1.78 -0.09
C ALA B 35 38.76 -2.47 1.25
N TYR B 36 39.52 -3.58 1.27
CA TYR B 36 39.81 -4.31 2.50
C TYR B 36 40.92 -3.63 3.26
N HIS B 37 40.65 -3.26 4.50
CA HIS B 37 41.62 -2.63 5.38
C HIS B 37 41.56 -3.28 6.79
N GLY B 38 41.35 -4.58 6.83
CA GLY B 38 41.29 -5.31 8.08
C GLY B 38 42.63 -5.90 8.47
N ASP B 39 42.68 -6.63 9.60
CA ASP B 39 43.93 -7.22 10.07
C ASP B 39 43.70 -8.66 10.55
N SER B 40 42.96 -9.44 9.76
CA SER B 40 42.69 -10.85 10.07
C SER B 40 42.30 -11.60 8.83
N ASP B 41 42.96 -12.73 8.60
CA ASP B 41 42.69 -13.61 7.47
C ASP B 41 41.30 -14.28 7.59
N LEU B 42 40.78 -14.39 8.81
CA LEU B 42 39.44 -14.90 9.07
C LEU B 42 38.37 -14.06 8.35
N GLN B 43 38.65 -12.75 8.19
CA GLN B 43 37.74 -11.83 7.54
C GLN B 43 37.61 -12.11 6.05
N LEU B 44 38.68 -12.55 5.40
CA LEU B 44 38.66 -12.77 3.96
C LEU B 44 38.48 -14.20 3.52
N GLU B 45 38.62 -15.16 4.44
CA GLU B 45 38.54 -16.59 4.10
C GLU B 45 37.33 -16.96 3.28
N ARG B 46 36.14 -16.50 3.69
CA ARG B 46 34.91 -16.80 2.99
C ARG B 46 34.18 -15.56 2.52
N ILE B 47 34.93 -14.48 2.19
CA ILE B 47 34.31 -13.24 1.77
C ILE B 47 33.58 -13.37 0.43
N ASN B 48 33.95 -14.35 -0.41
CA ASN B 48 33.27 -14.53 -1.68
C ASN B 48 31.84 -15.07 -1.56
N VAL B 49 31.38 -15.46 -0.35
CA VAL B 49 30.01 -15.91 -0.17
C VAL B 49 29.04 -14.74 -0.42
N TYR B 50 29.42 -13.54 0.01
CA TYR B 50 28.60 -12.35 -0.16
C TYR B 50 29.17 -11.29 -1.10
N TYR B 51 30.48 -11.35 -1.38
CA TYR B 51 31.11 -10.32 -2.22
C TYR B 51 31.77 -10.86 -3.46
N ASN B 52 31.70 -10.09 -4.54
CA ASN B 52 32.39 -10.35 -5.78
C ASN B 52 33.70 -9.55 -5.71
N GLU B 53 34.76 -10.04 -6.36
CA GLU B 53 36.01 -9.28 -6.41
C GLU B 53 36.02 -8.51 -7.72
N ALA B 54 36.15 -7.19 -7.66
CA ALA B 54 36.12 -6.32 -8.84
C ALA B 54 37.51 -5.68 -9.13
N SER B 55 37.66 -4.82 -10.20
CA SER B 55 38.91 -4.13 -10.59
C SER B 55 39.67 -3.58 -9.39
N GLY B 56 40.96 -3.86 -9.35
CA GLY B 56 41.77 -3.52 -8.19
C GLY B 56 41.52 -4.56 -7.11
N GLY B 57 41.70 -4.18 -5.86
CA GLY B 57 41.47 -5.10 -4.75
C GLY B 57 40.15 -4.79 -4.09
N LYS B 58 39.13 -4.45 -4.89
CA LYS B 58 37.85 -4.07 -4.34
C LYS B 58 36.81 -5.22 -4.33
N TYR B 59 35.92 -5.15 -3.33
CA TYR B 59 34.88 -6.12 -3.05
C TYR B 59 33.52 -5.47 -3.24
N VAL B 60 32.69 -6.08 -4.08
CA VAL B 60 31.37 -5.53 -4.36
C VAL B 60 30.27 -6.50 -3.94
N PRO B 61 29.37 -6.06 -3.05
CA PRO B 61 28.27 -6.93 -2.60
C PRO B 61 27.47 -7.57 -3.73
N ARG B 62 27.20 -8.86 -3.63
CA ARG B 62 26.38 -9.56 -4.63
C ARG B 62 24.92 -9.30 -4.25
N ALA B 63 24.54 -8.04 -4.39
CA ALA B 63 23.26 -7.54 -3.96
C ALA B 63 22.48 -6.87 -5.07
N VAL B 64 21.20 -7.19 -5.15
CA VAL B 64 20.27 -6.58 -6.08
C VAL B 64 19.27 -5.75 -5.26
N LEU B 65 19.12 -4.46 -5.56
CA LEU B 65 18.26 -3.58 -4.80
C LEU B 65 17.03 -3.26 -5.64
N VAL B 66 15.85 -3.58 -5.11
CA VAL B 66 14.61 -3.45 -5.85
C VAL B 66 13.57 -2.59 -5.14
N ASP B 67 12.83 -1.80 -5.92
CA ASP B 67 11.67 -1.06 -5.45
C ASP B 67 10.80 -0.65 -6.63
N LEU B 68 9.50 -0.45 -6.41
CA LEU B 68 8.60 0.06 -7.47
C LEU B 68 8.54 1.59 -7.52
N GLU B 69 9.32 2.25 -6.67
CA GLU B 69 9.39 3.68 -6.49
C GLU B 69 10.90 4.06 -6.34
N PRO B 70 11.35 5.20 -6.90
CA PRO B 70 12.79 5.53 -6.85
C PRO B 70 13.35 6.08 -5.53
N GLY B 71 12.45 6.59 -4.70
CA GLY B 71 12.74 7.19 -3.40
C GLY B 71 13.66 6.42 -2.49
N THR B 72 13.33 5.17 -2.21
CA THR B 72 14.11 4.27 -1.36
C THR B 72 15.54 4.01 -1.88
N MET B 73 15.67 3.84 -3.18
CA MET B 73 16.92 3.60 -3.87
C MET B 73 17.84 4.80 -3.75
N ASP B 74 17.27 6.00 -3.83
CA ASP B 74 18.05 7.22 -3.72
C ASP B 74 18.60 7.35 -2.32
N SER B 75 17.77 7.05 -1.30
CA SER B 75 18.13 7.12 0.10
C SER B 75 19.24 6.11 0.44
N VAL B 76 19.19 4.91 -0.18
CA VAL B 76 20.21 3.91 0.05
C VAL B 76 21.52 4.37 -0.58
N ARG B 77 21.46 4.90 -1.80
CA ARG B 77 22.65 5.40 -2.50
C ARG B 77 23.36 6.50 -1.69
N SER B 78 22.58 7.37 -1.04
CA SER B 78 23.10 8.47 -0.23
C SER B 78 23.47 8.06 1.21
N GLY B 79 23.07 6.87 1.63
CA GLY B 79 23.38 6.33 2.94
C GLY B 79 24.85 6.02 3.13
N PRO B 80 25.23 5.62 4.35
CA PRO B 80 26.65 5.39 4.66
C PRO B 80 27.43 4.55 3.66
N PHE B 81 26.97 3.32 3.35
CA PHE B 81 27.70 2.47 2.41
C PHE B 81 27.05 2.44 1.02
N GLY B 82 26.27 3.46 0.67
CA GLY B 82 25.57 3.50 -0.61
C GLY B 82 26.42 3.37 -1.86
N GLN B 83 27.68 3.81 -1.77
CA GLN B 83 28.57 3.76 -2.92
C GLN B 83 29.15 2.37 -3.19
N ILE B 84 29.08 1.46 -2.21
CA ILE B 84 29.63 0.12 -2.36
C ILE B 84 28.87 -0.74 -3.36
N PHE B 85 27.57 -0.47 -3.54
CA PHE B 85 26.73 -1.29 -4.40
C PHE B 85 26.99 -1.07 -5.86
N ARG B 86 26.77 -2.13 -6.66
CA ARG B 86 26.93 -2.07 -8.10
C ARG B 86 25.80 -1.20 -8.66
N PRO B 87 26.14 -0.08 -9.33
CA PRO B 87 25.09 0.84 -9.84
C PRO B 87 24.03 0.20 -10.73
N ASP B 88 24.45 -0.75 -11.56
CA ASP B 88 23.53 -1.45 -12.45
C ASP B 88 22.60 -2.41 -11.71
N ASN B 89 22.86 -2.70 -10.43
CA ASN B 89 22.04 -3.60 -9.62
C ASN B 89 20.86 -2.90 -8.93
N PHE B 90 20.68 -1.61 -9.15
CA PHE B 90 19.56 -0.88 -8.61
C PHE B 90 18.48 -0.99 -9.68
N VAL B 91 17.41 -1.72 -9.38
CA VAL B 91 16.32 -1.91 -10.33
C VAL B 91 15.08 -1.32 -9.75
N PHE B 92 14.53 -0.26 -10.38
CA PHE B 92 13.38 0.38 -9.82
C PHE B 92 12.40 0.94 -10.84
N GLY B 93 11.13 0.89 -10.48
CA GLY B 93 10.06 1.47 -11.27
C GLY B 93 9.78 2.89 -10.81
N GLN B 94 8.73 3.50 -11.33
CA GLN B 94 8.39 4.86 -10.93
C GLN B 94 7.02 4.98 -10.26
N SER B 95 6.11 4.04 -10.55
CA SER B 95 4.70 4.04 -10.15
C SER B 95 4.36 3.79 -8.68
N GLY B 96 5.15 2.98 -7.99
CA GLY B 96 4.84 2.59 -6.62
C GLY B 96 3.83 1.45 -6.57
N ALA B 97 3.58 0.87 -5.38
CA ALA B 97 2.60 -0.24 -5.25
C ALA B 97 1.35 0.13 -4.41
N GLY B 98 1.31 1.35 -3.89
CA GLY B 98 0.22 1.87 -3.11
C GLY B 98 -0.17 1.03 -1.93
N ASN B 99 0.85 0.42 -1.23
CA ASN B 99 0.69 -0.44 -0.04
C ASN B 99 -0.24 -1.62 -0.34
N ASN B 100 -0.29 -2.07 -1.57
CA ASN B 100 -1.25 -3.04 -2.01
C ASN B 100 -0.53 -4.24 -2.56
N TRP B 101 -0.66 -5.39 -1.87
CA TRP B 101 -0.06 -6.66 -2.25
C TRP B 101 -0.42 -7.01 -3.69
N ALA B 102 -1.70 -6.76 -4.09
CA ALA B 102 -2.13 -7.12 -5.43
C ALA B 102 -1.38 -6.33 -6.51
N LYS B 103 -1.07 -5.06 -6.21
CA LYS B 103 -0.31 -4.24 -7.14
C LYS B 103 1.15 -4.73 -7.26
N GLY B 104 1.75 -5.11 -6.14
CA GLY B 104 3.12 -5.61 -6.15
C GLY B 104 3.22 -6.97 -6.81
N HIS B 105 2.22 -7.83 -6.61
CA HIS B 105 2.26 -9.20 -7.08
C HIS B 105 1.75 -9.40 -8.49
N TYR B 106 0.71 -8.67 -8.88
CA TYR B 106 0.04 -8.90 -10.14
C TYR B 106 0.11 -7.83 -11.20
N THR B 107 0.14 -6.54 -10.84
CA THR B 107 0.07 -5.48 -11.85
C THR B 107 1.41 -4.72 -12.00
N GLU B 108 1.76 -3.81 -11.07
CA GLU B 108 2.96 -3.01 -11.18
C GLU B 108 4.20 -3.87 -11.05
N GLY B 109 4.20 -4.78 -10.09
CA GLY B 109 5.34 -5.66 -9.86
C GLY B 109 5.61 -6.57 -11.04
N ALA B 110 4.55 -7.03 -11.70
CA ALA B 110 4.67 -7.87 -12.88
C ALA B 110 5.39 -7.13 -14.03
N GLU B 111 5.20 -5.81 -14.12
CA GLU B 111 5.84 -5.01 -15.15
C GLU B 111 7.33 -4.79 -14.90
N LEU B 112 7.79 -4.92 -13.66
CA LEU B 112 9.20 -4.71 -13.32
C LEU B 112 9.98 -5.99 -13.09
N VAL B 113 9.30 -7.09 -12.80
CA VAL B 113 9.92 -8.34 -12.41
C VAL B 113 10.99 -8.85 -13.40
N ASP B 114 10.78 -8.73 -14.72
CA ASP B 114 11.77 -9.24 -15.67
C ASP B 114 13.08 -8.44 -15.66
N SER B 115 13.00 -7.14 -15.38
CA SER B 115 14.22 -6.32 -15.23
C SER B 115 15.03 -6.78 -14.01
N VAL B 116 14.35 -7.20 -12.92
CA VAL B 116 15.01 -7.68 -11.72
C VAL B 116 15.65 -9.02 -12.02
N LEU B 117 14.90 -9.93 -12.67
CA LEU B 117 15.40 -11.25 -13.02
C LEU B 117 16.61 -11.16 -13.91
N ASP B 118 16.72 -10.15 -14.77
CA ASP B 118 17.89 -10.00 -15.62
C ASP B 118 19.13 -9.74 -14.79
N VAL B 119 19.00 -8.90 -13.76
CA VAL B 119 20.11 -8.57 -12.88
C VAL B 119 20.48 -9.76 -12.01
N VAL B 120 19.47 -10.47 -11.44
CA VAL B 120 19.81 -11.59 -10.59
C VAL B 120 20.36 -12.72 -11.46
N ARG B 121 19.90 -12.89 -12.71
CA ARG B 121 20.47 -13.89 -13.63
C ARG B 121 21.93 -13.58 -13.90
N LYS B 122 22.30 -12.31 -14.14
CA LYS B 122 23.69 -11.92 -14.37
C LYS B 122 24.58 -12.26 -13.18
N GLU B 123 24.08 -12.01 -11.96
CA GLU B 123 24.84 -12.34 -10.75
C GLU B 123 24.98 -13.84 -10.57
N ALA B 124 23.88 -14.58 -10.75
CA ALA B 124 23.84 -16.04 -10.61
C ALA B 124 24.70 -16.76 -11.63
N GLU B 125 24.70 -16.29 -12.87
CA GLU B 125 25.47 -16.93 -13.93
C GLU B 125 26.97 -16.82 -13.72
N SER B 126 27.44 -15.79 -13.01
CA SER B 126 28.86 -15.64 -12.74
C SER B 126 29.30 -16.36 -11.46
N CYS B 127 28.42 -17.13 -10.81
CA CYS B 127 28.79 -17.86 -9.62
C CYS B 127 29.46 -19.18 -9.95
N ASP B 128 30.58 -19.50 -9.29
CA ASP B 128 31.22 -20.79 -9.46
C ASP B 128 30.32 -21.90 -8.87
N CYS B 129 29.70 -21.64 -7.71
CA CYS B 129 28.80 -22.60 -7.10
C CYS B 129 27.74 -21.89 -6.26
N LEU B 130 26.69 -21.44 -6.90
CA LEU B 130 25.60 -20.71 -6.28
C LEU B 130 24.87 -21.54 -5.19
N GLN B 131 24.82 -21.04 -3.95
CA GLN B 131 24.09 -21.66 -2.85
C GLN B 131 22.59 -21.48 -3.05
N GLY B 132 22.22 -20.23 -3.27
CA GLY B 132 20.85 -19.81 -3.43
C GLY B 132 20.68 -18.33 -3.22
N PHE B 133 19.48 -17.96 -2.79
CA PHE B 133 19.05 -16.58 -2.66
C PHE B 133 18.62 -16.20 -1.26
N GLN B 134 18.81 -14.94 -0.93
CA GLN B 134 18.49 -14.38 0.38
C GLN B 134 17.72 -13.09 0.11
N LEU B 135 16.44 -13.02 0.54
CA LEU B 135 15.60 -11.87 0.29
C LEU B 135 15.26 -11.17 1.57
N THR B 136 15.45 -9.83 1.62
CA THR B 136 15.01 -9.05 2.77
C THR B 136 13.80 -8.23 2.30
N HIS B 137 12.72 -8.23 3.06
CA HIS B 137 11.49 -7.54 2.70
C HIS B 137 10.51 -7.55 3.87
N SER B 138 9.48 -6.68 3.81
CA SER B 138 8.43 -6.70 4.78
C SER B 138 7.22 -7.44 4.17
N LEU B 139 6.32 -7.93 5.02
CA LEU B 139 5.11 -8.57 4.55
C LEU B 139 3.89 -7.61 4.60
N GLY B 140 4.00 -6.48 5.29
CA GLY B 140 2.91 -5.54 5.45
C GLY B 140 2.67 -4.54 4.34
N GLY B 141 3.66 -4.32 3.46
CA GLY B 141 3.48 -3.33 2.39
C GLY B 141 3.04 -3.95 1.07
N GLY B 142 3.35 -3.26 -0.03
CA GLY B 142 2.96 -3.76 -1.34
C GLY B 142 4.09 -4.32 -2.17
N THR B 143 5.23 -3.62 -2.21
CA THR B 143 6.39 -3.99 -3.01
C THR B 143 7.14 -5.19 -2.40
N GLY B 144 7.63 -5.06 -1.17
CA GLY B 144 8.36 -6.13 -0.51
C GLY B 144 7.52 -7.37 -0.36
N SER B 145 6.25 -7.21 -0.02
CA SER B 145 5.38 -8.34 0.18
C SER B 145 4.88 -8.92 -1.11
N GLY B 146 4.23 -8.11 -1.95
CA GLY B 146 3.67 -8.60 -3.19
C GLY B 146 4.70 -8.91 -4.25
N MET B 147 5.55 -7.94 -4.55
CA MET B 147 6.57 -8.16 -5.57
C MET B 147 7.69 -9.09 -5.09
N GLY B 148 7.97 -9.07 -3.78
CA GLY B 148 8.97 -9.96 -3.21
C GLY B 148 8.58 -11.40 -3.34
N THR B 149 7.29 -11.73 -3.07
CA THR B 149 6.82 -13.12 -3.21
C THR B 149 6.66 -13.51 -4.67
N LEU B 150 6.39 -12.54 -5.56
CA LEU B 150 6.34 -12.81 -6.99
C LEU B 150 7.75 -13.20 -7.46
N LEU B 151 8.79 -12.47 -6.99
CA LEU B 151 10.21 -12.73 -7.32
C LEU B 151 10.58 -14.11 -6.84
N ILE B 152 10.18 -14.49 -5.61
CA ILE B 152 10.49 -15.81 -5.08
C ILE B 152 9.95 -16.92 -5.97
N SER B 153 8.73 -16.75 -6.46
CA SER B 153 8.10 -17.74 -7.32
C SER B 153 8.79 -17.83 -8.68
N LYS B 154 9.22 -16.70 -9.22
CA LYS B 154 9.92 -16.67 -10.51
C LYS B 154 11.31 -17.26 -10.37
N ILE B 155 12.00 -16.95 -9.27
CA ILE B 155 13.34 -17.47 -9.00
C ILE B 155 13.28 -18.99 -8.78
N ARG B 156 12.24 -19.47 -8.10
CA ARG B 156 12.04 -20.91 -7.88
C ARG B 156 11.85 -21.63 -9.21
N GLU B 157 11.19 -21.00 -10.16
CA GLU B 157 10.96 -21.58 -11.47
C GLU B 157 12.26 -21.70 -12.26
N GLU B 158 13.16 -20.71 -12.17
CA GLU B 158 14.42 -20.73 -12.92
C GLU B 158 15.55 -21.47 -12.20
N TYR B 159 15.49 -21.52 -10.87
CA TYR B 159 16.50 -22.16 -10.04
C TYR B 159 15.79 -23.07 -9.02
N PRO B 160 15.09 -24.11 -9.50
CA PRO B 160 14.33 -24.97 -8.57
C PRO B 160 15.18 -25.79 -7.60
N ASP B 161 16.46 -25.94 -7.89
CA ASP B 161 17.41 -26.70 -7.07
C ASP B 161 18.23 -25.84 -6.11
N ARG B 162 18.01 -24.51 -6.07
CA ARG B 162 18.75 -23.66 -5.14
C ARG B 162 17.91 -23.32 -3.90
N ILE B 163 18.58 -22.96 -2.81
CA ILE B 163 17.91 -22.63 -1.55
C ILE B 163 17.33 -21.24 -1.60
N MET B 164 16.07 -21.08 -1.14
CA MET B 164 15.42 -19.77 -1.07
C MET B 164 15.26 -19.41 0.41
N ASN B 165 15.97 -18.36 0.83
CA ASN B 165 16.01 -17.90 2.22
C ASN B 165 15.47 -16.48 2.32
N THR B 166 14.60 -16.19 3.30
CA THR B 166 14.07 -14.84 3.46
C THR B 166 14.18 -14.31 4.89
N TYR B 167 14.29 -13.00 5.02
CA TYR B 167 14.25 -12.26 6.26
C TYR B 167 12.99 -11.46 6.02
N SER B 168 11.89 -11.89 6.66
CA SER B 168 10.57 -11.34 6.44
C SER B 168 10.11 -10.57 7.65
N VAL B 169 9.85 -9.26 7.47
CA VAL B 169 9.42 -8.41 8.55
C VAL B 169 7.91 -8.48 8.69
N VAL B 170 7.43 -8.93 9.85
CA VAL B 170 6.01 -9.07 10.13
C VAL B 170 5.43 -7.77 10.67
N PRO B 171 4.24 -7.32 10.16
CA PRO B 171 3.66 -6.08 10.62
C PRO B 171 3.06 -6.12 12.02
N SER B 172 2.95 -4.93 12.63
CA SER B 172 2.38 -4.74 13.95
C SER B 172 1.70 -3.38 14.00
N PRO B 173 0.49 -3.33 14.60
CA PRO B 173 -0.18 -2.03 14.77
C PRO B 173 0.64 -1.05 15.63
N LYS B 174 1.58 -1.57 16.44
CA LYS B 174 2.49 -0.79 17.26
C LYS B 174 3.35 0.12 16.41
N VAL B 175 3.78 -0.36 15.25
CA VAL B 175 4.53 0.49 14.33
C VAL B 175 4.10 0.17 12.90
N SER B 176 3.02 0.82 12.50
CA SER B 176 2.36 0.54 11.26
C SER B 176 2.45 1.68 10.23
N ASP B 177 2.44 1.32 8.96
CA ASP B 177 2.49 2.25 7.86
C ASP B 177 1.19 2.31 7.09
N THR B 178 0.45 1.19 7.03
CA THR B 178 -0.80 1.12 6.28
C THR B 178 -1.84 0.25 6.98
N VAL B 179 -3.14 0.51 6.76
CA VAL B 179 -4.32 -0.15 7.33
C VAL B 179 -4.53 -1.60 6.83
N VAL B 180 -3.99 -1.88 5.62
CA VAL B 180 -4.17 -3.17 4.97
C VAL B 180 -3.03 -4.17 5.21
N GLU B 181 -2.12 -3.87 6.15
CA GLU B 181 -1.04 -4.75 6.57
C GLU B 181 -1.48 -6.19 6.84
N PRO B 182 -2.55 -6.46 7.61
CA PRO B 182 -2.93 -7.88 7.85
C PRO B 182 -3.28 -8.64 6.58
N TYR B 183 -3.82 -7.94 5.55
CA TYR B 183 -4.13 -8.60 4.27
C TYR B 183 -2.85 -8.95 3.55
N ASN B 184 -1.97 -7.94 3.45
CA ASN B 184 -0.70 -8.08 2.73
C ASN B 184 0.13 -9.21 3.34
N ALA B 185 0.15 -9.29 4.68
CA ALA B 185 0.91 -10.28 5.41
C ALA B 185 0.35 -11.68 5.20
N THR B 186 -0.98 -11.85 5.27
CA THR B 186 -1.59 -13.17 5.10
C THR B 186 -1.36 -13.70 3.71
N LEU B 187 -1.53 -12.83 2.70
CA LEU B 187 -1.28 -13.23 1.31
C LEU B 187 0.18 -13.61 1.08
N SER B 188 1.10 -12.95 1.77
CA SER B 188 2.53 -13.26 1.66
C SER B 188 2.90 -14.55 2.37
N VAL B 189 2.37 -14.79 3.59
CA VAL B 189 2.63 -16.02 4.34
C VAL B 189 2.22 -17.24 3.52
N HIS B 190 1.11 -17.14 2.80
CA HIS B 190 0.61 -18.18 1.91
C HIS B 190 1.68 -18.53 0.87
N GLN B 191 2.35 -17.51 0.32
CA GLN B 191 3.42 -17.70 -0.65
C GLN B 191 4.68 -18.28 0.01
N LEU B 192 5.03 -17.81 1.20
CA LEU B 192 6.25 -18.24 1.90
C LEU B 192 6.19 -19.68 2.32
N VAL B 193 5.04 -20.14 2.80
CA VAL B 193 4.85 -21.52 3.21
C VAL B 193 5.15 -22.48 2.05
N GLU B 194 4.78 -22.08 0.83
CA GLU B 194 4.95 -22.93 -0.33
C GLU B 194 6.24 -22.79 -1.06
N ASN B 195 6.89 -21.62 -1.01
CA ASN B 195 8.01 -21.36 -1.92
C ASN B 195 9.34 -21.03 -1.27
N THR B 196 9.43 -21.00 0.07
CA THR B 196 10.74 -20.76 0.69
C THR B 196 11.23 -22.00 1.44
N ASP B 197 12.53 -22.12 1.56
CA ASP B 197 13.15 -23.22 2.29
C ASP B 197 13.39 -22.82 3.74
N GLU B 198 13.66 -21.52 3.98
CA GLU B 198 13.89 -21.03 5.32
C GLU B 198 13.51 -19.58 5.38
N THR B 199 12.72 -19.22 6.38
CA THR B 199 12.27 -17.86 6.56
C THR B 199 12.52 -17.43 7.99
N TYR B 200 13.24 -16.32 8.18
CA TYR B 200 13.45 -15.76 9.50
C TYR B 200 12.30 -14.78 9.75
N CYS B 201 11.51 -15.04 10.80
CA CYS B 201 10.40 -14.18 11.15
C CYS B 201 10.90 -13.03 12.02
N ILE B 202 11.03 -11.83 11.44
CA ILE B 202 11.49 -10.62 12.14
C ILE B 202 10.24 -9.83 12.43
N ASP B 203 9.76 -9.88 13.65
CA ASP B 203 8.52 -9.25 14.04
C ASP B 203 8.68 -7.81 14.59
N ASN B 204 8.07 -6.85 13.91
CA ASN B 204 8.08 -5.46 14.38
C ASN B 204 7.39 -5.31 15.75
N GLU B 205 6.49 -6.25 16.10
CA GLU B 205 5.85 -6.22 17.41
C GLU B 205 6.92 -6.49 18.48
N ALA B 206 7.78 -7.51 18.24
CA ALA B 206 8.86 -7.89 19.16
C ALA B 206 9.93 -6.83 19.22
N LEU B 207 10.32 -6.26 18.06
CA LEU B 207 11.34 -5.23 17.99
C LEU B 207 10.90 -4.00 18.76
N TYR B 208 9.61 -3.61 18.61
CA TYR B 208 9.07 -2.47 19.33
C TYR B 208 9.12 -2.73 20.83
N ASP B 209 8.63 -3.89 21.25
CA ASP B 209 8.58 -4.27 22.65
C ASP B 209 9.96 -4.34 23.30
N ILE B 210 10.99 -4.76 22.57
CA ILE B 210 12.36 -4.80 23.10
C ILE B 210 12.83 -3.36 23.32
N CYS B 211 12.59 -2.49 22.33
CA CYS B 211 12.99 -1.10 22.43
C CYS B 211 12.27 -0.38 23.56
N PHE B 212 10.97 -0.61 23.68
CA PHE B 212 10.17 0.05 24.70
C PHE B 212 10.44 -0.48 26.11
N ARG B 213 10.25 -1.79 26.33
CA ARG B 213 10.43 -2.40 27.64
C ARG B 213 11.87 -2.58 28.06
N THR B 214 12.71 -3.22 27.23
CA THR B 214 14.08 -3.50 27.65
C THR B 214 15.01 -2.32 27.53
N LEU B 215 15.05 -1.71 26.34
CA LEU B 215 15.95 -0.59 26.11
C LEU B 215 15.42 0.76 26.63
N LYS B 216 14.19 0.77 27.16
CA LYS B 216 13.56 1.96 27.73
C LYS B 216 13.49 3.16 26.78
N LEU B 217 13.27 2.89 25.50
CA LEU B 217 13.09 3.93 24.52
C LEU B 217 11.60 4.24 24.53
N THR B 218 11.19 5.41 25.03
CA THR B 218 9.78 5.78 25.12
C THR B 218 9.11 5.78 23.74
N THR B 219 9.83 6.30 22.74
CA THR B 219 9.33 6.37 21.38
C THR B 219 10.35 5.80 20.40
N PRO B 220 10.29 4.49 20.14
CA PRO B 220 11.26 3.90 19.20
C PRO B 220 11.03 4.32 17.76
N THR B 221 12.10 4.45 17.02
CA THR B 221 12.04 4.79 15.61
C THR B 221 12.40 3.54 14.83
N TYR B 222 12.23 3.60 13.50
CA TYR B 222 12.65 2.50 12.63
C TYR B 222 14.14 2.25 12.77
N GLY B 223 14.93 3.28 13.01
CA GLY B 223 16.37 3.15 13.21
C GLY B 223 16.71 2.33 14.43
N ASP B 224 15.93 2.47 15.52
CA ASP B 224 16.13 1.67 16.74
C ASP B 224 15.75 0.23 16.45
N LEU B 225 14.65 0.01 15.71
CA LEU B 225 14.22 -1.34 15.38
C LEU B 225 15.26 -2.03 14.50
N ASN B 226 15.81 -1.29 13.51
CA ASN B 226 16.78 -1.81 12.56
C ASN B 226 18.16 -2.10 13.15
N HIS B 227 18.48 -1.50 14.30
CA HIS B 227 19.74 -1.83 14.97
C HIS B 227 19.66 -3.27 15.53
N LEU B 228 18.48 -3.67 16.03
CA LEU B 228 18.28 -5.04 16.51
C LEU B 228 18.31 -6.00 15.32
N VAL B 229 17.70 -5.63 14.19
CA VAL B 229 17.66 -6.48 13.00
C VAL B 229 19.03 -6.71 12.41
N SER B 230 19.85 -5.67 12.35
CA SER B 230 21.19 -5.79 11.77
C SER B 230 22.08 -6.68 12.62
N LEU B 231 21.93 -6.60 13.95
CA LEU B 231 22.66 -7.44 14.86
C LEU B 231 22.20 -8.87 14.72
N THR B 232 20.89 -9.08 14.59
CA THR B 232 20.34 -10.42 14.44
C THR B 232 20.81 -11.04 13.13
N MET B 233 20.76 -10.27 12.05
CA MET B 233 21.19 -10.75 10.74
C MET B 233 22.66 -11.09 10.71
N SER B 234 23.47 -10.32 11.44
CA SER B 234 24.89 -10.60 11.54
C SER B 234 25.10 -11.96 12.24
N GLY B 235 24.37 -12.18 13.32
CA GLY B 235 24.44 -13.40 14.10
C GLY B 235 23.99 -14.63 13.37
N VAL B 236 22.85 -14.57 12.68
CA VAL B 236 22.33 -15.75 11.98
C VAL B 236 23.16 -16.14 10.75
N THR B 237 23.92 -15.20 10.19
CA THR B 237 24.75 -15.48 9.02
C THR B 237 26.21 -15.74 9.34
N THR B 238 26.60 -15.74 10.62
CA THR B 238 27.97 -15.98 11.05
C THR B 238 28.58 -17.23 10.45
N CYS B 239 27.83 -18.35 10.49
CA CYS B 239 28.33 -19.64 10.00
C CYS B 239 28.52 -19.69 8.49
N LEU B 240 27.82 -18.83 7.76
CA LEU B 240 27.97 -18.76 6.32
C LEU B 240 29.17 -17.88 5.94
N ARG B 241 29.56 -16.92 6.79
CA ARG B 241 30.59 -15.94 6.47
C ARG B 241 31.96 -16.21 7.02
N PHE B 242 32.08 -17.06 8.03
CA PHE B 242 33.39 -17.34 8.64
C PHE B 242 33.69 -18.84 8.63
N PRO B 243 34.96 -19.25 8.62
CA PRO B 243 35.28 -20.69 8.62
C PRO B 243 34.70 -21.40 9.84
N GLY B 244 34.06 -22.54 9.60
CA GLY B 244 33.40 -23.29 10.66
C GLY B 244 32.86 -24.61 10.16
N GLN B 245 32.47 -25.47 11.10
CA GLN B 245 31.99 -26.81 10.77
C GLN B 245 30.48 -26.90 10.54
N LEU B 246 29.75 -26.28 11.44
CA LEU B 246 28.31 -26.39 11.51
C LEU B 246 27.55 -25.36 10.68
N ASN B 247 26.51 -25.84 9.93
CA ASN B 247 25.60 -25.02 9.13
C ASN B 247 26.37 -24.01 8.28
N ALA B 248 27.48 -24.46 7.67
CA ALA B 248 28.35 -23.62 6.89
C ALA B 248 27.75 -23.14 5.58
N ASP B 249 26.60 -23.71 5.17
CA ASP B 249 25.94 -23.30 3.95
C ASP B 249 24.44 -23.37 4.11
N LEU B 250 23.70 -22.73 3.20
CA LEU B 250 22.25 -22.65 3.26
C LEU B 250 21.54 -24.00 3.26
N ARG B 251 22.03 -24.98 2.47
CA ARG B 251 21.39 -26.31 2.42
C ARG B 251 21.63 -27.12 3.69
N LYS B 252 22.87 -27.14 4.20
CA LYS B 252 23.17 -27.86 5.43
C LYS B 252 22.40 -27.27 6.64
N LEU B 253 22.14 -25.96 6.63
CA LEU B 253 21.37 -25.31 7.66
C LEU B 253 19.94 -25.79 7.57
N ALA B 254 19.37 -25.85 6.35
CA ALA B 254 17.99 -26.26 6.16
C ALA B 254 17.79 -27.75 6.54
N VAL B 255 18.78 -28.59 6.23
CA VAL B 255 18.71 -30.02 6.61
C VAL B 255 18.70 -30.20 8.13
N ASN B 256 19.40 -29.31 8.85
CA ASN B 256 19.44 -29.36 10.30
C ASN B 256 18.28 -28.71 10.99
N MET B 257 17.62 -27.77 10.32
CA MET B 257 16.57 -26.99 10.92
C MET B 257 15.15 -27.35 10.52
N VAL B 258 14.95 -27.94 9.35
CA VAL B 258 13.61 -28.17 8.82
C VAL B 258 13.20 -29.64 8.76
N PRO B 259 12.49 -30.14 9.80
CA PRO B 259 12.05 -31.54 9.80
C PRO B 259 10.87 -31.85 8.88
N PHE B 260 10.05 -30.87 8.60
CA PHE B 260 8.86 -31.01 7.74
C PHE B 260 8.87 -29.81 6.85
N PRO B 261 8.59 -29.99 5.54
CA PRO B 261 8.77 -28.90 4.58
C PRO B 261 8.09 -27.57 4.89
N ARG B 262 6.85 -27.61 5.38
CA ARG B 262 6.13 -26.37 5.66
C ARG B 262 6.61 -25.66 6.92
N LEU B 263 7.22 -26.39 7.83
CA LEU B 263 7.66 -25.82 9.09
C LEU B 263 9.06 -25.28 8.96
N HIS B 264 9.20 -24.17 8.26
CA HIS B 264 10.50 -23.57 8.02
C HIS B 264 10.56 -22.10 8.45
N PHE B 265 9.77 -21.72 9.47
CA PHE B 265 9.73 -20.35 9.96
C PHE B 265 10.48 -20.27 11.25
N PHE B 266 11.56 -19.51 11.27
CA PHE B 266 12.43 -19.45 12.43
C PHE B 266 12.18 -18.28 13.32
N MET B 267 12.35 -18.53 14.60
CA MET B 267 12.23 -17.56 15.66
C MET B 267 13.69 -17.17 16.03
N PRO B 268 14.18 -16.01 15.55
CA PRO B 268 15.55 -15.62 15.92
C PRO B 268 15.58 -15.01 17.33
N GLY B 269 16.65 -15.30 18.05
CA GLY B 269 16.90 -14.80 19.39
C GLY B 269 18.28 -14.17 19.47
N PHE B 270 18.48 -13.12 20.28
CA PHE B 270 19.79 -12.48 20.35
C PHE B 270 20.09 -11.94 21.72
N ALA B 271 21.34 -12.05 22.15
CA ALA B 271 21.81 -11.47 23.40
C ALA B 271 23.24 -10.97 23.23
N PRO B 272 23.65 -9.83 23.82
CA PRO B 272 22.86 -8.92 24.66
C PRO B 272 22.00 -7.96 23.83
N LEU B 273 20.97 -7.36 24.44
CA LEU B 273 20.11 -6.43 23.72
C LEU B 273 20.63 -5.05 24.00
N THR B 274 20.98 -4.32 22.94
CA THR B 274 21.56 -3.00 23.05
C THR B 274 20.87 -1.96 22.17
N SER B 275 21.01 -0.69 22.56
CA SER B 275 20.52 0.41 21.74
C SER B 275 21.69 0.97 20.92
N ARG B 276 21.40 1.81 19.93
CA ARG B 276 22.44 2.41 19.10
C ARG B 276 23.37 3.29 19.92
N GLY B 277 22.81 4.02 20.87
CA GLY B 277 23.57 4.89 21.76
C GLY B 277 24.20 4.21 22.96
N SER B 278 23.67 3.04 23.37
CA SER B 278 24.23 2.31 24.53
C SER B 278 25.49 1.52 24.19
N GLN B 279 26.57 2.25 23.88
CA GLN B 279 27.87 1.67 23.59
C GLN B 279 28.65 1.56 24.91
N GLN B 280 27.97 1.15 26.00
CA GLN B 280 28.57 1.02 27.31
C GLN B 280 29.44 -0.23 27.35
N ALA B 283 28.56 -6.32 30.21
CA ALA B 283 29.23 -7.48 30.79
C ALA B 283 28.85 -8.84 30.01
N LEU B 284 27.82 -9.64 30.43
CA LEU B 284 27.34 -10.88 29.82
C LEU B 284 28.32 -12.03 29.82
N THR B 285 28.12 -12.97 30.77
CA THR B 285 28.92 -14.20 30.92
C THR B 285 28.33 -15.33 30.06
N VAL B 286 29.10 -16.41 29.81
CA VAL B 286 28.62 -17.55 29.04
C VAL B 286 27.31 -18.13 29.63
N PRO B 287 27.21 -18.37 30.95
CA PRO B 287 25.94 -18.84 31.52
C PRO B 287 24.76 -17.92 31.26
N GLU B 288 24.98 -16.57 31.36
CA GLU B 288 23.95 -15.56 31.12
C GLU B 288 23.52 -15.55 29.65
N LEU B 289 24.49 -15.64 28.71
CA LEU B 289 24.21 -15.66 27.29
C LEU B 289 23.31 -16.87 26.93
N THR B 290 23.64 -18.05 27.49
CA THR B 290 22.86 -19.25 27.22
C THR B 290 21.44 -19.17 27.73
N GLN B 291 21.25 -18.59 28.93
CA GLN B 291 19.93 -18.44 29.55
C GLN B 291 18.94 -17.71 28.64
N GLN B 292 19.42 -16.80 27.78
CA GLN B 292 18.55 -15.99 26.95
C GLN B 292 17.80 -16.74 25.85
N MET B 293 18.20 -18.00 25.58
CA MET B 293 17.56 -18.88 24.61
C MET B 293 16.07 -19.10 24.93
N PHE B 294 15.73 -19.15 26.21
CA PHE B 294 14.35 -19.35 26.64
C PHE B 294 13.64 -18.09 27.08
N ASP B 295 14.26 -16.92 26.83
CA ASP B 295 13.70 -15.66 27.23
C ASP B 295 12.93 -15.02 26.10
N ALA B 296 11.64 -14.79 26.33
CA ALA B 296 10.78 -14.14 25.36
C ALA B 296 11.27 -12.73 25.05
N LYS B 297 11.86 -12.04 26.05
CA LYS B 297 12.40 -10.68 25.92
C LYS B 297 13.59 -10.60 24.95
N ASN B 298 14.17 -11.72 24.57
CA ASN B 298 15.27 -11.76 23.63
C ASN B 298 14.89 -12.24 22.25
N MET B 299 13.63 -12.59 22.03
CA MET B 299 13.16 -13.09 20.75
C MET B 299 12.84 -11.96 19.76
N MET B 300 13.23 -12.14 18.51
CA MET B 300 12.91 -11.18 17.45
C MET B 300 11.55 -11.44 16.79
N ALA B 301 10.83 -12.48 17.24
CA ALA B 301 9.48 -12.84 16.84
C ALA B 301 8.70 -12.75 18.15
N ALA B 302 7.55 -12.08 18.17
CA ALA B 302 6.78 -11.91 19.41
C ALA B 302 6.02 -13.17 19.82
N CYS B 303 6.75 -14.16 20.27
CA CYS B 303 6.31 -15.46 20.73
C CYS B 303 7.14 -15.78 21.95
N ASP B 304 6.60 -16.62 22.82
CA ASP B 304 7.31 -17.04 24.01
C ASP B 304 7.80 -18.44 23.78
N PRO B 305 9.13 -18.68 23.82
CA PRO B 305 9.62 -20.06 23.64
C PRO B 305 9.12 -21.04 24.71
N ARG B 306 8.76 -20.53 25.90
CA ARG B 306 8.19 -21.40 26.94
C ARG B 306 6.75 -21.81 26.61
N HIS B 307 6.11 -21.18 25.61
CA HIS B 307 4.75 -21.53 25.21
C HIS B 307 4.63 -22.72 24.25
N GLY B 308 5.77 -23.21 23.76
CA GLY B 308 5.82 -24.33 22.84
C GLY B 308 7.08 -25.15 23.06
N ARG B 309 7.49 -25.88 22.03
CA ARG B 309 8.68 -26.72 22.11
C ARG B 309 9.56 -26.47 20.88
N TYR B 310 10.86 -26.55 21.10
CA TYR B 310 11.85 -26.44 20.06
C TYR B 310 11.93 -27.74 19.29
N LEU B 311 11.71 -27.69 17.98
CA LEU B 311 11.89 -28.84 17.09
C LEU B 311 13.39 -28.94 16.84
N THR B 312 14.04 -27.81 16.48
CA THR B 312 15.47 -27.72 16.24
C THR B 312 15.99 -26.34 16.69
N VAL B 313 17.27 -26.26 17.05
CA VAL B 313 17.89 -24.99 17.44
C VAL B 313 19.33 -24.94 16.96
N ALA B 314 19.74 -23.79 16.45
CA ALA B 314 21.14 -23.53 16.12
C ALA B 314 21.54 -22.35 17.05
N ALA B 315 22.57 -22.55 17.88
CA ALA B 315 23.03 -21.50 18.79
C ALA B 315 24.44 -21.07 18.37
N ILE B 316 24.65 -19.77 18.19
CA ILE B 316 25.94 -19.23 17.74
C ILE B 316 26.51 -18.24 18.74
N PHE B 317 27.65 -18.58 19.32
CA PHE B 317 28.33 -17.72 20.28
C PHE B 317 29.48 -17.01 19.60
N ARG B 318 29.64 -15.72 19.87
CA ARG B 318 30.67 -14.93 19.22
C ARG B 318 31.50 -14.12 20.21
N GLY B 319 32.79 -14.01 19.93
CA GLY B 319 33.70 -13.28 20.79
C GLY B 319 34.69 -14.20 21.47
N ARG B 320 35.58 -13.64 22.27
CA ARG B 320 36.57 -14.46 22.98
C ARG B 320 35.94 -15.09 24.21
N MET B 321 35.78 -16.41 24.17
CA MET B 321 35.19 -17.16 25.27
C MET B 321 35.63 -18.63 25.21
N SER B 322 35.47 -19.32 26.33
CA SER B 322 35.86 -20.71 26.43
C SER B 322 34.87 -21.62 25.71
N MET B 323 35.33 -22.36 24.69
CA MET B 323 34.54 -23.35 23.97
C MET B 323 34.00 -24.40 24.96
N LYS B 324 34.83 -24.81 25.93
CA LYS B 324 34.48 -25.77 26.95
C LYS B 324 33.31 -25.23 27.80
N GLU B 325 33.37 -23.95 28.18
CA GLU B 325 32.30 -23.33 28.98
C GLU B 325 31.01 -23.25 28.19
N VAL B 326 31.09 -22.94 26.90
CA VAL B 326 29.93 -22.89 26.04
C VAL B 326 29.28 -24.27 25.95
N ASP B 327 30.09 -25.31 25.72
CA ASP B 327 29.60 -26.68 25.63
C ASP B 327 28.90 -27.13 26.89
N GLU B 328 29.48 -26.79 28.05
CA GLU B 328 28.94 -27.14 29.36
C GLU B 328 27.60 -26.46 29.60
N GLN B 329 27.52 -25.17 29.28
CA GLN B 329 26.28 -24.42 29.50
C GLN B 329 25.18 -24.82 28.55
N MET B 330 25.52 -25.17 27.31
CA MET B 330 24.53 -25.63 26.35
C MET B 330 23.94 -26.95 26.76
N LEU B 331 24.76 -27.84 27.32
CA LEU B 331 24.27 -29.12 27.83
C LEU B 331 23.34 -28.87 29.02
N ASN B 332 23.76 -27.97 29.93
CA ASN B 332 22.98 -27.63 31.10
C ASN B 332 21.61 -27.04 30.72
N ILE B 333 21.57 -26.17 29.70
CA ILE B 333 20.30 -25.57 29.29
C ILE B 333 19.34 -26.64 28.74
N GLN B 334 19.82 -27.59 27.95
CA GLN B 334 18.96 -28.67 27.45
C GLN B 334 18.48 -29.58 28.58
N ASN B 335 19.38 -29.93 29.52
CA ASN B 335 19.05 -30.78 30.65
C ASN B 335 18.04 -30.13 31.60
N LYS B 336 18.25 -28.84 31.89
CA LYS B 336 17.36 -28.10 32.78
C LYS B 336 16.05 -27.68 32.13
N ASN B 337 15.95 -27.74 30.79
CA ASN B 337 14.74 -27.33 30.10
C ASN B 337 14.23 -28.40 29.17
N SER B 338 14.36 -29.67 29.56
CA SER B 338 13.94 -30.86 28.79
C SER B 338 12.55 -30.79 28.16
N SER B 339 11.57 -30.25 28.92
CA SER B 339 10.16 -30.09 28.54
C SER B 339 9.93 -29.10 27.41
N TYR B 340 10.97 -28.34 27.02
CA TYR B 340 10.81 -27.36 25.95
C TYR B 340 11.48 -27.79 24.65
N PHE B 341 11.94 -29.04 24.55
CA PHE B 341 12.54 -29.62 23.34
C PHE B 341 11.78 -30.90 23.03
N VAL B 342 11.43 -31.13 21.74
CA VAL B 342 10.74 -32.37 21.39
C VAL B 342 11.68 -33.54 21.59
N GLU B 343 11.18 -34.56 22.27
CA GLU B 343 11.97 -35.73 22.60
C GLU B 343 12.22 -36.61 21.38
N TRP B 344 11.38 -36.48 20.33
CA TRP B 344 11.48 -37.35 19.16
C TRP B 344 12.46 -36.83 18.09
N ILE B 345 13.24 -35.78 18.39
CA ILE B 345 14.33 -35.32 17.54
C ILE B 345 15.57 -35.26 18.44
N PRO B 346 16.29 -36.38 18.62
CA PRO B 346 17.47 -36.38 19.50
C PRO B 346 18.59 -35.44 19.06
N ASN B 347 19.25 -34.79 20.03
CA ASN B 347 20.37 -33.89 19.73
C ASN B 347 20.00 -32.82 18.70
N ASN B 348 18.88 -32.15 18.95
CA ASN B 348 18.36 -31.16 18.03
C ASN B 348 18.92 -29.76 18.24
N VAL B 349 19.91 -29.61 19.14
CA VAL B 349 20.52 -28.31 19.41
C VAL B 349 21.97 -28.36 19.00
N LYS B 350 22.32 -27.63 17.95
CA LYS B 350 23.68 -27.55 17.46
C LYS B 350 24.34 -26.21 17.81
N THR B 351 25.57 -26.24 18.31
CA THR B 351 26.26 -25.03 18.74
C THR B 351 27.52 -24.69 17.92
N ALA B 352 27.71 -23.42 17.63
CA ALA B 352 28.88 -22.95 16.93
C ALA B 352 29.51 -21.77 17.72
N VAL B 353 30.84 -21.64 17.65
CA VAL B 353 31.56 -20.55 18.32
C VAL B 353 32.48 -19.86 17.32
N CYS B 354 32.39 -18.55 17.19
CA CYS B 354 33.24 -17.78 16.28
C CYS B 354 34.02 -16.73 17.08
N ASP B 355 35.32 -16.58 16.84
CA ASP B 355 36.14 -15.59 17.55
C ASP B 355 35.76 -14.15 17.29
N ILE B 356 35.27 -13.86 16.10
CA ILE B 356 34.90 -12.50 15.71
C ILE B 356 33.55 -12.12 16.25
N PRO B 357 33.49 -11.16 17.18
CA PRO B 357 32.19 -10.73 17.69
C PRO B 357 31.50 -9.76 16.72
N PRO B 358 30.17 -9.55 16.83
CA PRO B 358 29.52 -8.59 15.93
C PRO B 358 30.00 -7.18 16.22
N ARG B 359 29.85 -6.27 15.26
CA ARG B 359 30.29 -4.90 15.41
C ARG B 359 29.70 -4.22 16.66
N GLY B 360 30.58 -3.62 17.47
CA GLY B 360 30.15 -2.93 18.67
C GLY B 360 30.01 -3.76 19.92
N LEU B 361 30.17 -5.08 19.81
CA LEU B 361 30.06 -5.96 20.97
C LEU B 361 31.34 -6.74 21.20
N LYS B 362 31.55 -7.19 22.46
CA LYS B 362 32.69 -8.01 22.88
C LYS B 362 32.29 -9.47 22.92
N MET B 363 31.02 -9.77 23.24
CA MET B 363 30.50 -11.14 23.32
C MET B 363 29.03 -11.13 22.97
N SER B 364 28.55 -12.19 22.33
CA SER B 364 27.13 -12.28 21.95
C SER B 364 26.68 -13.71 21.69
N ALA B 365 25.36 -13.92 21.64
CA ALA B 365 24.80 -15.20 21.32
C ALA B 365 23.57 -15.00 20.43
N THR B 366 23.47 -15.80 19.38
CA THR B 366 22.34 -15.74 18.47
C THR B 366 21.68 -17.10 18.43
N PHE B 367 20.37 -17.13 18.50
CA PHE B 367 19.62 -18.37 18.48
C PHE B 367 18.72 -18.41 17.27
N ILE B 368 18.78 -19.48 16.54
CA ILE B 368 17.91 -19.70 15.39
C ILE B 368 17.08 -20.87 15.84
N GLY B 369 15.84 -20.60 16.19
CA GLY B 369 14.97 -21.66 16.67
C GLY B 369 13.80 -22.00 15.79
N ASN B 370 13.54 -23.28 15.66
CA ASN B 370 12.37 -23.75 14.98
C ASN B 370 11.43 -24.21 16.11
N SER B 371 10.70 -23.27 16.69
CA SER B 371 9.81 -23.54 17.81
C SER B 371 8.37 -23.61 17.36
N THR B 372 7.60 -24.53 17.95
CA THR B 372 6.16 -24.58 17.69
C THR B 372 5.44 -23.34 18.30
N ALA B 373 6.13 -22.51 19.13
CA ALA B 373 5.56 -21.29 19.66
C ALA B 373 5.34 -20.22 18.57
N ILE B 374 6.01 -20.36 17.41
CA ILE B 374 5.84 -19.46 16.29
C ILE B 374 4.40 -19.39 15.82
N GLN B 375 3.58 -20.38 16.16
CA GLN B 375 2.15 -20.35 15.85
C GLN B 375 1.47 -19.11 16.48
N GLU B 376 2.04 -18.54 17.56
CA GLU B 376 1.44 -17.32 18.17
C GLU B 376 1.54 -16.13 17.24
N LEU B 377 2.63 -16.04 16.48
CA LEU B 377 2.80 -14.97 15.52
C LEU B 377 1.74 -15.08 14.42
N PHE B 378 1.52 -16.30 13.90
CA PHE B 378 0.55 -16.53 12.83
C PHE B 378 -0.88 -16.34 13.29
N LYS B 379 -1.16 -16.72 14.54
CA LYS B 379 -2.47 -16.52 15.14
C LYS B 379 -2.80 -15.03 15.25
N ARG B 380 -1.81 -14.22 15.64
CA ARG B 380 -2.00 -12.78 15.79
C ARG B 380 -2.35 -12.14 14.44
N ILE B 381 -1.60 -12.50 13.37
CA ILE B 381 -1.87 -12.02 12.02
C ILE B 381 -3.26 -12.46 11.58
N SER B 382 -3.58 -13.73 11.81
CA SER B 382 -4.86 -14.31 11.45
C SER B 382 -6.03 -13.59 12.10
N GLU B 383 -5.90 -13.23 13.39
CA GLU B 383 -6.98 -12.52 14.08
C GLU B 383 -7.19 -11.12 13.47
N GLN B 384 -6.07 -10.43 13.17
CA GLN B 384 -6.16 -9.11 12.54
C GLN B 384 -6.77 -9.21 11.15
N PHE B 385 -6.40 -10.26 10.41
CA PHE B 385 -6.94 -10.52 9.09
C PHE B 385 -8.45 -10.74 9.15
N THR B 386 -8.91 -11.63 10.04
CA THR B 386 -10.31 -11.99 10.18
C THR B 386 -11.17 -10.80 10.55
N ALA B 387 -10.69 -9.96 11.47
CA ALA B 387 -11.43 -8.77 11.90
C ALA B 387 -11.76 -7.84 10.71
N MET B 388 -10.87 -7.78 9.71
CA MET B 388 -11.08 -6.95 8.53
C MET B 388 -11.90 -7.68 7.48
N PHE B 389 -11.50 -8.92 7.18
CA PHE B 389 -12.09 -9.74 6.13
C PHE B 389 -13.53 -10.11 6.38
N ARG B 390 -13.91 -10.24 7.66
CA ARG B 390 -15.27 -10.53 8.09
C ARG B 390 -16.23 -9.45 7.56
N ARG B 391 -15.76 -8.19 7.48
CA ARG B 391 -16.54 -7.07 6.94
C ARG B 391 -16.14 -6.67 5.50
N LYS B 392 -15.26 -7.43 4.88
CA LYS B 392 -14.72 -7.18 3.55
C LYS B 392 -14.15 -5.78 3.42
N ALA B 393 -13.56 -5.24 4.51
CA ALA B 393 -13.05 -3.87 4.51
C ALA B 393 -11.85 -3.75 3.58
N PHE B 394 -11.78 -2.70 2.77
CA PHE B 394 -10.66 -2.45 1.84
C PHE B 394 -10.48 -3.48 0.78
N LEU B 395 -11.41 -4.42 0.63
CA LEU B 395 -11.27 -5.50 -0.33
C LEU B 395 -11.32 -5.03 -1.77
N HIS B 396 -12.08 -3.95 -2.05
CA HIS B 396 -12.21 -3.44 -3.41
C HIS B 396 -10.87 -3.02 -4.01
N TRP B 397 -9.88 -2.66 -3.17
CA TRP B 397 -8.56 -2.32 -3.69
C TRP B 397 -7.81 -3.53 -4.23
N TYR B 398 -8.19 -4.73 -3.83
CA TYR B 398 -7.55 -5.97 -4.27
C TYR B 398 -8.31 -6.61 -5.42
N THR B 399 -9.64 -6.71 -5.29
CA THR B 399 -10.47 -7.22 -6.39
C THR B 399 -10.37 -6.30 -7.63
N GLY B 400 -10.14 -5.00 -7.41
CA GLY B 400 -9.92 -4.04 -8.47
C GLY B 400 -8.69 -4.35 -9.31
N GLU B 401 -7.70 -5.03 -8.73
CA GLU B 401 -6.49 -5.47 -9.43
C GLU B 401 -6.68 -6.84 -10.16
N GLY B 402 -7.86 -7.43 -10.06
CA GLY B 402 -8.17 -8.68 -10.72
C GLY B 402 -8.25 -9.87 -9.79
N MET B 403 -7.97 -9.67 -8.49
CA MET B 403 -8.00 -10.77 -7.52
C MET B 403 -9.42 -11.21 -7.23
N ASP B 404 -9.56 -12.46 -6.82
CA ASP B 404 -10.85 -12.99 -6.40
C ASP B 404 -10.81 -13.14 -4.88
N GLU B 405 -11.97 -13.03 -4.26
CA GLU B 405 -12.14 -13.19 -2.83
C GLU B 405 -11.68 -14.59 -2.34
N MET B 406 -11.74 -15.60 -3.24
CA MET B 406 -11.33 -16.97 -2.97
C MET B 406 -9.83 -17.05 -2.62
N GLU B 407 -9.00 -16.19 -3.22
CA GLU B 407 -7.58 -16.12 -2.90
C GLU B 407 -7.37 -15.73 -1.45
N PHE B 408 -8.21 -14.84 -0.92
CA PHE B 408 -8.11 -14.40 0.46
C PHE B 408 -8.43 -15.56 1.38
N THR B 409 -9.55 -16.25 1.09
CA THR B 409 -10.00 -17.39 1.88
C THR B 409 -8.95 -18.50 1.87
N GLU B 410 -8.34 -18.75 0.71
CA GLU B 410 -7.31 -19.76 0.57
C GLU B 410 -6.05 -19.42 1.32
N ALA B 411 -5.56 -18.17 1.23
CA ALA B 411 -4.38 -17.74 1.97
C ALA B 411 -4.62 -17.86 3.49
N GLU B 412 -5.81 -17.46 3.96
CA GLU B 412 -6.17 -17.54 5.37
C GLU B 412 -6.21 -19.00 5.83
N SER B 413 -6.79 -19.88 5.01
CA SER B 413 -6.94 -21.30 5.31
C SER B 413 -5.57 -21.96 5.43
N ASN B 414 -4.65 -21.63 4.53
CA ASN B 414 -3.32 -22.21 4.53
C ASN B 414 -2.54 -21.79 5.77
N MET B 415 -2.67 -20.53 6.18
CA MET B 415 -2.01 -20.03 7.37
C MET B 415 -2.62 -20.63 8.63
N ASN B 416 -3.96 -20.85 8.65
CA ASN B 416 -4.59 -21.52 9.78
C ASN B 416 -4.12 -23.00 9.85
N ASP B 417 -3.88 -23.63 8.68
CA ASP B 417 -3.37 -25.00 8.59
C ASP B 417 -1.95 -25.08 9.13
N LEU B 418 -1.13 -24.06 8.83
CA LEU B 418 0.22 -23.95 9.33
C LEU B 418 0.23 -23.92 10.86
N VAL B 419 -0.70 -23.19 11.47
CA VAL B 419 -0.85 -23.12 12.93
C VAL B 419 -1.19 -24.50 13.47
N SER B 420 -2.16 -25.18 12.85
CA SER B 420 -2.57 -26.52 13.30
C SER B 420 -1.43 -27.51 13.25
N GLU B 421 -0.60 -27.41 12.20
CA GLU B 421 0.54 -28.28 12.03
C GLU B 421 1.55 -28.10 13.16
N TYR B 422 1.86 -26.85 13.54
CA TYR B 422 2.76 -26.59 14.67
C TYR B 422 2.20 -27.15 15.96
N GLN B 423 0.90 -26.97 16.16
CA GLN B 423 0.23 -27.46 17.37
C GLN B 423 0.26 -28.98 17.42
N GLN B 424 0.13 -29.64 16.26
CA GLN B 424 0.14 -31.10 16.17
C GLN B 424 1.49 -31.63 16.66
N TYR B 425 2.60 -31.03 16.22
CA TYR B 425 3.93 -31.47 16.64
C TYR B 425 4.29 -31.02 18.04
N GLN B 426 3.67 -29.96 18.53
CA GLN B 426 3.86 -29.51 19.91
C GLN B 426 3.27 -30.55 20.86
N GLU B 427 2.11 -31.12 20.50
CA GLU B 427 1.41 -32.13 21.30
C GLU B 427 1.93 -33.54 21.07
N ALA B 428 2.70 -33.78 19.99
CA ALA B 428 3.23 -35.09 19.68
C ALA B 428 4.17 -35.60 20.74
N THR B 429 4.02 -36.86 21.09
CA THR B 429 4.85 -37.50 22.10
C THR B 429 5.69 -38.57 21.47
N ALA B 430 6.78 -38.98 22.13
CA ALA B 430 7.63 -40.06 21.63
C ALA B 430 6.94 -41.45 21.65
N ASP B 431 5.66 -41.50 21.99
CA ASP B 431 4.87 -42.72 22.02
C ASP B 431 3.64 -42.44 21.13
N GLU B 432 3.92 -42.16 19.83
CA GLU B 432 2.97 -41.80 18.76
C GLU B 432 1.82 -42.79 18.60
N MET C 1 7.24 12.17 -14.72
CA MET C 1 6.84 11.02 -13.91
C MET C 1 5.78 11.38 -12.91
N ARG C 2 4.97 10.38 -12.49
CA ARG C 2 3.97 10.48 -11.41
C ARG C 2 3.12 11.77 -11.48
N GLU C 3 2.73 12.19 -12.68
CA GLU C 3 2.02 13.45 -12.88
C GLU C 3 0.60 13.45 -12.38
N CYS C 4 0.15 14.60 -11.91
CA CYS C 4 -1.23 14.81 -11.50
C CYS C 4 -1.80 15.96 -12.34
N ILE C 5 -3.02 15.78 -12.89
CA ILE C 5 -3.68 16.82 -13.67
C ILE C 5 -4.79 17.46 -12.84
N SER C 6 -4.72 18.79 -12.64
CA SER C 6 -5.75 19.49 -11.85
C SER C 6 -6.82 20.10 -12.76
N ILE C 7 -8.09 19.93 -12.42
CA ILE C 7 -9.18 20.48 -13.18
C ILE C 7 -10.00 21.36 -12.26
N HIS C 8 -10.08 22.66 -12.57
CA HIS C 8 -10.81 23.64 -11.77
C HIS C 8 -12.08 24.02 -12.47
N VAL C 9 -13.21 23.68 -11.87
CA VAL C 9 -14.54 23.87 -12.49
C VAL C 9 -15.42 24.91 -11.78
N GLY C 10 -15.94 25.88 -12.55
CA GLY C 10 -16.82 26.91 -12.02
C GLY C 10 -16.07 27.95 -11.21
N GLN C 11 -16.81 28.94 -10.67
CA GLN C 11 -16.18 30.01 -9.91
C GLN C 11 -15.40 29.52 -8.71
N ALA C 12 -16.02 28.64 -7.90
CA ALA C 12 -15.34 28.14 -6.71
C ALA C 12 -14.06 27.37 -7.06
N GLY C 13 -14.14 26.49 -8.04
CA GLY C 13 -13.00 25.70 -8.47
C GLY C 13 -11.90 26.56 -9.04
N VAL C 14 -12.26 27.57 -9.83
CA VAL C 14 -11.28 28.46 -10.45
C VAL C 14 -10.61 29.38 -9.43
N GLN C 15 -11.40 29.97 -8.52
CA GLN C 15 -10.86 30.89 -7.53
C GLN C 15 -9.99 30.18 -6.53
N ILE C 16 -10.36 28.94 -6.17
CA ILE C 16 -9.53 28.12 -5.30
C ILE C 16 -8.27 27.70 -6.07
N GLY C 17 -8.40 27.46 -7.37
CA GLY C 17 -7.26 27.16 -8.24
C GLY C 17 -6.27 28.30 -8.27
N ASN C 18 -6.75 29.55 -8.29
CA ASN C 18 -5.87 30.71 -8.27
C ASN C 18 -5.02 30.73 -7.02
N ALA C 19 -5.65 30.48 -5.85
CA ALA C 19 -4.99 30.48 -4.57
C ALA C 19 -3.97 29.34 -4.48
N CYS C 20 -4.33 28.14 -4.98
CA CYS C 20 -3.45 26.98 -4.96
C CYS C 20 -2.21 27.21 -5.80
N TRP C 21 -2.37 27.57 -7.08
CA TRP C 21 -1.24 27.72 -7.98
C TRP C 21 -0.35 28.91 -7.62
N GLU C 22 -0.91 29.94 -6.98
CA GLU C 22 -0.10 31.05 -6.46
C GLU C 22 0.81 30.51 -5.36
N LEU C 23 0.23 29.71 -4.47
CA LEU C 23 0.97 29.13 -3.37
C LEU C 23 2.03 28.14 -3.84
N TYR C 24 1.69 27.29 -4.83
CA TYR C 24 2.67 26.32 -5.36
C TYR C 24 3.87 27.04 -5.94
N CYS C 25 3.65 28.12 -6.70
CA CYS C 25 4.73 28.92 -7.28
C CYS C 25 5.65 29.47 -6.18
N LEU C 26 5.06 30.00 -5.11
CA LEU C 26 5.83 30.53 -3.99
C LEU C 26 6.63 29.42 -3.29
N GLU C 27 6.03 28.22 -3.16
CA GLU C 27 6.67 27.08 -2.51
C GLU C 27 7.81 26.52 -3.33
N HIS C 28 7.69 26.57 -4.65
CA HIS C 28 8.72 26.01 -5.53
C HIS C 28 9.67 27.04 -6.12
N GLY C 29 9.51 28.32 -5.80
CA GLY C 29 10.36 29.35 -6.35
C GLY C 29 10.11 29.65 -7.81
N ILE C 30 8.88 29.40 -8.27
CA ILE C 30 8.49 29.68 -9.65
C ILE C 30 7.91 31.09 -9.70
N GLN C 31 8.43 31.91 -10.60
CA GLN C 31 7.95 33.28 -10.78
C GLN C 31 6.64 33.28 -11.57
N PRO C 32 5.86 34.37 -11.52
CA PRO C 32 4.60 34.41 -12.26
C PRO C 32 4.78 34.21 -13.77
N ASP C 33 5.97 34.44 -14.32
CA ASP C 33 6.21 34.20 -15.75
C ASP C 33 6.58 32.73 -16.07
N GLY C 34 6.67 31.89 -15.05
CA GLY C 34 7.00 30.49 -15.24
C GLY C 34 8.47 30.16 -15.05
N GLN C 35 9.32 31.18 -14.93
CA GLN C 35 10.74 30.98 -14.76
C GLN C 35 11.10 30.57 -13.34
N MET C 36 12.14 29.78 -13.21
CA MET C 36 12.59 29.31 -11.91
C MET C 36 14.12 29.31 -11.89
N PRO C 37 14.72 30.32 -11.23
CA PRO C 37 16.19 30.44 -11.25
C PRO C 37 16.99 29.35 -10.52
N ASP C 46 14.76 20.41 -5.61
CA ASP C 46 14.15 19.11 -5.35
C ASP C 46 14.05 18.26 -6.63
N ASP C 47 13.00 18.51 -7.50
CA ASP C 47 12.65 17.86 -8.77
C ASP C 47 11.22 17.29 -8.80
N SER C 48 10.64 17.01 -7.61
CA SER C 48 9.30 16.47 -7.46
C SER C 48 8.19 17.41 -7.93
N PHE C 49 8.48 18.71 -8.04
CA PHE C 49 7.50 19.68 -8.53
C PHE C 49 7.03 19.38 -9.97
N ASN C 50 7.77 18.55 -10.71
CA ASN C 50 7.38 18.16 -12.07
C ASN C 50 6.09 17.34 -12.11
N THR C 51 5.63 16.82 -10.97
CA THR C 51 4.36 16.12 -10.92
C THR C 51 3.19 17.09 -11.22
N PHE C 52 3.36 18.39 -10.88
CA PHE C 52 2.36 19.42 -11.10
C PHE C 52 2.73 20.42 -12.18
N PHE C 53 4.00 20.47 -12.56
CA PHE C 53 4.45 21.41 -13.58
C PHE C 53 5.20 20.73 -14.69
N SER C 54 4.80 21.00 -15.93
CA SER C 54 5.56 20.55 -17.09
C SER C 54 6.61 21.62 -17.39
N GLU C 55 7.58 21.32 -18.27
CA GLU C 55 8.58 22.31 -18.66
C GLU C 55 8.60 22.47 -20.16
N THR C 56 8.73 23.72 -20.63
CA THR C 56 8.83 23.98 -22.07
C THR C 56 10.31 24.10 -22.45
N GLY C 57 10.64 24.06 -23.75
CA GLY C 57 12.02 24.21 -24.20
C GLY C 57 12.68 25.49 -23.71
N ALA C 58 11.87 26.54 -23.54
CA ALA C 58 12.34 27.85 -23.06
C ALA C 58 12.58 27.91 -21.54
N GLY C 59 12.40 26.80 -20.82
CA GLY C 59 12.62 26.73 -19.37
C GLY C 59 11.44 27.19 -18.52
N LYS C 60 10.29 27.38 -19.15
CA LYS C 60 9.09 27.84 -18.48
C LYS C 60 8.41 26.64 -17.82
N HIS C 61 7.97 26.82 -16.58
CA HIS C 61 7.29 25.77 -15.84
C HIS C 61 5.80 26.07 -15.91
N VAL C 62 5.03 25.17 -16.51
CA VAL C 62 3.60 25.40 -16.75
C VAL C 62 2.70 24.39 -16.00
N PRO C 63 1.73 24.89 -15.20
CA PRO C 63 0.84 23.98 -14.47
C PRO C 63 0.17 22.91 -15.32
N ARG C 64 0.08 21.68 -14.80
CA ARG C 64 -0.64 20.60 -15.45
C ARG C 64 -2.09 20.80 -15.00
N ALA C 65 -2.72 21.85 -15.49
CA ALA C 65 -4.04 22.24 -15.05
C ALA C 65 -4.92 22.75 -16.16
N VAL C 66 -6.24 22.60 -15.99
CA VAL C 66 -7.26 23.14 -16.89
C VAL C 66 -8.26 23.91 -16.03
N PHE C 67 -8.58 25.14 -16.42
CA PHE C 67 -9.55 25.97 -15.74
C PHE C 67 -10.75 26.03 -16.66
N VAL C 68 -11.91 25.62 -16.18
CA VAL C 68 -13.12 25.60 -16.97
C VAL C 68 -14.27 26.30 -16.26
N ASP C 69 -14.99 27.13 -16.98
CA ASP C 69 -16.19 27.79 -16.49
C ASP C 69 -17.12 28.05 -17.67
N LEU C 70 -18.44 28.02 -17.46
CA LEU C 70 -19.37 28.25 -18.56
C LEU C 70 -19.61 29.73 -18.89
N GLU C 71 -19.13 30.64 -18.05
CA GLU C 71 -19.15 32.09 -18.18
C GLU C 71 -17.67 32.54 -18.13
N PRO C 72 -17.29 33.63 -18.82
CA PRO C 72 -15.87 33.98 -18.86
C PRO C 72 -15.32 34.89 -17.76
N THR C 73 -16.14 35.52 -16.97
CA THR C 73 -15.77 36.55 -15.98
C THR C 73 -14.64 36.19 -15.01
N VAL C 74 -14.72 35.02 -14.40
CA VAL C 74 -13.79 34.61 -13.38
C VAL C 74 -12.45 34.19 -13.97
N VAL C 75 -12.50 33.38 -15.02
CA VAL C 75 -11.29 32.96 -15.70
C VAL C 75 -10.63 34.15 -16.40
N ASP C 76 -11.40 35.18 -16.76
CA ASP C 76 -10.85 36.41 -17.35
C ASP C 76 -9.91 37.11 -16.40
N GLU C 77 -10.14 37.01 -15.09
CA GLU C 77 -9.25 37.59 -14.10
C GLU C 77 -7.90 36.86 -14.13
N VAL C 78 -7.90 35.54 -14.38
CA VAL C 78 -6.68 34.73 -14.49
C VAL C 78 -5.95 35.15 -15.78
N ARG C 79 -6.71 35.33 -16.88
CA ARG C 79 -6.18 35.72 -18.20
C ARG C 79 -5.53 37.06 -18.24
N THR C 80 -5.93 37.97 -17.36
CA THR C 80 -5.37 39.33 -17.30
C THR C 80 -4.63 39.63 -15.97
N GLY C 81 -4.57 38.66 -15.07
CA GLY C 81 -3.95 38.84 -13.77
C GLY C 81 -2.45 38.69 -13.73
N THR C 82 -1.93 38.54 -12.51
CA THR C 82 -0.51 38.39 -12.21
C THR C 82 0.10 37.15 -12.87
N TYR C 83 -0.68 36.07 -12.91
CA TYR C 83 -0.22 34.80 -13.44
C TYR C 83 -0.68 34.48 -14.84
N ARG C 84 -0.94 35.49 -15.66
CA ARG C 84 -1.42 35.29 -17.02
C ARG C 84 -0.39 34.59 -17.92
N GLN C 85 0.89 34.78 -17.65
CA GLN C 85 1.95 34.09 -18.42
C GLN C 85 2.19 32.65 -17.95
N LEU C 86 1.70 32.30 -16.75
CA LEU C 86 1.87 30.98 -16.20
C LEU C 86 1.14 29.94 -17.01
N PHE C 87 -0.09 30.26 -17.41
CA PHE C 87 -0.92 29.34 -18.14
C PHE C 87 -0.95 29.69 -19.60
N HIS C 88 -0.92 28.67 -20.46
CA HIS C 88 -1.10 28.90 -21.88
C HIS C 88 -2.60 29.16 -22.08
N PRO C 89 -2.97 30.10 -22.96
CA PRO C 89 -4.39 30.42 -23.15
C PRO C 89 -5.32 29.23 -23.36
N GLU C 90 -4.80 28.18 -23.98
CA GLU C 90 -5.50 26.94 -24.29
C GLU C 90 -5.98 26.22 -23.05
N GLN C 91 -5.29 26.38 -21.89
CA GLN C 91 -5.75 25.68 -20.69
C GLN C 91 -6.79 26.48 -19.88
N LEU C 92 -7.13 27.71 -20.31
CA LEU C 92 -8.16 28.50 -19.65
C LEU C 92 -9.36 28.55 -20.57
N ILE C 93 -10.35 27.71 -20.30
CA ILE C 93 -11.50 27.47 -21.16
C ILE C 93 -12.78 28.02 -20.60
N THR C 94 -13.46 28.86 -21.41
CA THR C 94 -14.71 29.47 -21.00
C THR C 94 -15.73 29.51 -22.11
N GLY C 95 -16.99 29.43 -21.74
CA GLY C 95 -18.10 29.60 -22.66
C GLY C 95 -18.65 31.02 -22.56
N LYS C 96 -19.90 31.22 -22.97
CA LYS C 96 -20.49 32.58 -22.92
C LYS C 96 -21.55 32.73 -21.87
N GLU C 97 -22.29 31.70 -21.59
CA GLU C 97 -23.45 31.76 -20.69
C GLU C 97 -23.30 30.72 -19.60
N ASP C 98 -23.53 31.08 -18.33
CA ASP C 98 -23.35 30.12 -17.26
C ASP C 98 -24.57 29.18 -17.09
N ALA C 99 -24.53 28.30 -16.12
CA ALA C 99 -25.58 27.34 -15.86
C ALA C 99 -26.70 27.90 -14.98
N ALA C 100 -26.65 29.20 -14.61
CA ALA C 100 -27.66 29.86 -13.80
C ALA C 100 -28.07 29.07 -12.56
N ASN C 101 -27.07 28.56 -11.81
CA ASN C 101 -27.29 27.80 -10.58
C ASN C 101 -28.19 26.58 -10.79
N ASN C 102 -28.16 26.01 -11.99
CA ASN C 102 -29.01 24.90 -12.37
C ASN C 102 -28.16 23.74 -12.89
N TYR C 103 -28.17 22.63 -12.12
CA TYR C 103 -27.48 21.40 -12.45
C TYR C 103 -27.78 20.96 -13.90
N ALA C 104 -29.07 21.04 -14.31
CA ALA C 104 -29.51 20.61 -15.65
C ALA C 104 -28.80 21.37 -16.78
N ARG C 105 -28.56 22.67 -16.59
CA ARG C 105 -27.87 23.48 -17.57
C ARG C 105 -26.40 23.16 -17.62
N GLY C 106 -25.79 22.92 -16.46
CA GLY C 106 -24.38 22.57 -16.40
C GLY C 106 -24.13 21.19 -17.01
N HIS C 107 -25.09 20.26 -16.81
CA HIS C 107 -24.92 18.90 -17.27
C HIS C 107 -25.39 18.68 -18.69
N TYR C 108 -26.45 19.35 -19.07
CA TYR C 108 -26.99 19.12 -20.39
C TYR C 108 -26.91 20.35 -21.28
N THR C 109 -27.92 21.20 -21.23
CA THR C 109 -28.11 22.36 -22.08
C THR C 109 -26.82 23.16 -22.42
N ILE C 110 -26.14 23.71 -21.41
CA ILE C 110 -24.96 24.52 -21.63
C ILE C 110 -23.65 23.70 -21.66
N GLY C 111 -23.49 22.77 -20.70
CA GLY C 111 -22.28 21.95 -20.59
C GLY C 111 -21.93 21.10 -21.79
N LYS C 112 -22.94 20.53 -22.46
CA LYS C 112 -22.72 19.71 -23.64
C LYS C 112 -22.03 20.46 -24.77
N GLU C 113 -22.17 21.79 -24.83
CA GLU C 113 -21.52 22.56 -25.88
C GLU C 113 -20.02 22.77 -25.68
N ILE C 114 -19.51 22.52 -24.49
CA ILE C 114 -18.09 22.75 -24.21
C ILE C 114 -17.33 21.51 -23.72
N VAL C 115 -18.01 20.38 -23.48
CA VAL C 115 -17.33 19.17 -22.98
C VAL C 115 -16.23 18.69 -23.88
N ASP C 116 -16.51 18.63 -25.18
CA ASP C 116 -15.53 18.07 -26.11
C ASP C 116 -14.24 18.85 -26.12
N LEU C 117 -14.36 20.19 -26.06
CA LEU C 117 -13.23 21.09 -26.01
C LEU C 117 -12.40 20.84 -24.74
N VAL C 118 -13.08 20.70 -23.59
CA VAL C 118 -12.41 20.44 -22.31
C VAL C 118 -11.66 19.11 -22.33
N LEU C 119 -12.32 18.05 -22.78
CA LEU C 119 -11.72 16.75 -22.88
C LEU C 119 -10.51 16.73 -23.82
N ASP C 120 -10.56 17.49 -24.91
CA ASP C 120 -9.46 17.59 -25.86
C ASP C 120 -8.24 18.19 -25.17
N ARG C 121 -8.47 19.24 -24.37
CA ARG C 121 -7.39 19.89 -23.66
C ARG C 121 -6.82 19.00 -22.57
N ILE C 122 -7.68 18.22 -21.88
CA ILE C 122 -7.21 17.27 -20.88
C ILE C 122 -6.37 16.16 -21.53
N ARG C 123 -6.81 15.69 -22.69
CA ARG C 123 -6.07 14.68 -23.45
C ARG C 123 -4.68 15.21 -23.83
N LYS C 124 -4.59 16.48 -24.22
CA LYS C 124 -3.31 17.10 -24.55
C LYS C 124 -2.38 17.15 -23.34
N LEU C 125 -2.93 17.37 -22.13
CA LEU C 125 -2.11 17.36 -20.92
C LEU C 125 -1.69 15.92 -20.58
N ALA C 126 -2.61 14.95 -20.72
CA ALA C 126 -2.33 13.54 -20.45
C ALA C 126 -1.26 12.98 -21.39
N ASP C 127 -1.23 13.47 -22.63
CA ASP C 127 -0.23 13.08 -23.61
C ASP C 127 1.18 13.50 -23.16
N GLN C 128 1.29 14.57 -22.37
CA GLN C 128 2.58 15.03 -21.85
C GLN C 128 2.99 14.30 -20.54
N CYS C 129 2.22 13.31 -20.10
CA CYS C 129 2.50 12.54 -18.89
C CYS C 129 3.05 11.19 -19.24
N THR C 130 4.15 10.80 -18.59
CA THR C 130 4.75 9.49 -18.76
C THR C 130 4.25 8.49 -17.69
N GLY C 131 3.65 8.98 -16.61
CA GLY C 131 3.14 8.16 -15.52
C GLY C 131 2.00 8.85 -14.80
N LEU C 132 0.93 9.20 -15.55
CA LEU C 132 -0.24 9.87 -15.00
C LEU C 132 -0.85 9.12 -13.82
N GLN C 133 -0.78 9.74 -12.61
CA GLN C 133 -1.32 9.21 -11.34
C GLN C 133 -2.83 9.33 -11.37
N GLY C 134 -3.33 10.52 -11.75
CA GLY C 134 -4.76 10.76 -11.79
C GLY C 134 -5.14 12.22 -11.92
N PHE C 135 -6.40 12.50 -11.59
CA PHE C 135 -6.95 13.82 -11.70
C PHE C 135 -7.44 14.32 -10.35
N LEU C 136 -7.27 15.63 -10.12
CA LEU C 136 -7.74 16.31 -8.95
C LEU C 136 -8.75 17.31 -9.47
N ILE C 137 -10.04 17.16 -9.14
CA ILE C 137 -11.10 18.02 -9.64
C ILE C 137 -11.66 18.93 -8.54
N PHE C 138 -11.57 20.25 -8.75
CA PHE C 138 -12.00 21.27 -7.80
C PHE C 138 -13.28 21.88 -8.30
N HIS C 139 -14.30 21.91 -7.44
CA HIS C 139 -15.61 22.44 -7.82
C HIS C 139 -16.50 22.64 -6.58
N SER C 140 -17.56 23.44 -6.72
CA SER C 140 -18.53 23.57 -5.64
C SER C 140 -19.62 22.53 -5.87
N PHE C 141 -20.38 22.22 -4.84
CA PHE C 141 -21.54 21.35 -4.98
C PHE C 141 -22.76 22.20 -5.44
N GLY C 142 -22.80 23.48 -5.04
CA GLY C 142 -23.94 24.35 -5.22
C GLY C 142 -24.17 25.06 -6.53
N GLY C 143 -23.10 25.40 -7.24
CA GLY C 143 -23.24 26.08 -8.52
C GLY C 143 -23.77 25.17 -9.62
N GLY C 144 -24.31 25.75 -10.68
CA GLY C 144 -24.80 24.98 -11.82
C GLY C 144 -23.66 24.33 -12.58
N THR C 145 -22.52 25.05 -12.70
CA THR C 145 -21.35 24.54 -13.39
C THR C 145 -20.59 23.56 -12.47
N GLY C 146 -20.34 23.97 -11.24
CA GLY C 146 -19.67 23.13 -10.24
C GLY C 146 -20.38 21.81 -10.01
N SER C 147 -21.72 21.80 -10.05
CA SER C 147 -22.48 20.56 -9.90
C SER C 147 -22.69 19.82 -11.24
N GLY C 148 -23.34 20.46 -12.20
CA GLY C 148 -23.69 19.82 -13.45
C GLY C 148 -22.57 19.56 -14.43
N PHE C 149 -21.66 20.51 -14.64
CA PHE C 149 -20.56 20.30 -15.59
C PHE C 149 -19.56 19.32 -15.01
N THR C 150 -19.29 19.39 -13.69
CA THR C 150 -18.36 18.45 -13.05
C THR C 150 -18.84 17.01 -13.18
N SER C 151 -20.14 16.74 -12.96
CA SER C 151 -20.71 15.39 -13.09
C SER C 151 -20.55 14.86 -14.51
N LEU C 152 -20.81 15.72 -15.50
CA LEU C 152 -20.68 15.36 -16.91
C LEU C 152 -19.21 15.07 -17.24
N LEU C 153 -18.30 15.89 -16.73
CA LEU C 153 -16.88 15.74 -16.94
C LEU C 153 -16.39 14.43 -16.32
N MET C 154 -16.83 14.15 -15.10
CA MET C 154 -16.39 12.93 -14.41
C MET C 154 -16.83 11.67 -15.13
N GLU C 155 -18.06 11.67 -15.68
CA GLU C 155 -18.59 10.57 -16.48
C GLU C 155 -17.76 10.36 -17.74
N ARG C 156 -17.39 11.46 -18.45
CA ARG C 156 -16.58 11.43 -19.67
C ARG C 156 -15.14 11.01 -19.39
N LEU C 157 -14.61 11.36 -18.20
CA LEU C 157 -13.27 10.96 -17.78
C LEU C 157 -13.21 9.48 -17.49
N SER C 158 -14.30 8.90 -16.95
CA SER C 158 -14.37 7.46 -16.73
C SER C 158 -14.40 6.70 -18.08
N VAL C 159 -14.98 7.32 -19.13
CA VAL C 159 -15.01 6.71 -20.45
C VAL C 159 -13.62 6.76 -21.07
N ASP C 160 -12.97 7.91 -21.07
CA ASP C 160 -11.67 8.09 -21.70
C ASP C 160 -10.49 7.55 -20.91
N TYR C 161 -10.61 7.46 -19.60
CA TYR C 161 -9.49 7.01 -18.75
C TYR C 161 -9.84 5.84 -17.84
N GLY C 162 -10.99 5.22 -18.02
CA GLY C 162 -11.40 4.09 -17.22
C GLY C 162 -11.33 4.32 -15.73
N LYS C 163 -10.60 3.44 -15.02
CA LYS C 163 -10.45 3.51 -13.58
C LYS C 163 -9.33 4.41 -13.12
N LYS C 164 -8.65 5.16 -14.01
CA LYS C 164 -7.60 6.13 -13.57
C LYS C 164 -8.15 7.00 -12.40
N SER C 165 -7.37 7.12 -11.33
CA SER C 165 -7.80 7.81 -10.13
C SER C 165 -8.37 9.20 -10.35
N LYS C 166 -9.54 9.50 -9.75
CA LYS C 166 -10.17 10.80 -9.79
C LYS C 166 -10.52 11.22 -8.37
N LEU C 167 -9.83 12.26 -7.88
CA LEU C 167 -10.03 12.79 -6.54
C LEU C 167 -10.67 14.15 -6.62
N GLU C 168 -11.53 14.50 -5.66
CA GLU C 168 -12.24 15.79 -5.68
C GLU C 168 -11.91 16.65 -4.51
N PHE C 169 -11.99 17.97 -4.69
CA PHE C 169 -11.96 18.94 -3.62
C PHE C 169 -13.28 19.65 -3.87
N ALA C 170 -14.29 19.33 -3.05
CA ALA C 170 -15.61 19.84 -3.24
C ALA C 170 -16.04 20.82 -2.18
N ILE C 171 -16.64 21.93 -2.60
CA ILE C 171 -17.13 22.92 -1.66
C ILE C 171 -18.56 22.62 -1.29
N TYR C 172 -18.75 22.26 -0.04
CA TYR C 172 -20.04 21.98 0.58
C TYR C 172 -20.70 23.33 0.90
N PRO C 173 -21.98 23.49 0.53
CA PRO C 173 -22.64 24.82 0.68
C PRO C 173 -22.90 25.31 2.10
N ALA C 174 -22.83 26.65 2.29
CA ALA C 174 -23.09 27.31 3.57
C ALA C 174 -23.93 28.55 3.38
N PRO C 175 -25.00 28.71 4.16
CA PRO C 175 -25.87 29.89 4.01
C PRO C 175 -25.22 31.26 4.13
N GLN C 176 -24.15 31.40 4.92
CA GLN C 176 -23.48 32.69 5.10
C GLN C 176 -22.88 33.27 3.83
N VAL C 177 -22.58 32.41 2.86
CA VAL C 177 -21.93 32.86 1.62
C VAL C 177 -22.59 32.28 0.34
N SER C 178 -23.60 31.40 0.48
CA SER C 178 -24.27 30.77 -0.66
C SER C 178 -25.01 31.77 -1.54
N THR C 179 -25.15 31.43 -2.81
CA THR C 179 -25.77 32.31 -3.79
C THR C 179 -27.06 31.77 -4.40
N ALA C 180 -27.50 30.55 -3.99
CA ALA C 180 -28.70 29.96 -4.55
C ALA C 180 -29.48 29.12 -3.58
N VAL C 181 -30.80 29.25 -3.64
CA VAL C 181 -31.75 28.49 -2.82
C VAL C 181 -31.72 26.99 -3.20
N VAL C 182 -31.45 26.67 -4.48
CA VAL C 182 -31.45 25.32 -4.97
C VAL C 182 -30.15 24.56 -4.77
N GLU C 183 -29.17 25.12 -4.03
CA GLU C 183 -27.90 24.41 -3.77
C GLU C 183 -28.08 23.01 -3.21
N PRO C 184 -29.07 22.72 -2.32
CA PRO C 184 -29.28 21.35 -1.88
C PRO C 184 -29.63 20.43 -3.04
N TYR C 185 -30.42 20.89 -4.02
CA TYR C 185 -30.74 20.06 -5.18
C TYR C 185 -29.47 19.72 -5.98
N ASN C 186 -28.68 20.75 -6.31
CA ASN C 186 -27.47 20.60 -7.11
C ASN C 186 -26.47 19.67 -6.40
N SER C 187 -26.35 19.80 -5.07
CA SER C 187 -25.45 18.96 -4.28
C SER C 187 -25.84 17.49 -4.35
N ILE C 188 -27.12 17.17 -4.16
CA ILE C 188 -27.57 15.77 -4.18
C ILE C 188 -27.49 15.19 -5.60
N LEU C 189 -27.83 16.00 -6.60
CA LEU C 189 -27.79 15.54 -7.97
C LEU C 189 -26.36 15.20 -8.43
N THR C 190 -25.40 16.07 -8.12
CA THR C 190 -24.03 15.86 -8.50
C THR C 190 -23.40 14.71 -7.72
N THR C 191 -23.76 14.56 -6.44
CA THR C 191 -23.21 13.50 -5.61
C THR C 191 -23.70 12.15 -6.16
N HIS C 192 -24.97 12.04 -6.53
CA HIS C 192 -25.50 10.80 -7.07
C HIS C 192 -24.82 10.42 -8.38
N THR C 193 -24.70 11.39 -9.27
CA THR C 193 -24.10 11.16 -10.57
C THR C 193 -22.60 10.85 -10.50
N THR C 194 -21.91 11.54 -9.61
CA THR C 194 -20.46 11.44 -9.45
C THR C 194 -19.99 10.26 -8.61
N LEU C 195 -20.80 9.81 -7.65
CA LEU C 195 -20.46 8.77 -6.69
C LEU C 195 -19.71 7.60 -7.24
N GLU C 196 -20.19 6.96 -8.32
CA GLU C 196 -19.49 5.80 -8.87
C GLU C 196 -18.25 6.16 -9.71
N HIS C 197 -18.05 7.43 -10.04
CA HIS C 197 -16.92 7.86 -10.85
C HIS C 197 -15.78 8.48 -10.04
N SER C 198 -15.99 8.78 -8.77
CA SER C 198 -14.97 9.39 -7.93
C SER C 198 -14.40 8.35 -7.00
N ASP C 199 -13.09 8.38 -6.80
CA ASP C 199 -12.43 7.42 -5.91
C ASP C 199 -12.29 7.97 -4.50
N CYS C 200 -12.21 9.31 -4.34
CA CYS C 200 -12.02 9.96 -3.07
C CYS C 200 -12.40 11.43 -3.20
N ALA C 201 -13.19 11.96 -2.27
CA ALA C 201 -13.63 13.36 -2.35
C ALA C 201 -13.43 14.07 -1.05
N PHE C 202 -12.66 15.16 -1.05
CA PHE C 202 -12.37 15.96 0.12
C PHE C 202 -13.32 17.13 0.20
N MET C 203 -14.37 17.03 1.02
CA MET C 203 -15.36 18.09 1.16
C MET C 203 -14.84 19.17 2.07
N VAL C 204 -15.10 20.42 1.69
CA VAL C 204 -14.75 21.60 2.47
C VAL C 204 -16.05 22.36 2.70
N ASP C 205 -16.50 22.44 3.93
CA ASP C 205 -17.71 23.16 4.30
C ASP C 205 -17.37 24.65 4.40
N ASN C 206 -18.05 25.49 3.61
CA ASN C 206 -17.81 26.95 3.64
C ASN C 206 -18.07 27.59 5.03
N GLU C 207 -19.03 27.04 5.78
CA GLU C 207 -19.34 27.56 7.11
C GLU C 207 -18.18 27.26 8.07
N ALA C 208 -17.55 26.08 7.94
CA ALA C 208 -16.41 25.75 8.80
C ALA C 208 -15.24 26.70 8.55
N ILE C 209 -14.91 26.96 7.28
CA ILE C 209 -13.80 27.84 6.94
C ILE C 209 -14.13 29.26 7.36
N TYR C 210 -15.39 29.68 7.16
CA TYR C 210 -15.87 30.99 7.55
C TYR C 210 -15.67 31.21 9.06
N ASP C 211 -16.06 30.23 9.88
CA ASP C 211 -15.92 30.31 11.33
C ASP C 211 -14.47 30.28 11.78
N ILE C 212 -13.61 29.49 11.10
CA ILE C 212 -12.18 29.46 11.42
C ILE C 212 -11.56 30.84 11.15
N CYS C 213 -11.98 31.50 10.04
CA CYS C 213 -11.48 32.83 9.71
C CYS C 213 -11.91 33.85 10.77
N ARG C 214 -13.15 33.75 11.26
CA ARG C 214 -13.66 34.66 12.28
C ARG C 214 -12.99 34.42 13.64
N ARG C 215 -12.88 33.16 14.05
CA ARG C 215 -12.34 32.80 15.35
C ARG C 215 -10.82 32.87 15.43
N ASN C 216 -10.11 32.16 14.56
CA ASN C 216 -8.66 32.07 14.59
C ASN C 216 -7.91 33.19 13.92
N LEU C 217 -8.52 33.85 12.93
CA LEU C 217 -7.83 34.93 12.21
C LEU C 217 -8.37 36.32 12.47
N ASP C 218 -9.43 36.42 13.29
CA ASP C 218 -10.07 37.67 13.70
C ASP C 218 -10.63 38.48 12.53
N ILE C 219 -11.14 37.80 11.51
CA ILE C 219 -11.75 38.48 10.36
C ILE C 219 -13.26 38.63 10.60
N GLU C 220 -13.75 39.86 10.79
CA GLU C 220 -15.15 40.13 11.08
C GLU C 220 -16.14 39.53 10.07
N ARG C 221 -15.91 39.75 8.78
CA ARG C 221 -16.78 39.24 7.75
C ARG C 221 -15.90 38.67 6.62
N PRO C 222 -15.50 37.39 6.73
CA PRO C 222 -14.64 36.80 5.70
C PRO C 222 -15.19 36.87 4.28
N THR C 223 -14.31 37.14 3.32
CA THR C 223 -14.65 37.15 1.90
C THR C 223 -14.12 35.85 1.26
N TYR C 224 -14.44 35.60 -0.02
CA TYR C 224 -13.91 34.44 -0.74
C TYR C 224 -12.38 34.48 -0.76
N THR C 225 -11.76 35.66 -0.76
CA THR C 225 -10.31 35.79 -0.72
C THR C 225 -9.77 35.21 0.59
N ASN C 226 -10.41 35.52 1.71
CA ASN C 226 -10.01 35.00 3.01
C ASN C 226 -10.21 33.49 3.04
N LEU C 227 -11.38 33.01 2.59
CA LEU C 227 -11.67 31.58 2.60
C LEU C 227 -10.72 30.82 1.70
N ASN C 228 -10.49 31.31 0.50
CA ASN C 228 -9.65 30.63 -0.48
C ASN C 228 -8.20 30.56 -0.13
N ARG C 229 -7.65 31.59 0.56
CA ARG C 229 -6.25 31.53 0.97
C ARG C 229 -6.06 30.41 2.01
N LEU C 230 -7.04 30.24 2.91
CA LEU C 230 -7.00 29.19 3.91
C LEU C 230 -7.17 27.85 3.22
N ILE C 231 -8.12 27.73 2.29
CA ILE C 231 -8.34 26.49 1.54
C ILE C 231 -7.07 26.11 0.76
N GLY C 232 -6.45 27.11 0.14
CA GLY C 232 -5.20 26.98 -0.60
C GLY C 232 -4.09 26.35 0.22
N GLN C 233 -4.05 26.66 1.52
CA GLN C 233 -3.09 26.11 2.48
C GLN C 233 -3.39 24.61 2.75
N ILE C 234 -4.67 24.23 2.88
CA ILE C 234 -5.08 22.84 3.10
C ILE C 234 -4.79 22.01 1.87
N VAL C 235 -5.11 22.52 0.68
CA VAL C 235 -4.85 21.81 -0.56
C VAL C 235 -3.35 21.57 -0.75
N SER C 236 -2.55 22.61 -0.45
CA SER C 236 -1.10 22.54 -0.53
C SER C 236 -0.57 21.47 0.39
N SER C 237 -1.13 21.37 1.61
CA SER C 237 -0.71 20.33 2.55
C SER C 237 -0.98 18.94 2.04
N ILE C 238 -2.13 18.74 1.38
CA ILE C 238 -2.52 17.45 0.83
C ILE C 238 -1.62 17.08 -0.35
N THR C 239 -1.29 18.06 -1.19
CA THR C 239 -0.50 17.81 -2.39
C THR C 239 1.01 17.94 -2.20
N ALA C 240 1.45 18.46 -1.06
CA ALA C 240 2.89 18.60 -0.77
C ALA C 240 3.59 17.24 -0.78
N SER C 241 2.88 16.16 -0.41
CA SER C 241 3.46 14.82 -0.45
C SER C 241 3.80 14.36 -1.89
N LEU C 242 3.16 14.97 -2.90
CA LEU C 242 3.41 14.64 -4.30
C LEU C 242 4.40 15.62 -4.95
N ARG C 243 4.45 16.86 -4.47
CA ARG C 243 5.28 17.91 -5.05
C ARG C 243 6.66 18.03 -4.45
N PHE C 244 6.90 17.38 -3.32
CA PHE C 244 8.22 17.35 -2.68
C PHE C 244 8.58 15.90 -2.33
N ASP C 245 9.85 15.63 -2.10
CA ASP C 245 10.26 14.30 -1.65
C ASP C 245 10.71 14.48 -0.19
N GLY C 246 9.85 14.10 0.74
CA GLY C 246 10.14 14.25 2.15
C GLY C 246 10.59 12.97 2.81
N ALA C 247 10.44 12.90 4.14
CA ALA C 247 10.82 11.71 4.91
C ALA C 247 9.84 10.55 4.66
N LEU C 248 8.55 10.87 4.49
CA LEU C 248 7.52 9.87 4.23
C LEU C 248 6.58 10.47 3.19
N ASN C 249 6.47 9.83 2.04
CA ASN C 249 5.62 10.36 0.97
C ASN C 249 4.39 9.55 0.77
N VAL C 250 3.31 10.21 0.40
CA VAL C 250 2.06 9.52 0.13
C VAL C 250 1.53 9.95 -1.22
N ASP C 251 1.43 9.02 -2.14
CA ASP C 251 0.95 9.30 -3.50
C ASP C 251 -0.58 9.19 -3.59
N LEU C 252 -1.18 9.45 -4.76
CA LEU C 252 -2.64 9.38 -4.92
C LEU C 252 -3.19 8.01 -4.60
N THR C 253 -2.47 6.97 -5.03
CA THR C 253 -2.92 5.61 -4.77
C THR C 253 -2.93 5.29 -3.28
N GLU C 254 -1.93 5.80 -2.54
CA GLU C 254 -1.79 5.57 -1.12
C GLU C 254 -2.89 6.26 -0.34
N PHE C 255 -3.34 7.44 -0.80
CA PHE C 255 -4.47 8.13 -0.17
C PHE C 255 -5.72 7.23 -0.31
N GLN C 256 -5.92 6.73 -1.53
CA GLN C 256 -7.07 5.90 -1.86
C GLN C 256 -7.12 4.64 -0.99
N THR C 257 -6.07 3.82 -1.07
CA THR C 257 -5.94 2.57 -0.36
C THR C 257 -6.12 2.75 1.15
N ASN C 258 -5.53 3.80 1.72
CA ASN C 258 -5.57 4.00 3.15
C ASN C 258 -6.78 4.72 3.67
N LEU C 259 -7.54 5.41 2.85
CA LEU C 259 -8.68 6.19 3.33
C LEU C 259 -10.03 5.62 2.95
N VAL C 260 -10.12 4.76 1.93
CA VAL C 260 -11.42 4.33 1.44
C VAL C 260 -11.67 2.84 1.64
N PRO C 261 -12.42 2.47 2.73
CA PRO C 261 -12.68 1.04 2.98
C PRO C 261 -13.65 0.39 1.99
N TYR C 262 -14.57 1.16 1.46
CA TYR C 262 -15.59 0.68 0.51
C TYR C 262 -15.73 1.76 -0.54
N PRO C 263 -16.03 1.38 -1.78
CA PRO C 263 -16.10 2.39 -2.86
C PRO C 263 -16.95 3.63 -2.56
N ARG C 264 -18.14 3.44 -1.99
CA ARG C 264 -19.02 4.57 -1.71
C ARG C 264 -18.59 5.40 -0.51
N ILE C 265 -17.86 4.77 0.44
CA ILE C 265 -17.41 5.45 1.67
C ILE C 265 -16.13 6.20 1.41
N HIS C 266 -16.20 7.25 0.56
CA HIS C 266 -14.96 7.86 0.10
C HIS C 266 -14.84 9.35 0.40
N PHE C 267 -15.41 9.80 1.50
CA PHE C 267 -15.41 11.21 1.87
C PHE C 267 -14.65 11.46 3.18
N PRO C 268 -13.33 11.64 3.10
CA PRO C 268 -12.57 11.91 4.32
C PRO C 268 -12.81 13.33 4.85
N LEU C 269 -12.73 13.49 6.16
CA LEU C 269 -12.84 14.75 6.85
C LEU C 269 -11.45 15.35 6.91
N VAL C 270 -11.31 16.62 6.54
CA VAL C 270 -10.01 17.29 6.60
C VAL C 270 -9.93 18.17 7.85
N THR C 271 -8.83 18.05 8.60
CA THR C 271 -8.60 18.90 9.77
C THR C 271 -7.22 19.51 9.60
N TYR C 272 -7.07 20.80 9.88
CA TYR C 272 -5.79 21.46 9.69
C TYR C 272 -5.35 22.26 10.90
N ALA C 273 -4.05 22.24 11.23
CA ALA C 273 -3.52 23.02 12.33
C ALA C 273 -2.04 23.28 12.16
N PRO C 274 -1.54 24.43 12.66
CA PRO C 274 -2.28 25.50 13.34
C PRO C 274 -2.75 26.63 12.41
N VAL C 275 -3.86 27.27 12.77
CA VAL C 275 -4.35 28.45 12.02
C VAL C 275 -4.17 29.64 12.95
N ILE C 276 -3.13 30.43 12.73
CA ILE C 276 -2.77 31.54 13.60
C ILE C 276 -2.76 32.88 12.85
N SER C 277 -3.23 33.93 13.50
CA SER C 277 -3.28 35.25 12.89
C SER C 277 -1.89 35.83 12.67
N ALA C 278 -1.71 36.48 11.50
CA ALA C 278 -0.45 37.15 11.15
C ALA C 278 -0.12 38.29 12.15
N GLU C 279 -1.08 38.76 12.97
CA GLU C 279 -0.77 39.72 14.04
C GLU C 279 -0.11 38.84 15.18
N LYS C 280 -0.65 38.78 16.42
CA LYS C 280 -0.11 37.94 17.50
C LYS C 280 1.40 38.15 17.78
N GLU C 284 6.58 30.37 21.50
CA GLU C 284 5.26 30.59 20.91
C GLU C 284 4.90 29.54 19.83
N GLN C 285 5.92 28.82 19.30
CA GLN C 285 5.73 27.78 18.29
C GLN C 285 5.17 26.50 18.89
N LEU C 286 4.10 26.01 18.27
CA LEU C 286 3.36 24.81 18.66
C LEU C 286 4.12 23.53 18.32
N SER C 287 4.27 22.63 19.29
CA SER C 287 5.00 21.36 19.13
C SER C 287 4.22 20.38 18.25
N VAL C 288 4.88 19.28 17.87
CA VAL C 288 4.22 18.23 17.10
C VAL C 288 3.04 17.65 17.88
N ALA C 289 3.22 17.45 19.19
CA ALA C 289 2.14 16.94 20.04
C ALA C 289 0.95 17.88 20.05
N GLU C 290 1.19 19.21 20.18
CA GLU C 290 0.13 20.21 20.22
C GLU C 290 -0.64 20.30 18.91
N ILE C 291 0.06 20.34 17.76
CA ILE C 291 -0.62 20.44 16.47
C ILE C 291 -1.36 19.14 16.13
N THR C 292 -0.83 17.99 16.59
CA THR C 292 -1.46 16.70 16.36
C THR C 292 -2.74 16.62 17.22
N ASN C 293 -2.68 17.06 18.47
CA ASN C 293 -3.85 17.06 19.36
C ASN C 293 -4.96 17.93 18.78
N ALA C 294 -4.59 19.06 18.17
CA ALA C 294 -5.52 19.99 17.52
C ALA C 294 -6.29 19.36 16.37
N CYS C 295 -5.75 18.29 15.76
CA CYS C 295 -6.44 17.59 14.70
C CYS C 295 -7.71 16.89 15.15
N PHE C 296 -7.80 16.58 16.44
CA PHE C 296 -8.98 15.91 16.98
C PHE C 296 -9.94 16.88 17.68
N GLU C 297 -9.78 18.20 17.48
CA GLU C 297 -10.66 19.23 17.98
C GLU C 297 -11.57 19.68 16.85
N PRO C 298 -12.90 19.59 17.07
CA PRO C 298 -13.86 19.97 16.01
C PRO C 298 -13.75 21.38 15.46
N ALA C 299 -13.20 22.30 16.27
CA ALA C 299 -13.04 23.69 15.86
C ALA C 299 -12.07 23.87 14.68
N ASN C 300 -11.22 22.88 14.42
CA ASN C 300 -10.25 22.95 13.34
C ASN C 300 -10.65 22.15 12.09
N GLN C 301 -11.85 21.55 12.09
CA GLN C 301 -12.33 20.77 10.96
C GLN C 301 -12.78 21.59 9.78
N MET C 302 -12.67 21.00 8.60
CA MET C 302 -13.11 21.60 7.35
C MET C 302 -14.60 21.37 7.12
N VAL C 303 -15.23 20.40 7.80
CA VAL C 303 -16.65 20.13 7.67
C VAL C 303 -17.24 20.11 9.08
N LYS C 304 -18.38 20.79 9.26
CA LYS C 304 -19.04 20.82 10.55
C LYS C 304 -19.72 19.50 10.83
N CYS C 305 -19.23 18.81 11.84
CA CYS C 305 -19.73 17.54 12.31
C CYS C 305 -19.01 17.20 13.63
N ASP C 306 -19.56 16.23 14.35
CA ASP C 306 -19.04 15.84 15.64
C ASP C 306 -18.51 14.40 15.58
N PRO C 307 -17.19 14.23 15.47
CA PRO C 307 -16.61 12.89 15.44
C PRO C 307 -16.89 12.04 16.67
N ARG C 308 -17.30 12.66 17.79
CA ARG C 308 -17.66 11.89 18.98
C ARG C 308 -18.93 11.05 18.70
N HIS C 309 -19.80 11.49 17.77
CA HIS C 309 -21.01 10.79 17.33
C HIS C 309 -20.74 9.85 16.14
N GLY C 310 -19.52 9.35 16.04
CA GLY C 310 -19.13 8.46 14.97
C GLY C 310 -17.89 7.67 15.31
N LYS C 311 -17.42 6.91 14.35
CA LYS C 311 -16.23 6.11 14.51
C LYS C 311 -15.24 6.36 13.40
N TYR C 312 -13.96 6.30 13.73
CA TYR C 312 -12.90 6.44 12.75
C TYR C 312 -12.66 5.12 12.05
N MET C 313 -12.37 5.19 10.79
CA MET C 313 -12.05 4.03 9.97
C MET C 313 -10.64 4.12 9.45
N ALA C 314 -10.06 5.32 9.38
CA ALA C 314 -8.76 5.57 8.83
C ALA C 314 -8.32 6.97 9.20
N CYS C 315 -7.02 7.18 9.38
CA CYS C 315 -6.46 8.47 9.67
C CYS C 315 -5.11 8.65 9.05
N CYS C 316 -4.99 9.62 8.18
CA CYS C 316 -3.76 9.97 7.49
C CYS C 316 -3.27 11.30 8.05
N MET C 317 -2.05 11.36 8.53
CA MET C 317 -1.49 12.59 9.08
C MET C 317 -0.45 13.09 8.12
N LEU C 318 -0.65 14.28 7.57
CA LEU C 318 0.32 14.87 6.64
C LEU C 318 1.01 16.06 7.31
N TYR C 319 2.23 15.87 7.78
CA TYR C 319 3.02 16.90 8.44
C TYR C 319 3.90 17.64 7.47
N ARG C 320 4.24 18.87 7.81
CA ARG C 320 5.16 19.65 7.00
C ARG C 320 5.92 20.58 7.89
N GLY C 321 7.18 20.79 7.54
CA GLY C 321 8.06 21.67 8.30
C GLY C 321 9.03 20.96 9.21
N ASP C 322 9.35 21.57 10.35
CA ASP C 322 10.30 21.03 11.32
C ASP C 322 9.68 19.90 12.14
N VAL C 323 9.61 18.70 11.55
CA VAL C 323 8.98 17.54 12.17
C VAL C 323 9.88 16.32 12.00
N VAL C 324 10.08 15.55 13.07
CA VAL C 324 10.88 14.33 13.04
C VAL C 324 9.99 13.11 13.37
N PRO C 325 10.21 11.93 12.74
CA PRO C 325 9.35 10.77 13.01
C PRO C 325 9.13 10.41 14.46
N LYS C 326 10.18 10.53 15.27
CA LYS C 326 10.12 10.24 16.70
C LYS C 326 9.05 11.06 17.41
N ASP C 327 8.93 12.35 17.06
CA ASP C 327 7.91 13.20 17.66
C ASP C 327 6.51 12.89 17.17
N VAL C 328 6.40 12.44 15.91
CA VAL C 328 5.11 12.04 15.36
C VAL C 328 4.61 10.77 16.05
N ASN C 329 5.49 9.79 16.21
CA ASN C 329 5.13 8.53 16.83
C ASN C 329 4.73 8.71 18.26
N ALA C 330 5.41 9.61 18.99
CA ALA C 330 5.07 9.90 20.37
C ALA C 330 3.68 10.56 20.45
N ALA C 331 3.40 11.48 19.51
CA ALA C 331 2.12 12.16 19.48
C ALA C 331 0.98 11.19 19.14
N ILE C 332 1.17 10.32 18.14
CA ILE C 332 0.16 9.33 17.75
C ILE C 332 -0.08 8.29 18.83
N ALA C 333 0.98 7.93 19.58
CA ALA C 333 0.85 6.99 20.68
C ALA C 333 -0.09 7.53 21.75
N THR C 334 0.03 8.83 22.10
CA THR C 334 -0.87 9.38 23.12
C THR C 334 -2.32 9.49 22.57
N ILE C 335 -2.48 9.70 21.26
CA ILE C 335 -3.81 9.75 20.61
C ILE C 335 -4.46 8.35 20.61
N LYS C 336 -3.64 7.30 20.44
CA LYS C 336 -4.14 5.92 20.48
C LYS C 336 -4.74 5.55 21.84
N THR C 337 -4.34 6.24 22.91
CA THR C 337 -4.84 5.97 24.26
C THR C 337 -6.10 6.73 24.62
N LYS C 338 -6.50 7.69 23.79
CA LYS C 338 -7.69 8.48 24.04
C LYS C 338 -8.98 7.71 23.74
N ARG C 339 -9.67 7.35 24.83
CA ARG C 339 -10.98 6.68 24.91
C ARG C 339 -12.04 7.35 24.01
N THR C 340 -12.05 8.69 23.98
CA THR C 340 -12.97 9.46 23.17
C THR C 340 -12.76 9.30 21.66
N ILE C 341 -11.53 9.00 21.20
CA ILE C 341 -11.22 8.81 19.76
C ILE C 341 -11.41 7.34 19.42
N GLN C 342 -12.63 7.00 19.02
CA GLN C 342 -13.08 5.64 18.78
C GLN C 342 -12.97 5.18 17.33
N PHE C 343 -12.30 4.05 17.13
CA PHE C 343 -12.22 3.42 15.81
C PHE C 343 -13.22 2.27 15.71
N VAL C 344 -13.63 1.91 14.49
CA VAL C 344 -14.49 0.74 14.27
C VAL C 344 -13.74 -0.52 14.69
N ASP C 345 -14.46 -1.58 15.06
CA ASP C 345 -13.81 -2.80 15.52
C ASP C 345 -13.13 -3.61 14.42
N TRP C 346 -13.42 -3.31 13.16
CA TRP C 346 -12.80 -4.02 12.05
C TRP C 346 -11.54 -3.32 11.52
N CYS C 347 -10.98 -2.35 12.25
CA CYS C 347 -9.78 -1.64 11.80
C CYS C 347 -8.64 -1.75 12.80
N PRO C 348 -7.86 -2.84 12.76
CA PRO C 348 -6.77 -3.00 13.73
C PRO C 348 -5.69 -1.93 13.71
N THR C 349 -5.39 -1.40 12.53
CA THR C 349 -4.32 -0.41 12.34
C THR C 349 -4.88 0.76 11.54
N GLY C 350 -5.08 1.92 12.16
CA GLY C 350 -5.69 3.05 11.47
C GLY C 350 -4.86 4.24 11.05
N PHE C 351 -3.52 4.25 11.28
CA PHE C 351 -2.72 5.44 10.94
C PHE C 351 -1.72 5.27 9.78
N LYS C 352 -1.61 6.34 8.96
CA LYS C 352 -0.67 6.49 7.84
C LYS C 352 -0.07 7.91 7.99
N VAL C 353 1.26 7.99 8.14
CA VAL C 353 1.92 9.27 8.34
C VAL C 353 2.82 9.66 7.18
N GLY C 354 2.79 10.92 6.82
CA GLY C 354 3.63 11.49 5.78
C GLY C 354 4.30 12.74 6.33
N ILE C 355 5.59 12.91 6.06
CA ILE C 355 6.35 14.05 6.55
C ILE C 355 7.12 14.72 5.41
N ASN C 356 7.03 16.04 5.31
CA ASN C 356 7.74 16.84 4.31
C ASN C 356 8.49 17.96 5.00
N TYR C 357 9.70 18.29 4.54
CA TYR C 357 10.54 19.28 5.20
C TYR C 357 10.15 20.75 5.00
N GLN C 358 9.60 21.15 3.82
CA GLN C 358 9.31 22.57 3.60
C GLN C 358 8.24 23.10 4.54
N PRO C 359 8.59 24.09 5.38
CA PRO C 359 7.60 24.66 6.29
C PRO C 359 6.45 25.35 5.58
N PRO C 360 5.30 25.47 6.23
CA PRO C 360 4.14 26.09 5.57
C PRO C 360 4.43 27.49 5.01
N THR C 361 4.30 27.65 3.70
CA THR C 361 4.54 28.92 3.05
C THR C 361 3.26 29.74 3.10
N VAL C 362 3.38 31.03 3.40
CA VAL C 362 2.22 31.91 3.43
C VAL C 362 2.35 33.00 2.38
N VAL C 363 1.21 33.39 1.80
CA VAL C 363 1.19 34.42 0.78
C VAL C 363 1.50 35.76 1.44
N PRO C 364 2.47 36.51 0.89
CA PRO C 364 2.78 37.84 1.47
C PRO C 364 1.57 38.76 1.49
N GLY C 365 1.33 39.38 2.64
CA GLY C 365 0.16 40.23 2.82
C GLY C 365 -1.12 39.48 3.20
N GLY C 366 -1.01 38.16 3.40
CA GLY C 366 -2.13 37.31 3.79
C GLY C 366 -2.50 37.42 5.27
N ASP C 367 -3.48 36.64 5.70
CA ASP C 367 -3.99 36.62 7.07
C ASP C 367 -3.29 35.63 8.00
N LEU C 368 -2.69 34.59 7.41
CA LEU C 368 -2.02 33.53 8.15
C LEU C 368 -0.60 33.87 8.54
N ALA C 369 -0.24 33.46 9.76
CA ALA C 369 1.12 33.65 10.24
C ALA C 369 2.00 32.50 9.78
N LYS C 370 3.30 32.77 9.60
CA LYS C 370 4.28 31.77 9.21
C LYS C 370 4.66 30.95 10.45
N VAL C 371 4.48 29.63 10.37
CA VAL C 371 4.79 28.75 11.48
C VAL C 371 5.93 27.77 11.13
N GLN C 372 6.56 27.15 12.14
CA GLN C 372 7.66 26.19 11.91
C GLN C 372 7.17 24.81 11.49
N ARG C 373 5.96 24.45 11.90
CA ARG C 373 5.40 23.15 11.55
C ARG C 373 3.88 23.19 11.52
N ALA C 374 3.30 22.41 10.63
CA ALA C 374 1.86 22.31 10.48
C ALA C 374 1.48 20.85 10.10
N VAL C 375 0.19 20.52 10.20
CA VAL C 375 -0.30 19.18 9.90
C VAL C 375 -1.71 19.26 9.35
N CYS C 376 -2.00 18.36 8.41
CA CYS C 376 -3.32 18.22 7.87
C CYS C 376 -3.71 16.77 8.03
N MET C 377 -4.75 16.53 8.81
CA MET C 377 -5.24 15.18 9.00
C MET C 377 -6.39 14.90 8.05
N LEU C 378 -6.35 13.74 7.42
CA LEU C 378 -7.43 13.28 6.57
C LEU C 378 -7.97 12.05 7.28
N SER C 379 -9.19 12.09 7.74
CA SER C 379 -9.75 10.98 8.51
C SER C 379 -11.03 10.50 7.93
N ASN C 380 -11.22 9.17 7.87
CA ASN C 380 -12.48 8.65 7.41
C ASN C 380 -13.34 8.35 8.62
N THR C 381 -14.28 9.24 8.93
CA THR C 381 -15.14 9.09 10.10
C THR C 381 -16.58 8.99 9.65
N THR C 382 -17.34 8.12 10.31
CA THR C 382 -18.76 8.01 10.01
C THR C 382 -19.52 9.33 10.42
N ALA C 383 -18.88 10.23 11.20
CA ALA C 383 -19.48 11.51 11.60
C ALA C 383 -19.78 12.40 10.41
N ILE C 384 -19.02 12.27 9.30
CA ILE C 384 -19.25 13.07 8.11
C ILE C 384 -20.66 12.84 7.52
N ALA C 385 -21.34 11.76 7.89
CA ALA C 385 -22.70 11.51 7.44
C ALA C 385 -23.67 12.60 7.93
N GLU C 386 -23.30 13.36 9.00
CA GLU C 386 -24.07 14.49 9.51
C GLU C 386 -24.24 15.54 8.43
N ALA C 387 -23.20 15.75 7.62
CA ALA C 387 -23.24 16.70 6.51
C ALA C 387 -24.26 16.26 5.46
N TRP C 388 -24.34 14.96 5.18
CA TRP C 388 -25.32 14.45 4.22
C TRP C 388 -26.70 14.57 4.77
N ALA C 389 -26.88 14.32 6.05
CA ALA C 389 -28.19 14.40 6.70
C ALA C 389 -28.72 15.82 6.62
N ARG C 390 -27.88 16.84 6.88
CA ARG C 390 -28.31 18.24 6.82
C ARG C 390 -28.73 18.63 5.39
N LEU C 391 -27.95 18.21 4.39
CA LEU C 391 -28.21 18.49 2.99
C LEU C 391 -29.48 17.76 2.53
N ASP C 392 -29.63 16.47 2.88
CA ASP C 392 -30.78 15.68 2.51
C ASP C 392 -32.07 16.22 3.09
N HIS C 393 -32.01 16.78 4.31
CA HIS C 393 -33.17 17.34 4.94
C HIS C 393 -33.65 18.57 4.20
N LYS C 394 -32.72 19.45 3.79
CA LYS C 394 -33.08 20.64 3.05
C LYS C 394 -33.66 20.24 1.69
N PHE C 395 -33.09 19.21 1.05
CA PHE C 395 -33.59 18.66 -0.20
C PHE C 395 -35.02 18.18 -0.03
N ASP C 396 -35.30 17.40 1.04
CA ASP C 396 -36.65 16.88 1.30
C ASP C 396 -37.67 17.93 1.54
N LEU C 397 -37.31 19.01 2.25
CA LEU C 397 -38.24 20.07 2.56
C LEU C 397 -38.79 20.70 1.25
N MET C 398 -37.89 21.00 0.32
CA MET C 398 -38.27 21.61 -0.93
C MET C 398 -38.93 20.61 -1.86
N TYR C 399 -38.33 19.43 -2.03
CA TYR C 399 -38.82 18.42 -2.96
C TYR C 399 -40.21 17.90 -2.61
N ALA C 400 -40.58 17.91 -1.32
CA ALA C 400 -41.91 17.48 -0.93
C ALA C 400 -43.00 18.33 -1.60
N LYS C 401 -42.68 19.60 -1.90
CA LYS C 401 -43.57 20.52 -2.59
C LYS C 401 -43.21 20.66 -4.08
N ARG C 402 -42.12 20.06 -4.54
CA ARG C 402 -41.59 20.19 -5.89
C ARG C 402 -41.16 21.62 -6.18
N ALA C 403 -40.76 22.38 -5.13
CA ALA C 403 -40.31 23.75 -5.29
C ALA C 403 -39.08 23.82 -6.16
N PHE C 404 -39.08 24.67 -7.19
CA PHE C 404 -37.99 24.92 -8.14
C PHE C 404 -37.72 23.78 -9.11
N VAL C 405 -38.46 22.66 -9.00
CA VAL C 405 -38.24 21.48 -9.85
C VAL C 405 -38.46 21.77 -11.32
N HIS C 406 -39.43 22.67 -11.62
CA HIS C 406 -39.74 23.03 -12.99
C HIS C 406 -38.52 23.60 -13.74
N TRP C 407 -37.57 24.23 -13.03
CA TRP C 407 -36.37 24.77 -13.67
C TRP C 407 -35.53 23.64 -14.26
N TYR C 408 -35.49 22.48 -13.57
CA TYR C 408 -34.72 21.34 -13.99
C TYR C 408 -35.46 20.58 -15.07
N VAL C 409 -36.75 20.36 -14.89
CA VAL C 409 -37.60 19.68 -15.86
C VAL C 409 -37.64 20.43 -17.17
N GLY C 410 -37.70 21.76 -17.10
CA GLY C 410 -37.70 22.61 -18.29
C GLY C 410 -36.48 22.40 -19.16
N GLU C 411 -35.35 21.99 -18.53
CA GLU C 411 -34.10 21.75 -19.21
C GLU C 411 -33.92 20.28 -19.65
N GLY C 412 -34.99 19.47 -19.62
CA GLY C 412 -34.97 18.08 -20.07
C GLY C 412 -34.83 17.00 -19.01
N MET C 413 -34.67 17.39 -17.73
CA MET C 413 -34.58 16.40 -16.65
C MET C 413 -35.96 15.86 -16.32
N GLU C 414 -35.99 14.73 -15.66
CA GLU C 414 -37.24 14.09 -15.24
C GLU C 414 -37.28 13.99 -13.73
N GLU C 415 -38.45 14.10 -13.06
CA GLU C 415 -38.53 13.97 -11.60
C GLU C 415 -37.93 12.66 -11.08
N GLY C 416 -37.95 11.60 -11.90
CA GLY C 416 -37.39 10.31 -11.54
C GLY C 416 -35.91 10.40 -11.21
N GLU C 417 -35.19 11.36 -11.82
CA GLU C 417 -33.78 11.56 -11.52
CA GLU C 417 -33.77 11.58 -11.53
C GLU C 417 -33.62 12.12 -10.10
N PHE C 418 -34.55 12.99 -9.65
CA PHE C 418 -34.52 13.54 -8.29
C PHE C 418 -34.72 12.43 -7.27
N SER C 419 -35.74 11.58 -7.46
CA SER C 419 -36.04 10.46 -6.57
C SER C 419 -34.88 9.46 -6.54
N GLU C 420 -34.29 9.15 -7.72
CA GLU C 420 -33.19 8.24 -7.80
C GLU C 420 -31.98 8.80 -7.08
N ALA C 421 -31.66 10.09 -7.28
CA ALA C 421 -30.53 10.71 -6.61
C ALA C 421 -30.74 10.74 -5.11
N ARG C 422 -31.96 11.09 -4.67
CA ARG C 422 -32.27 11.14 -3.25
C ARG C 422 -32.22 9.75 -2.59
N GLU C 423 -32.69 8.72 -3.30
CA GLU C 423 -32.67 7.36 -2.82
C GLU C 423 -31.23 6.87 -2.65
N ASP C 424 -30.34 7.30 -3.56
CA ASP C 424 -28.95 6.93 -3.50
C ASP C 424 -28.31 7.55 -2.25
N LEU C 425 -28.67 8.79 -1.93
CA LEU C 425 -28.17 9.46 -0.74
C LEU C 425 -28.73 8.86 0.54
N ALA C 426 -29.97 8.37 0.48
CA ALA C 426 -30.54 7.64 1.62
C ALA C 426 -29.76 6.35 1.84
N ALA C 427 -29.35 5.66 0.75
CA ALA C 427 -28.57 4.43 0.88
C ALA C 427 -27.18 4.73 1.42
N LEU C 428 -26.59 5.86 1.03
CA LEU C 428 -25.29 6.31 1.51
C LEU C 428 -25.34 6.60 3.01
N GLU C 429 -26.39 7.28 3.49
CA GLU C 429 -26.54 7.53 4.92
C GLU C 429 -26.64 6.18 5.68
N LYS C 430 -27.37 5.21 5.09
CA LYS C 430 -27.52 3.87 5.67
C LYS C 430 -26.16 3.17 5.68
N ASP C 431 -25.34 3.34 4.62
CA ASP C 431 -24.03 2.73 4.52
C ASP C 431 -23.14 3.19 5.66
N TYR C 432 -23.17 4.51 5.96
CA TYR C 432 -22.37 5.06 7.06
C TYR C 432 -22.80 4.51 8.40
N GLU C 433 -24.08 4.24 8.57
CA GLU C 433 -24.62 3.65 9.77
C GLU C 433 -24.14 2.20 9.89
N GLU C 434 -24.25 1.41 8.80
CA GLU C 434 -23.85 -0.01 8.77
C GLU C 434 -22.36 -0.24 9.02
N VAL C 435 -21.54 0.57 8.41
CA VAL C 435 -20.08 0.51 8.51
C VAL C 435 -19.58 0.85 9.93
N GLY C 436 -20.32 1.68 10.64
CA GLY C 436 -19.98 2.04 12.02
C GLY C 436 -20.40 1.02 13.05
N MET C 437 -21.26 0.07 12.68
CA MET C 437 -21.71 -0.95 13.61
C MET C 437 -20.64 -1.95 13.94
N ASP C 438 -20.74 -2.51 15.14
CA ASP C 438 -19.82 -3.54 15.58
C ASP C 438 -20.14 -4.85 14.88
N SER C 439 -19.13 -5.70 14.78
CA SER C 439 -19.21 -7.00 14.13
C SER C 439 -19.82 -8.03 15.08
N MET D 1 -25.09 36.01 -20.63
CA MET D 1 -26.03 36.85 -19.88
C MET D 1 -25.46 38.22 -19.66
N ARG D 2 -25.55 39.04 -20.70
CA ARG D 2 -25.03 40.38 -20.67
C ARG D 2 -26.14 41.39 -20.95
N GLU D 3 -26.59 41.49 -22.22
CA GLU D 3 -27.52 42.50 -22.60
C GLU D 3 -28.97 42.27 -22.24
N ILE D 4 -29.65 43.31 -21.79
CA ILE D 4 -31.08 43.29 -21.61
C ILE D 4 -31.67 44.24 -22.65
N VAL D 5 -32.79 43.83 -23.28
CA VAL D 5 -33.50 44.71 -24.23
C VAL D 5 -34.75 45.24 -23.54
N HIS D 6 -34.83 46.57 -23.40
CA HIS D 6 -35.94 47.21 -22.69
C HIS D 6 -37.02 47.70 -23.67
N ILE D 7 -38.26 47.45 -23.35
CA ILE D 7 -39.38 47.91 -24.14
C ILE D 7 -40.34 48.63 -23.20
N GLN D 8 -40.89 49.78 -23.67
CA GLN D 8 -41.86 50.51 -22.88
C GLN D 8 -43.06 50.79 -23.77
N ALA D 9 -44.25 50.39 -23.32
CA ALA D 9 -45.44 50.50 -24.15
C ALA D 9 -46.56 51.30 -23.49
N GLY D 10 -47.20 52.15 -24.29
CA GLY D 10 -48.31 52.97 -23.81
C GLY D 10 -47.87 54.16 -22.98
N GLN D 11 -48.85 54.95 -22.52
CA GLN D 11 -48.63 56.15 -21.74
C GLN D 11 -47.86 55.86 -20.47
N CYS D 12 -48.43 55.03 -19.60
CA CYS D 12 -47.80 54.65 -18.34
C CYS D 12 -46.43 54.00 -18.54
N GLY D 13 -46.35 53.04 -19.44
CA GLY D 13 -45.10 52.37 -19.75
C GLY D 13 -43.97 53.30 -20.15
N ASN D 14 -44.28 54.25 -21.02
CA ASN D 14 -43.28 55.23 -21.46
C ASN D 14 -42.94 56.26 -20.40
N GLN D 15 -43.89 56.59 -19.54
CA GLN D 15 -43.66 57.55 -18.48
C GLN D 15 -42.76 56.98 -17.36
N ILE D 16 -43.05 55.75 -16.91
CA ILE D 16 -42.19 55.11 -15.90
C ILE D 16 -40.84 54.67 -16.53
N GLY D 17 -40.89 54.26 -17.78
CA GLY D 17 -39.70 53.84 -18.50
C GLY D 17 -38.74 55.00 -18.70
N ALA D 18 -39.24 56.19 -19.05
CA ALA D 18 -38.37 57.35 -19.21
C ALA D 18 -37.73 57.72 -17.87
N LYS D 19 -38.49 57.63 -16.77
CA LYS D 19 -37.99 57.92 -15.43
C LYS D 19 -36.93 56.92 -15.01
N PHE D 20 -37.09 55.64 -15.40
CA PHE D 20 -36.10 54.60 -15.13
C PHE D 20 -34.77 54.96 -15.82
N TRP D 21 -34.83 55.35 -17.09
CA TRP D 21 -33.62 55.71 -17.83
C TRP D 21 -32.96 56.95 -17.26
N GLU D 22 -33.76 57.89 -16.72
CA GLU D 22 -33.19 59.10 -16.14
C GLU D 22 -32.42 58.71 -14.87
N ILE D 23 -33.03 57.88 -13.98
CA ILE D 23 -32.40 57.50 -12.73
C ILE D 23 -31.14 56.73 -12.94
N ILE D 24 -31.19 55.66 -13.74
CA ILE D 24 -30.02 54.82 -13.93
C ILE D 24 -28.93 55.53 -14.71
N SER D 25 -29.29 56.46 -15.62
CA SER D 25 -28.28 57.23 -16.34
C SER D 25 -27.50 58.10 -15.37
N ASP D 26 -28.22 58.75 -14.43
CA ASP D 26 -27.60 59.57 -13.40
C ASP D 26 -26.67 58.72 -12.53
N GLU D 27 -27.12 57.53 -12.16
CA GLU D 27 -26.33 56.62 -11.34
C GLU D 27 -25.09 56.14 -12.05
N HIS D 28 -25.19 55.89 -13.35
CA HIS D 28 -24.06 55.43 -14.14
C HIS D 28 -23.18 56.56 -14.69
N GLY D 29 -23.51 57.82 -14.40
CA GLY D 29 -22.73 58.96 -14.86
C GLY D 29 -22.93 59.35 -16.31
N ILE D 30 -24.09 59.00 -16.87
CA ILE D 30 -24.44 59.30 -18.25
C ILE D 30 -25.31 60.56 -18.30
N ASP D 31 -24.93 61.55 -19.13
CA ASP D 31 -25.73 62.76 -19.29
C ASP D 31 -26.74 62.61 -20.45
N ALA D 32 -27.64 63.57 -20.65
CA ALA D 32 -28.66 63.49 -21.70
C ALA D 32 -28.10 63.33 -23.14
N THR D 33 -26.81 63.65 -23.36
CA THR D 33 -26.20 63.43 -24.67
C THR D 33 -25.65 61.99 -24.84
N GLY D 34 -25.52 61.26 -23.73
CA GLY D 34 -25.00 59.90 -23.71
C GLY D 34 -23.53 59.82 -23.34
N ALA D 35 -22.93 60.92 -22.90
CA ALA D 35 -21.52 60.94 -22.56
C ALA D 35 -21.29 60.61 -21.10
N TYR D 36 -20.28 59.78 -20.82
CA TYR D 36 -19.91 59.41 -19.46
C TYR D 36 -19.06 60.51 -18.84
N HIS D 37 -19.53 61.04 -17.71
CA HIS D 37 -18.81 62.07 -16.97
C HIS D 37 -18.82 61.74 -15.46
N GLY D 38 -18.73 60.46 -15.14
CA GLY D 38 -18.71 60.01 -13.76
C GLY D 38 -17.29 59.90 -13.23
N ASP D 39 -17.17 59.46 -11.97
CA ASP D 39 -15.86 59.32 -11.34
C ASP D 39 -15.75 58.04 -10.54
N SER D 40 -16.15 56.92 -11.16
CA SER D 40 -16.08 55.60 -10.55
C SER D 40 -16.17 54.53 -11.61
N ASP D 41 -15.23 53.59 -11.57
CA ASP D 41 -15.16 52.44 -12.48
C ASP D 41 -16.34 51.49 -12.26
N LEU D 42 -16.94 51.49 -11.05
CA LEU D 42 -18.10 50.70 -10.73
C LEU D 42 -19.28 51.06 -11.63
N GLN D 43 -19.34 52.33 -12.06
CA GLN D 43 -20.42 52.82 -12.92
C GLN D 43 -20.36 52.23 -14.30
N LEU D 44 -19.15 51.97 -14.81
CA LEU D 44 -19.01 51.46 -16.16
C LEU D 44 -18.80 49.98 -16.28
N GLU D 45 -18.50 49.29 -15.17
CA GLU D 45 -18.19 47.86 -15.20
C GLU D 45 -19.22 47.01 -15.95
N ARG D 46 -20.49 47.25 -15.68
CA ARG D 46 -21.56 46.50 -16.32
C ARG D 46 -22.53 47.40 -17.08
N ILE D 47 -22.02 48.51 -17.65
CA ILE D 47 -22.83 49.47 -18.38
C ILE D 47 -23.50 48.87 -19.61
N ASN D 48 -22.86 47.87 -20.21
CA ASN D 48 -23.37 47.25 -21.41
C ASN D 48 -24.61 46.40 -21.18
N VAL D 49 -25.03 46.16 -19.94
CA VAL D 49 -26.26 45.42 -19.67
C VAL D 49 -27.48 46.21 -20.20
N TYR D 50 -27.46 47.53 -20.03
CA TYR D 50 -28.55 48.38 -20.48
C TYR D 50 -28.18 49.33 -21.64
N TYR D 51 -26.88 49.56 -21.87
CA TYR D 51 -26.48 50.51 -22.90
C TYR D 51 -25.62 49.93 -23.99
N ASN D 52 -25.80 50.40 -25.20
CA ASN D 52 -24.96 50.08 -26.34
C ASN D 52 -23.91 51.18 -26.42
N GLU D 53 -22.72 50.88 -26.93
CA GLU D 53 -21.70 51.91 -27.14
C GLU D 53 -21.80 52.36 -28.58
N ALA D 54 -22.01 53.64 -28.81
CA ALA D 54 -22.19 54.20 -30.16
C ALA D 54 -21.01 55.14 -30.57
N SER D 55 -21.05 55.78 -31.79
CA SER D 55 -20.03 56.71 -32.32
C SER D 55 -19.53 57.69 -31.24
N GLY D 56 -18.22 57.82 -31.15
CA GLY D 56 -17.60 58.58 -30.08
C GLY D 56 -17.62 57.74 -28.82
N GLY D 57 -17.60 58.39 -27.66
CA GLY D 57 -17.64 57.65 -26.39
C GLY D 57 -19.03 57.69 -25.80
N LYS D 58 -20.05 57.57 -26.67
CA LYS D 58 -21.42 57.70 -26.23
C LYS D 58 -22.11 56.36 -25.97
N TYR D 59 -23.04 56.39 -25.01
CA TYR D 59 -23.82 55.27 -24.55
C TYR D 59 -25.28 55.50 -24.90
N VAL D 60 -25.87 54.55 -25.62
CA VAL D 60 -27.26 54.66 -26.04
C VAL D 60 -28.12 53.56 -25.43
N PRO D 61 -29.15 53.93 -24.67
CA PRO D 61 -30.04 52.92 -24.06
C PRO D 61 -30.57 51.89 -25.05
N ARG D 62 -30.50 50.61 -24.70
CA ARG D 62 -31.04 49.54 -25.54
C ARG D 62 -32.53 49.49 -25.20
N ALA D 63 -33.23 50.54 -25.64
CA ALA D 63 -34.62 50.80 -25.35
C ALA D 63 -35.47 51.02 -26.59
N VAL D 64 -36.64 50.39 -26.61
CA VAL D 64 -37.61 50.54 -27.69
C VAL D 64 -38.83 51.20 -27.08
N LEU D 65 -39.28 52.34 -27.64
CA LEU D 65 -40.38 53.12 -27.12
C LEU D 65 -41.58 52.94 -28.03
N VAL D 66 -42.67 52.42 -27.48
CA VAL D 66 -43.86 52.07 -28.25
C VAL D 66 -45.13 52.71 -27.73
N ASP D 67 -46.01 53.13 -28.67
CA ASP D 67 -47.33 53.63 -28.35
C ASP D 67 -48.21 53.68 -29.56
N LEU D 68 -49.51 53.44 -29.39
CA LEU D 68 -50.44 53.53 -30.51
C LEU D 68 -50.90 54.96 -30.80
N GLU D 69 -50.37 55.94 -30.08
CA GLU D 69 -50.70 57.35 -30.13
C GLU D 69 -49.35 58.13 -30.03
N PRO D 70 -49.18 59.24 -30.76
CA PRO D 70 -47.86 59.91 -30.76
C PRO D 70 -47.55 60.80 -29.56
N GLY D 71 -48.58 61.19 -28.84
CA GLY D 71 -48.52 62.09 -27.70
C GLY D 71 -47.46 61.89 -26.64
N THR D 72 -47.51 60.77 -25.92
CA THR D 72 -46.54 60.50 -24.84
C THR D 72 -45.12 60.42 -25.40
N MET D 73 -44.95 59.88 -26.60
CA MET D 73 -43.63 59.77 -27.21
C MET D 73 -43.01 61.12 -27.55
N ASP D 74 -43.83 62.10 -27.92
CA ASP D 74 -43.35 63.47 -28.15
C ASP D 74 -42.91 64.09 -26.81
N SER D 75 -43.69 63.84 -25.74
CA SER D 75 -43.42 64.29 -24.39
C SER D 75 -42.11 63.65 -23.86
N VAL D 76 -41.85 62.38 -24.21
CA VAL D 76 -40.62 61.71 -23.79
C VAL D 76 -39.44 62.34 -24.51
N ARG D 77 -39.56 62.58 -25.82
CA ARG D 77 -38.50 63.19 -26.61
C ARG D 77 -38.12 64.57 -26.06
N SER D 78 -39.11 65.33 -25.61
CA SER D 78 -38.89 66.68 -25.07
C SER D 78 -38.47 66.70 -23.59
N GLY D 79 -38.69 65.59 -22.89
CA GLY D 79 -38.34 65.49 -21.48
C GLY D 79 -36.85 65.42 -21.25
N PRO D 80 -36.44 65.36 -19.97
CA PRO D 80 -35.01 65.21 -19.67
C PRO D 80 -34.53 63.83 -20.19
N PHE D 81 -33.36 63.78 -20.84
CA PHE D 81 -32.87 62.53 -21.41
C PHE D 81 -33.66 62.06 -22.65
N GLY D 82 -34.56 62.88 -23.16
CA GLY D 82 -35.33 62.52 -24.34
C GLY D 82 -34.45 62.34 -25.56
N GLN D 83 -33.31 63.09 -25.61
CA GLN D 83 -32.35 63.03 -26.71
C GLN D 83 -31.42 61.82 -26.65
N ILE D 84 -31.34 61.14 -25.49
CA ILE D 84 -30.47 59.98 -25.33
C ILE D 84 -30.92 58.78 -26.13
N PHE D 85 -32.23 58.66 -26.38
CA PHE D 85 -32.77 57.51 -27.06
C PHE D 85 -32.46 57.48 -28.54
N ARG D 86 -32.35 56.28 -29.09
CA ARG D 86 -32.12 56.09 -30.51
C ARG D 86 -33.39 56.52 -31.27
N PRO D 87 -33.28 57.52 -32.16
CA PRO D 87 -34.48 58.03 -32.86
C PRO D 87 -35.29 56.98 -33.61
N ASP D 88 -34.61 56.02 -34.21
CA ASP D 88 -35.26 54.94 -34.93
C ASP D 88 -35.98 53.95 -34.02
N ASN D 89 -35.74 54.01 -32.69
CA ASN D 89 -36.38 53.11 -31.73
C ASN D 89 -37.74 53.60 -31.23
N PHE D 90 -38.20 54.76 -31.73
CA PHE D 90 -39.51 55.25 -31.37
C PHE D 90 -40.47 54.69 -32.40
N VAL D 91 -41.36 53.80 -32.00
CA VAL D 91 -42.32 53.19 -32.91
C VAL D 91 -43.71 53.54 -32.44
N PHE D 92 -44.46 54.28 -33.27
CA PHE D 92 -45.78 54.70 -32.85
C PHE D 92 -46.81 54.81 -33.95
N GLY D 93 -48.04 54.49 -33.58
CA GLY D 93 -49.19 54.63 -34.47
C GLY D 93 -49.85 55.98 -34.25
N GLN D 94 -51.00 56.20 -34.89
CA GLN D 94 -51.71 57.48 -34.73
C GLN D 94 -53.12 57.31 -34.11
N SER D 95 -53.71 56.12 -34.27
CA SER D 95 -55.08 55.77 -33.88
C SER D 95 -55.44 55.69 -32.39
N GLY D 96 -54.50 55.27 -31.54
CA GLY D 96 -54.77 55.07 -30.13
C GLY D 96 -55.46 53.74 -29.87
N ALA D 97 -55.57 53.32 -28.60
CA ALA D 97 -56.26 52.07 -28.27
C ALA D 97 -57.53 52.24 -27.44
N GLY D 98 -57.82 53.49 -27.04
CA GLY D 98 -58.99 53.88 -26.30
C GLY D 98 -59.13 53.16 -24.98
N ASN D 99 -57.99 52.87 -24.31
CA ASN D 99 -57.96 52.18 -23.02
C ASN D 99 -58.80 50.87 -23.03
N ASN D 100 -58.70 50.17 -24.17
CA ASN D 100 -59.40 48.93 -24.46
C ASN D 100 -58.36 47.90 -24.83
N TRP D 101 -58.27 46.86 -24.00
CA TRP D 101 -57.34 45.77 -24.17
C TRP D 101 -57.48 45.07 -25.52
N ALA D 102 -58.71 44.87 -25.99
CA ALA D 102 -58.98 44.22 -27.25
C ALA D 102 -58.40 45.02 -28.42
N LYS D 103 -58.45 46.36 -28.34
CA LYS D 103 -57.90 47.20 -29.40
C LYS D 103 -56.37 47.05 -29.43
N GLY D 104 -55.74 47.04 -28.27
CA GLY D 104 -54.30 46.90 -28.17
C GLY D 104 -53.79 45.53 -28.53
N HIS D 105 -54.56 44.49 -28.19
CA HIS D 105 -54.11 43.12 -28.37
C HIS D 105 -54.46 42.52 -29.72
N TYR D 106 -55.64 42.85 -30.26
CA TYR D 106 -56.12 42.22 -31.45
C TYR D 106 -56.26 43.06 -32.68
N THR D 107 -56.58 44.36 -32.55
CA THR D 107 -56.84 45.15 -33.74
C THR D 107 -55.70 46.20 -33.99
N GLU D 108 -55.77 47.40 -33.40
CA GLU D 108 -54.79 48.45 -33.64
C GLU D 108 -53.38 48.01 -33.29
N GLY D 109 -53.24 47.29 -32.17
CA GLY D 109 -51.93 46.80 -31.75
C GLY D 109 -51.35 45.80 -32.71
N ALA D 110 -52.21 44.93 -33.27
CA ALA D 110 -51.78 43.95 -34.27
C ALA D 110 -51.27 44.62 -35.52
N GLU D 111 -51.80 45.79 -35.87
CA GLU D 111 -51.36 46.53 -37.06
C GLU D 111 -50.00 47.20 -36.86
N LEU D 112 -49.58 47.43 -35.62
CA LEU D 112 -48.30 48.09 -35.35
C LEU D 112 -47.21 47.13 -34.87
N VAL D 113 -47.59 45.95 -34.36
CA VAL D 113 -46.66 45.01 -33.75
C VAL D 113 -45.44 44.64 -34.63
N ASP D 114 -45.60 44.45 -35.93
CA ASP D 114 -44.47 44.08 -36.78
C ASP D 114 -43.42 45.19 -36.89
N SER D 115 -43.84 46.46 -36.86
CA SER D 115 -42.90 47.59 -36.85
C SER D 115 -42.07 47.59 -35.56
N VAL D 116 -42.68 47.18 -34.42
CA VAL D 116 -41.98 47.10 -33.15
C VAL D 116 -40.99 45.95 -33.19
N LEU D 117 -41.44 44.78 -33.68
CA LEU D 117 -40.59 43.60 -33.76
C LEU D 117 -39.36 43.85 -34.61
N ASP D 118 -39.46 44.69 -35.64
CA ASP D 118 -38.36 45.08 -36.53
C ASP D 118 -37.23 45.67 -35.69
N VAL D 119 -37.61 46.59 -34.79
CA VAL D 119 -36.68 47.30 -33.95
C VAL D 119 -36.13 46.42 -32.82
N VAL D 120 -37.00 45.61 -32.17
CA VAL D 120 -36.49 44.79 -31.07
C VAL D 120 -35.61 43.69 -31.63
N ARG D 121 -35.91 43.15 -32.81
CA ARG D 121 -35.04 42.15 -33.44
C ARG D 121 -33.67 42.74 -33.73
N LYS D 122 -33.59 43.96 -34.25
CA LYS D 122 -32.31 44.62 -34.52
C LYS D 122 -31.49 44.77 -33.25
N GLU D 123 -32.11 45.16 -32.14
CA GLU D 123 -31.40 45.32 -30.87
C GLU D 123 -30.91 43.97 -30.34
N ALA D 124 -31.79 42.97 -30.39
CA ALA D 124 -31.48 41.64 -29.88
C ALA D 124 -30.40 40.94 -30.69
N GLU D 125 -30.44 41.09 -32.00
CA GLU D 125 -29.48 40.42 -32.87
C GLU D 125 -28.09 40.93 -32.69
N SER D 126 -27.92 42.19 -32.25
CA SER D 126 -26.58 42.73 -32.05
C SER D 126 -26.02 42.44 -30.65
N CYS D 127 -26.72 41.66 -29.82
CA CYS D 127 -26.23 41.34 -28.49
C CYS D 127 -25.24 40.20 -28.52
N ASP D 128 -24.12 40.34 -27.80
CA ASP D 128 -23.15 39.25 -27.67
C ASP D 128 -23.77 38.11 -26.87
N CYS D 129 -24.52 38.42 -25.80
CA CYS D 129 -25.18 37.39 -25.01
C CYS D 129 -26.43 37.94 -24.37
N LEU D 130 -27.51 37.96 -25.12
CA LEU D 130 -28.79 38.48 -24.69
C LEU D 130 -29.37 37.73 -23.47
N GLN D 131 -29.64 38.44 -22.38
CA GLN D 131 -30.28 37.89 -21.18
C GLN D 131 -31.76 37.65 -21.45
N GLY D 132 -32.41 38.68 -21.98
CA GLY D 132 -33.82 38.66 -22.27
C GLY D 132 -34.39 40.06 -22.38
N PHE D 133 -35.68 40.17 -22.06
CA PHE D 133 -36.44 41.39 -22.25
C PHE D 133 -37.06 41.91 -20.98
N GLN D 134 -37.28 43.23 -20.94
CA GLN D 134 -37.81 43.94 -19.78
C GLN D 134 -38.87 44.88 -20.33
N LEU D 135 -40.13 44.70 -19.95
CA LEU D 135 -41.21 45.53 -20.45
C LEU D 135 -41.82 46.35 -19.32
N THR D 136 -41.98 47.67 -19.55
CA THR D 136 -42.71 48.53 -18.61
C THR D 136 -44.03 48.89 -19.27
N HIS D 137 -45.13 48.76 -18.54
CA HIS D 137 -46.46 49.02 -19.05
C HIS D 137 -47.49 48.99 -17.90
N SER D 138 -48.70 49.51 -18.16
CA SER D 138 -49.79 49.40 -17.21
C SER D 138 -50.71 48.26 -17.68
N LEU D 139 -51.52 47.72 -16.73
CA LEU D 139 -52.48 46.69 -17.07
C LEU D 139 -53.91 47.21 -17.26
N GLY D 140 -54.17 48.48 -16.89
CA GLY D 140 -55.51 49.04 -16.95
C GLY D 140 -55.90 49.77 -18.21
N GLY D 141 -54.93 50.17 -19.03
CA GLY D 141 -55.22 50.85 -20.29
C GLY D 141 -55.36 49.86 -21.43
N GLY D 142 -55.07 50.29 -22.63
CA GLY D 142 -55.22 49.45 -23.82
C GLY D 142 -53.95 49.09 -24.53
N THR D 143 -53.05 50.06 -24.68
CA THR D 143 -51.80 49.85 -25.40
C THR D 143 -50.81 49.05 -24.53
N GLY D 144 -50.49 49.54 -23.36
CA GLY D 144 -49.55 48.88 -22.47
C GLY D 144 -50.02 47.50 -22.06
N SER D 145 -51.31 47.36 -21.82
CA SER D 145 -51.86 46.08 -21.39
C SER D 145 -52.06 45.16 -22.56
N GLY D 146 -52.82 45.59 -23.55
CA GLY D 146 -53.16 44.75 -24.67
C GLY D 146 -52.02 44.54 -25.63
N MET D 147 -51.42 45.63 -26.13
CA MET D 147 -50.31 45.51 -27.07
C MET D 147 -49.03 45.01 -26.40
N GLY D 148 -48.86 45.35 -25.13
CA GLY D 148 -47.71 44.88 -24.37
C GLY D 148 -47.70 43.37 -24.22
N THR D 149 -48.86 42.78 -23.89
CA THR D 149 -48.95 41.31 -23.76
C THR D 149 -48.89 40.63 -25.13
N LEU D 150 -49.34 41.31 -26.18
CA LEU D 150 -49.22 40.77 -27.54
C LEU D 150 -47.73 40.70 -27.91
N LEU D 151 -46.95 41.74 -27.57
CA LEU D 151 -45.51 41.82 -27.81
C LEU D 151 -44.81 40.71 -27.08
N ILE D 152 -45.18 40.47 -25.82
CA ILE D 152 -44.56 39.39 -25.02
C ILE D 152 -44.73 38.05 -25.70
N SER D 153 -45.91 37.77 -26.23
CA SER D 153 -46.19 36.49 -26.88
C SER D 153 -45.41 36.37 -28.19
N LYS D 154 -45.26 37.47 -28.94
CA LYS D 154 -44.52 37.45 -30.21
C LYS D 154 -43.03 37.31 -29.95
N ILE D 155 -42.52 38.03 -28.94
CA ILE D 155 -41.13 37.96 -28.55
C ILE D 155 -40.79 36.56 -28.04
N ARG D 156 -41.68 35.98 -27.23
CA ARG D 156 -41.48 34.62 -26.71
C ARG D 156 -41.37 33.61 -27.86
N GLU D 157 -42.19 33.76 -28.88
CA GLU D 157 -42.18 32.86 -30.02
C GLU D 157 -40.84 32.90 -30.73
N GLU D 158 -40.23 34.07 -30.82
CA GLU D 158 -38.95 34.22 -31.53
C GLU D 158 -37.72 33.94 -30.64
N TYR D 159 -37.87 34.15 -29.33
CA TYR D 159 -36.80 33.97 -28.34
C TYR D 159 -37.34 33.14 -27.18
N PRO D 160 -37.71 31.88 -27.43
CA PRO D 160 -38.31 31.05 -26.37
C PRO D 160 -37.38 30.69 -25.21
N ASP D 161 -36.08 30.83 -25.42
CA ASP D 161 -35.05 30.53 -24.43
C ASP D 161 -34.56 31.76 -23.65
N ARG D 162 -35.12 32.94 -23.88
CA ARG D 162 -34.70 34.14 -23.14
C ARG D 162 -35.68 34.47 -22.00
N ILE D 163 -35.23 35.22 -21.00
CA ILE D 163 -36.06 35.60 -19.86
C ILE D 163 -36.96 36.76 -20.23
N MET D 164 -38.25 36.67 -19.86
CA MET D 164 -39.21 37.74 -20.08
C MET D 164 -39.59 38.35 -18.72
N ASN D 165 -39.23 39.62 -18.52
CA ASN D 165 -39.43 40.32 -17.27
C ASN D 165 -40.34 41.54 -17.50
N THR D 166 -41.29 41.80 -16.59
CA THR D 166 -42.17 42.97 -16.73
C THR D 166 -42.30 43.78 -15.43
N TYR D 167 -42.55 45.07 -15.58
CA TYR D 167 -42.86 46.00 -14.52
C TYR D 167 -44.26 46.38 -14.95
N SER D 168 -45.26 45.82 -14.24
CA SER D 168 -46.66 45.94 -14.59
C SER D 168 -47.38 46.78 -13.58
N VAL D 169 -47.96 47.91 -14.03
CA VAL D 169 -48.68 48.80 -13.15
C VAL D 169 -50.14 48.37 -13.01
N VAL D 170 -50.55 48.03 -11.80
CA VAL D 170 -51.91 47.55 -11.52
C VAL D 170 -52.86 48.73 -11.28
N PRO D 171 -54.08 48.71 -11.89
CA PRO D 171 -55.01 49.83 -11.72
C PRO D 171 -55.68 49.90 -10.34
N SER D 172 -56.16 51.09 -9.99
CA SER D 172 -56.85 51.34 -8.75
C SER D 172 -57.93 52.41 -8.96
N PRO D 173 -59.10 52.23 -8.34
CA PRO D 173 -60.13 53.29 -8.41
C PRO D 173 -59.68 54.61 -7.80
N LYS D 174 -58.64 54.60 -6.96
CA LYS D 174 -58.11 55.80 -6.31
C LYS D 174 -57.42 56.73 -7.29
N VAL D 175 -56.94 56.21 -8.44
CA VAL D 175 -56.28 57.05 -9.43
C VAL D 175 -56.47 56.34 -10.75
N SER D 176 -57.70 56.44 -11.23
CA SER D 176 -58.15 55.70 -12.39
C SER D 176 -58.31 56.53 -13.65
N ASP D 177 -58.13 55.91 -14.82
CA ASP D 177 -58.29 56.59 -16.11
C ASP D 177 -59.62 56.15 -16.79
N THR D 178 -60.09 54.90 -16.55
CA THR D 178 -61.34 54.37 -17.13
C THR D 178 -62.13 53.41 -16.17
N VAL D 179 -63.39 53.18 -16.53
CA VAL D 179 -64.32 52.29 -15.84
C VAL D 179 -64.01 50.80 -16.14
N VAL D 180 -63.35 50.48 -17.28
CA VAL D 180 -63.08 49.09 -17.63
C VAL D 180 -61.70 48.58 -17.24
N GLU D 181 -60.97 49.31 -16.39
CA GLU D 181 -59.67 48.86 -15.91
C GLU D 181 -59.68 47.45 -15.31
N PRO D 182 -60.70 47.02 -14.54
CA PRO D 182 -60.68 45.63 -14.04
C PRO D 182 -60.69 44.58 -15.17
N TYR D 183 -61.33 44.89 -16.31
CA TYR D 183 -61.34 43.97 -17.45
C TYR D 183 -59.95 43.89 -18.08
N ASN D 184 -59.36 45.04 -18.39
CA ASN D 184 -58.06 45.10 -19.03
C ASN D 184 -57.00 44.43 -18.18
N ALA D 185 -57.07 44.63 -16.86
CA ALA D 185 -56.12 44.04 -15.92
C ALA D 185 -56.25 42.53 -15.85
N THR D 186 -57.48 42.01 -15.77
CA THR D 186 -57.70 40.56 -15.69
C THR D 186 -57.24 39.90 -16.98
N LEU D 187 -57.55 40.48 -18.14
CA LEU D 187 -57.11 39.91 -19.42
C LEU D 187 -55.59 39.90 -19.54
N SER D 188 -54.92 40.92 -18.97
CA SER D 188 -53.47 41.00 -19.01
C SER D 188 -52.83 40.01 -18.05
N VAL D 189 -53.37 39.87 -16.83
CA VAL D 189 -52.85 38.92 -15.84
C VAL D 189 -52.89 37.53 -16.41
N HIS D 190 -53.93 37.18 -17.18
CA HIS D 190 -54.09 35.88 -17.82
C HIS D 190 -52.89 35.63 -18.75
N GLN D 191 -52.46 36.66 -19.48
CA GLN D 191 -51.31 36.57 -20.37
C GLN D 191 -50.01 36.49 -19.57
N LEU D 192 -49.87 37.28 -18.49
CA LEU D 192 -48.65 37.35 -17.70
C LEU D 192 -48.37 36.06 -16.98
N VAL D 193 -49.40 35.43 -16.44
CA VAL D 193 -49.26 34.16 -15.72
C VAL D 193 -48.65 33.10 -16.64
N GLU D 194 -49.00 33.12 -17.93
CA GLU D 194 -48.53 32.13 -18.89
C GLU D 194 -47.28 32.47 -19.63
N ASN D 195 -46.96 33.75 -19.81
CA ASN D 195 -45.87 34.11 -20.72
C ASN D 195 -44.71 34.88 -20.12
N THR D 196 -44.74 35.23 -18.81
CA THR D 196 -43.60 35.94 -18.23
C THR D 196 -42.89 35.07 -17.21
N ASP D 197 -41.61 35.33 -17.03
CA ASP D 197 -40.79 34.59 -16.06
C ASP D 197 -40.77 35.34 -14.73
N GLU D 198 -40.87 36.67 -14.78
CA GLU D 198 -40.88 37.48 -13.57
C GLU D 198 -41.63 38.75 -13.83
N THR D 199 -42.55 39.08 -12.93
CA THR D 199 -43.34 40.28 -13.07
C THR D 199 -43.31 41.05 -11.75
N TYR D 200 -42.92 42.31 -11.79
CA TYR D 200 -42.98 43.17 -10.61
C TYR D 200 -44.34 43.83 -10.60
N CYS D 201 -45.12 43.59 -9.55
CA CYS D 201 -46.45 44.18 -9.38
C CYS D 201 -46.32 45.57 -8.76
N ILE D 202 -46.43 46.61 -9.58
CA ILE D 202 -46.37 48.01 -9.15
C ILE D 202 -47.81 48.45 -9.05
N ASP D 203 -48.34 48.53 -7.85
CA ASP D 203 -49.73 48.87 -7.63
C ASP D 203 -49.99 50.36 -7.41
N ASN D 204 -50.80 50.97 -8.30
CA ASN D 204 -51.19 52.35 -8.15
C ASN D 204 -51.99 52.59 -6.84
N GLU D 205 -52.64 51.55 -6.30
CA GLU D 205 -53.34 51.68 -5.04
C GLU D 205 -52.31 51.96 -3.92
N ALA D 206 -51.20 51.20 -3.92
CA ALA D 206 -50.14 51.34 -2.93
C ALA D 206 -49.40 52.64 -3.11
N LEU D 207 -49.09 53.02 -4.37
CA LEU D 207 -48.36 54.25 -4.66
C LEU D 207 -49.17 55.45 -4.22
N TYR D 208 -50.49 55.45 -4.49
CA TYR D 208 -51.36 56.53 -4.07
C TYR D 208 -51.37 56.63 -2.55
N ASP D 209 -51.57 55.50 -1.87
CA ASP D 209 -51.63 55.46 -0.42
C ASP D 209 -50.34 55.94 0.26
N ILE D 210 -49.17 55.63 -0.35
CA ILE D 210 -47.88 56.09 0.20
C ILE D 210 -47.83 57.62 0.07
N CYS D 211 -48.19 58.14 -1.10
CA CYS D 211 -48.19 59.58 -1.36
C CYS D 211 -49.17 60.31 -0.45
N PHE D 212 -50.37 59.77 -0.30
CA PHE D 212 -51.41 60.41 0.52
C PHE D 212 -51.13 60.31 2.01
N ARG D 213 -50.98 59.09 2.55
CA ARG D 213 -50.75 58.88 3.96
C ARG D 213 -49.35 59.20 4.44
N THR D 214 -48.31 58.64 3.81
CA THR D 214 -46.95 58.83 4.31
C THR D 214 -46.36 60.17 3.91
N LEU D 215 -46.37 60.49 2.62
CA LEU D 215 -45.79 61.73 2.14
C LEU D 215 -46.71 62.95 2.28
N LYS D 216 -47.93 62.75 2.76
CA LYS D 216 -48.91 63.80 3.01
C LYS D 216 -49.19 64.69 1.80
N LEU D 217 -49.24 64.09 0.62
CA LEU D 217 -49.61 64.80 -0.60
C LEU D 217 -51.11 64.68 -0.70
N THR D 218 -51.85 65.77 -0.51
CA THR D 218 -53.32 65.74 -0.53
C THR D 218 -53.86 65.23 -1.85
N THR D 219 -53.27 65.71 -2.96
CA THR D 219 -53.66 65.27 -4.30
C THR D 219 -52.45 64.84 -5.10
N PRO D 220 -52.10 63.56 -5.04
CA PRO D 220 -50.90 63.08 -5.77
C PRO D 220 -51.09 63.09 -7.27
N THR D 221 -50.04 63.37 -7.99
CA THR D 221 -50.04 63.31 -9.44
C THR D 221 -49.29 62.04 -9.88
N TYR D 222 -49.35 61.69 -11.17
CA TYR D 222 -48.58 60.57 -11.68
C TYR D 222 -47.07 60.83 -11.52
N GLY D 223 -46.64 62.08 -11.49
CA GLY D 223 -45.23 62.41 -11.23
C GLY D 223 -44.80 62.01 -9.84
N ASP D 224 -45.70 62.20 -8.83
CA ASP D 224 -45.41 61.77 -7.45
C ASP D 224 -45.39 60.25 -7.37
N LEU D 225 -46.32 59.58 -8.04
CA LEU D 225 -46.37 58.12 -8.03
C LEU D 225 -45.12 57.55 -8.71
N ASN D 226 -44.72 58.17 -9.83
CA ASN D 226 -43.58 57.71 -10.62
C ASN D 226 -42.23 57.93 -9.95
N HIS D 227 -42.15 58.81 -8.97
CA HIS D 227 -40.90 58.99 -8.23
C HIS D 227 -40.66 57.73 -7.36
N LEU D 228 -41.74 57.16 -6.79
CA LEU D 228 -41.62 55.92 -6.03
C LEU D 228 -41.25 54.77 -6.97
N VAL D 229 -41.84 54.72 -8.15
CA VAL D 229 -41.58 53.66 -9.13
C VAL D 229 -40.14 53.70 -9.63
N SER D 230 -39.61 54.89 -9.92
CA SER D 230 -38.26 55.01 -10.42
C SER D 230 -37.24 54.57 -9.38
N LEU D 231 -37.48 54.91 -8.12
CA LEU D 231 -36.62 54.50 -7.03
C LEU D 231 -36.69 53.00 -6.86
N THR D 232 -37.89 52.42 -6.95
CA THR D 232 -38.06 50.97 -6.82
C THR D 232 -37.34 50.26 -7.96
N MET D 233 -37.51 50.74 -9.19
CA MET D 233 -36.87 50.15 -10.35
C MET D 233 -35.36 50.23 -10.29
N SER D 234 -34.84 51.31 -9.72
CA SER D 234 -33.41 51.44 -9.53
C SER D 234 -32.91 50.37 -8.56
N GLY D 235 -33.64 50.19 -7.47
CA GLY D 235 -33.31 49.22 -6.44
C GLY D 235 -33.37 47.78 -6.90
N VAL D 236 -34.43 47.39 -7.61
CA VAL D 236 -34.59 46.01 -8.04
C VAL D 236 -33.62 45.62 -9.13
N THR D 237 -33.13 46.57 -9.93
CA THR D 237 -32.16 46.27 -10.99
C THR D 237 -30.71 46.46 -10.58
N THR D 238 -30.46 46.88 -9.32
CA THR D 238 -29.12 47.09 -8.78
C THR D 238 -28.16 45.94 -9.08
N CYS D 239 -28.56 44.69 -8.81
CA CYS D 239 -27.72 43.51 -8.99
C CYS D 239 -27.40 43.20 -10.44
N LEU D 240 -28.23 43.68 -11.36
CA LEU D 240 -28.00 43.51 -12.78
C LEU D 240 -27.02 44.56 -13.31
N ARG D 241 -26.94 45.73 -12.67
CA ARG D 241 -26.20 46.88 -13.15
C ARG D 241 -24.84 47.11 -12.53
N PHE D 242 -24.56 46.52 -11.40
CA PHE D 242 -23.29 46.72 -10.72
C PHE D 242 -22.64 45.38 -10.40
N PRO D 243 -21.30 45.34 -10.30
CA PRO D 243 -20.64 44.06 -9.99
C PRO D 243 -21.09 43.47 -8.66
N GLY D 244 -21.38 42.18 -8.66
CA GLY D 244 -21.86 41.49 -7.46
C GLY D 244 -22.00 40.00 -7.66
N GLN D 245 -22.25 39.28 -6.56
CA GLN D 245 -22.36 37.83 -6.60
C GLN D 245 -23.78 37.35 -6.82
N LEU D 246 -24.73 37.93 -6.10
CA LEU D 246 -26.09 37.50 -6.04
C LEU D 246 -27.01 38.09 -7.09
N ASN D 247 -27.83 37.22 -7.73
CA ASN D 247 -28.85 37.58 -8.72
C ASN D 247 -28.30 38.54 -9.76
N ALA D 248 -27.09 38.27 -10.23
CA ALA D 248 -26.40 39.14 -11.16
C ALA D 248 -27.00 39.17 -12.56
N ASP D 249 -27.92 38.26 -12.86
CA ASP D 249 -28.57 38.20 -14.16
C ASP D 249 -30.03 37.79 -14.01
N LEU D 250 -30.84 38.03 -15.05
CA LEU D 250 -32.27 37.74 -15.05
C LEU D 250 -32.60 36.28 -14.77
N ARG D 251 -31.81 35.32 -15.30
CA ARG D 251 -32.10 33.89 -15.08
C ARG D 251 -31.77 33.45 -13.66
N LYS D 252 -30.60 33.85 -13.14
CA LYS D 252 -30.23 33.51 -11.76
C LYS D 252 -31.21 34.12 -10.74
N LEU D 253 -31.77 35.29 -11.04
CA LEU D 253 -32.77 35.91 -10.17
C LEU D 253 -34.02 35.06 -10.19
N ALA D 254 -34.45 34.62 -11.38
CA ALA D 254 -35.67 33.83 -11.52
C ALA D 254 -35.54 32.46 -10.83
N VAL D 255 -34.36 31.84 -10.94
CA VAL D 255 -34.10 30.56 -10.28
C VAL D 255 -34.14 30.70 -8.74
N ASN D 256 -33.73 31.83 -8.21
CA ASN D 256 -33.77 32.09 -6.78
C ASN D 256 -35.12 32.58 -6.26
N MET D 257 -35.94 33.16 -7.14
CA MET D 257 -37.19 33.75 -6.71
C MET D 257 -38.44 32.97 -7.06
N VAL D 258 -38.43 32.11 -8.08
CA VAL D 258 -39.64 31.45 -8.56
C VAL D 258 -39.65 29.95 -8.32
N PRO D 259 -40.33 29.50 -7.23
CA PRO D 259 -40.39 28.06 -6.94
C PRO D 259 -41.41 27.30 -7.78
N PHE D 260 -42.44 27.97 -8.26
CA PHE D 260 -43.48 27.36 -9.08
C PHE D 260 -43.69 28.29 -10.26
N PRO D 261 -43.80 27.76 -11.48
CA PRO D 261 -43.80 28.63 -12.66
C PRO D 261 -44.80 29.75 -12.69
N ARG D 262 -46.02 29.48 -12.24
CA ARG D 262 -47.06 30.52 -12.26
C ARG D 262 -46.86 31.56 -11.16
N LEU D 263 -46.16 31.21 -10.07
CA LEU D 263 -46.01 32.16 -8.96
C LEU D 263 -44.80 33.05 -9.13
N HIS D 264 -44.86 33.93 -10.10
CA HIS D 264 -43.73 34.78 -10.43
C HIS D 264 -44.07 36.25 -10.32
N PHE D 265 -45.01 36.60 -9.44
CA PHE D 265 -45.44 37.98 -9.26
C PHE D 265 -44.83 38.52 -7.98
N PHE D 266 -43.97 39.53 -8.11
CA PHE D 266 -43.23 40.04 -6.97
C PHE D 266 -43.84 41.26 -6.34
N MET D 267 -43.72 41.31 -5.03
CA MET D 267 -44.16 42.42 -4.20
C MET D 267 -42.90 43.25 -3.90
N PRO D 268 -42.68 44.37 -4.61
CA PRO D 268 -41.47 45.17 -4.31
C PRO D 268 -41.70 46.03 -3.07
N GLY D 269 -40.65 46.18 -2.26
CA GLY D 269 -40.64 47.00 -1.07
C GLY D 269 -39.48 47.99 -1.13
N PHE D 270 -39.62 49.19 -0.54
CA PHE D 270 -38.52 50.17 -0.60
C PHE D 270 -38.48 51.06 0.62
N ALA D 271 -37.26 51.37 1.08
CA ALA D 271 -37.08 52.32 2.17
C ALA D 271 -35.80 53.12 1.91
N PRO D 272 -35.76 54.43 2.25
CA PRO D 272 -36.83 55.26 2.81
C PRO D 272 -37.82 55.78 1.76
N LEU D 273 -39.01 56.20 2.19
CA LEU D 273 -40.05 56.69 1.30
C LEU D 273 -39.93 58.19 1.26
N THR D 274 -39.70 58.76 0.07
CA THR D 274 -39.50 60.18 -0.09
C THR D 274 -40.34 60.79 -1.22
N SER D 275 -40.56 62.10 -1.15
CA SER D 275 -41.24 62.82 -2.22
C SER D 275 -40.17 63.44 -3.13
N ARG D 276 -40.58 63.96 -4.31
CA ARG D 276 -39.64 64.48 -5.27
C ARG D 276 -38.74 65.60 -4.77
N GLY D 277 -37.45 65.40 -5.09
CA GLY D 277 -36.32 66.26 -4.76
C GLY D 277 -36.20 66.68 -3.32
N SER D 278 -36.93 66.00 -2.42
CA SER D 278 -36.95 66.37 -1.03
C SER D 278 -35.91 65.64 -0.22
N GLN D 279 -34.94 66.40 0.33
CA GLN D 279 -33.88 65.87 1.18
C GLN D 279 -34.37 65.90 2.66
N GLN D 280 -34.23 64.77 3.38
CA GLN D 280 -34.67 64.67 4.78
C GLN D 280 -33.50 64.60 5.77
N ALA D 283 -30.93 60.03 7.32
CA ALA D 283 -30.88 58.66 6.80
C ALA D 283 -31.36 57.63 7.84
N LEU D 284 -31.81 56.47 7.36
CA LEU D 284 -32.25 55.41 8.26
C LEU D 284 -31.07 54.54 8.62
N THR D 285 -31.08 53.96 9.82
CA THR D 285 -30.02 53.05 10.24
C THR D 285 -30.27 51.69 9.56
N VAL D 286 -29.25 50.82 9.54
CA VAL D 286 -29.42 49.47 8.99
C VAL D 286 -30.56 48.71 9.68
N PRO D 287 -30.65 48.71 11.04
CA PRO D 287 -31.79 48.07 11.69
C PRO D 287 -33.14 48.61 11.22
N GLU D 288 -33.27 49.92 11.10
CA GLU D 288 -34.50 50.55 10.64
C GLU D 288 -34.81 50.15 9.21
N LEU D 289 -33.79 50.13 8.36
CA LEU D 289 -33.95 49.75 6.97
C LEU D 289 -34.45 48.32 6.84
N THR D 290 -33.90 47.40 7.65
CA THR D 290 -34.32 46.00 7.63
C THR D 290 -35.75 45.80 8.09
N GLN D 291 -36.18 46.55 9.12
CA GLN D 291 -37.54 46.46 9.66
C GLN D 291 -38.61 46.71 8.61
N GLN D 292 -38.31 47.54 7.59
CA GLN D 292 -39.30 47.91 6.58
C GLN D 292 -39.75 46.78 5.66
N MET D 293 -39.02 45.65 5.66
CA MET D 293 -39.34 44.45 4.90
C MET D 293 -40.74 43.90 5.24
N PHE D 294 -41.14 44.04 6.50
CA PHE D 294 -42.45 43.58 6.94
C PHE D 294 -43.47 44.65 7.08
N ASP D 295 -43.18 45.89 6.61
CA ASP D 295 -44.07 47.02 6.74
C ASP D 295 -44.91 47.20 5.50
N ALA D 296 -46.23 47.13 5.67
CA ALA D 296 -47.16 47.32 4.57
C ALA D 296 -47.03 48.69 3.95
N LYS D 297 -46.70 49.73 4.78
CA LYS D 297 -46.50 51.12 4.33
C LYS D 297 -45.32 51.30 3.37
N ASN D 298 -44.44 50.29 3.25
CA ASN D 298 -43.29 50.36 2.37
C ASN D 298 -43.44 49.48 1.11
N MET D 299 -44.56 48.77 0.93
CA MET D 299 -44.75 47.88 -0.21
C MET D 299 -45.33 48.63 -1.38
N MET D 300 -44.79 48.37 -2.57
CA MET D 300 -45.27 48.96 -3.81
C MET D 300 -46.46 48.21 -4.40
N ALA D 301 -46.91 47.14 -3.75
CA ALA D 301 -48.10 46.37 -4.09
C ALA D 301 -48.97 46.53 -2.83
N ALA D 302 -50.26 46.84 -2.97
CA ALA D 302 -51.13 47.05 -1.81
C ALA D 302 -51.60 45.76 -1.14
N CYS D 303 -50.63 45.10 -0.50
CA CYS D 303 -50.76 43.86 0.25
C CYS D 303 -49.97 44.05 1.54
N ASP D 304 -50.35 43.32 2.57
CA ASP D 304 -49.65 43.36 3.84
C ASP D 304 -48.79 42.12 3.92
N PRO D 305 -47.44 42.26 4.02
CA PRO D 305 -46.58 41.05 4.11
C PRO D 305 -46.87 40.21 5.36
N ARG D 306 -47.42 40.83 6.44
CA ARG D 306 -47.82 40.07 7.63
C ARG D 306 -49.07 39.22 7.37
N HIS D 307 -49.78 39.43 6.27
CA HIS D 307 -50.98 38.66 5.93
C HIS D 307 -50.71 37.32 5.23
N GLY D 308 -49.47 37.08 4.85
CA GLY D 308 -49.07 35.84 4.20
C GLY D 308 -47.67 35.45 4.59
N ARG D 309 -47.02 34.63 3.75
CA ARG D 309 -45.67 34.18 4.01
C ARG D 309 -44.79 34.40 2.78
N TYR D 310 -43.55 34.72 3.03
CA TYR D 310 -42.55 34.88 2.00
C TYR D 310 -42.07 33.50 1.53
N LEU D 311 -42.21 33.22 0.23
CA LEU D 311 -41.69 32.01 -0.39
C LEU D 311 -40.19 32.27 -0.59
N THR D 312 -39.83 33.43 -1.13
CA THR D 312 -38.45 33.85 -1.37
C THR D 312 -38.35 35.37 -1.20
N VAL D 313 -37.16 35.85 -0.84
CA VAL D 313 -36.91 37.29 -0.71
C VAL D 313 -35.50 37.62 -1.17
N ALA D 314 -35.34 38.69 -1.95
CA ALA D 314 -34.05 39.24 -2.29
C ALA D 314 -34.04 40.65 -1.65
N ALA D 315 -33.06 40.91 -0.77
CA ALA D 315 -32.95 42.20 -0.08
C ALA D 315 -31.68 42.89 -0.56
N ILE D 316 -31.80 44.15 -1.02
CA ILE D 316 -30.67 44.91 -1.57
C ILE D 316 -30.44 46.19 -0.80
N PHE D 317 -29.30 46.29 -0.13
CA PHE D 317 -28.92 47.48 0.63
C PHE D 317 -27.95 48.30 -0.18
N ARG D 318 -28.13 49.61 -0.20
CA ARG D 318 -27.28 50.49 -1.00
C ARG D 318 -26.76 51.65 -0.18
N GLY D 319 -25.53 52.04 -0.47
CA GLY D 319 -24.89 53.13 0.24
C GLY D 319 -23.74 52.65 1.11
N ARG D 320 -23.06 53.58 1.77
CA ARG D 320 -21.95 53.22 2.65
C ARG D 320 -22.47 52.70 3.99
N MET D 321 -22.29 51.42 4.25
CA MET D 321 -22.76 50.79 5.47
C MET D 321 -21.96 49.51 5.75
N SER D 322 -22.02 49.05 7.00
CA SER D 322 -21.30 47.87 7.42
C SER D 322 -21.97 46.61 6.92
N MET D 323 -21.25 45.81 6.12
CA MET D 323 -21.74 44.52 5.61
C MET D 323 -22.06 43.60 6.79
N LYS D 324 -21.24 43.64 7.85
CA LYS D 324 -21.42 42.85 9.05
C LYS D 324 -22.74 43.24 9.73
N GLU D 325 -23.05 44.55 9.81
CA GLU D 325 -24.29 45.03 10.43
C GLU D 325 -25.50 44.59 9.62
N VAL D 326 -25.39 44.62 8.29
CA VAL D 326 -26.46 44.19 7.42
C VAL D 326 -26.73 42.70 7.62
N ASP D 327 -25.67 41.89 7.67
CA ASP D 327 -25.78 40.46 7.86
C ASP D 327 -26.43 40.11 9.19
N GLU D 328 -26.06 40.84 10.24
CA GLU D 328 -26.58 40.62 11.58
C GLU D 328 -28.04 40.94 11.64
N GLN D 329 -28.46 42.08 11.05
CA GLN D 329 -29.85 42.51 11.06
C GLN D 329 -30.73 41.64 10.22
N MET D 330 -30.21 41.15 9.08
CA MET D 330 -30.98 40.27 8.22
C MET D 330 -31.24 38.93 8.88
N LEU D 331 -30.25 38.42 9.64
CA LEU D 331 -30.42 37.19 10.39
C LEU D 331 -31.47 37.42 11.49
N ASN D 332 -31.37 38.55 12.19
CA ASN D 332 -32.29 38.91 13.24
C ASN D 332 -33.73 39.00 12.72
N ILE D 333 -33.94 39.62 11.54
CA ILE D 333 -35.28 39.76 11.00
C ILE D 333 -35.89 38.38 10.67
N GLN D 334 -35.12 37.41 10.15
CA GLN D 334 -35.69 36.08 9.87
C GLN D 334 -35.93 35.30 11.16
N ASN D 335 -35.03 35.45 12.13
CA ASN D 335 -35.20 34.77 13.41
C ASN D 335 -36.41 35.29 14.18
N LYS D 336 -36.58 36.62 14.21
CA LYS D 336 -37.68 37.26 14.91
C LYS D 336 -39.01 37.16 14.16
N ASN D 337 -38.99 36.85 12.86
CA ASN D 337 -40.22 36.77 12.08
C ASN D 337 -40.37 35.44 11.36
N SER D 338 -39.91 34.35 11.99
CA SER D 338 -39.94 32.97 11.46
C SER D 338 -41.26 32.54 10.83
N SER D 339 -42.36 32.93 11.45
CA SER D 339 -43.71 32.59 11.02
C SER D 339 -44.07 33.18 9.66
N TYR D 340 -43.40 34.25 9.21
CA TYR D 340 -43.72 34.89 7.96
C TYR D 340 -42.88 34.41 6.78
N PHE D 341 -42.11 33.32 6.95
CA PHE D 341 -41.30 32.69 5.91
C PHE D 341 -41.68 31.23 5.85
N VAL D 342 -41.85 30.66 4.65
CA VAL D 342 -42.18 29.25 4.53
C VAL D 342 -41.00 28.43 5.02
N GLU D 343 -41.28 27.47 5.89
CA GLU D 343 -40.26 26.63 6.48
C GLU D 343 -39.73 25.60 5.47
N TRP D 344 -40.51 25.30 4.40
CA TRP D 344 -40.13 24.27 3.46
C TRP D 344 -39.24 24.80 2.29
N ILE D 345 -38.76 26.04 2.39
CA ILE D 345 -37.77 26.57 1.46
C ILE D 345 -36.65 27.13 2.33
N PRO D 346 -35.67 26.28 2.75
CA PRO D 346 -34.59 26.76 3.62
C PRO D 346 -33.73 27.85 3.00
N ASN D 347 -33.31 28.84 3.83
CA ASN D 347 -32.42 29.91 3.38
C ASN D 347 -32.98 30.65 2.17
N ASN D 348 -34.25 31.03 2.23
CA ASN D 348 -34.95 31.68 1.13
C ASN D 348 -34.77 33.19 1.09
N VAL D 349 -33.94 33.77 1.97
CA VAL D 349 -33.69 35.20 1.97
C VAL D 349 -32.23 35.47 1.60
N LYS D 350 -32.01 36.06 0.43
CA LYS D 350 -30.67 36.38 -0.03
C LYS D 350 -30.43 37.89 0.03
N THR D 351 -29.26 38.30 0.54
CA THR D 351 -28.93 39.71 0.71
C THR D 351 -27.76 40.21 -0.14
N ALA D 352 -27.88 41.39 -0.70
CA ALA D 352 -26.83 42.02 -1.48
C ALA D 352 -26.58 43.44 -0.96
N VAL D 353 -25.32 43.89 -1.01
CA VAL D 353 -24.95 45.23 -0.58
C VAL D 353 -24.14 45.90 -1.69
N CYS D 354 -24.59 47.07 -2.15
CA CYS D 354 -23.91 47.84 -3.19
C CYS D 354 -23.49 49.20 -2.64
N ASP D 355 -22.25 49.61 -2.89
CA ASP D 355 -21.73 50.90 -2.39
C ASP D 355 -22.45 52.11 -2.97
N ILE D 356 -22.93 52.01 -4.20
CA ILE D 356 -23.58 53.12 -4.87
C ILE D 356 -25.03 53.24 -4.48
N PRO D 357 -25.40 54.31 -3.76
CA PRO D 357 -26.81 54.48 -3.38
C PRO D 357 -27.63 55.03 -4.55
N PRO D 358 -28.97 54.92 -4.51
CA PRO D 358 -29.78 55.46 -5.61
C PRO D 358 -29.70 56.98 -5.63
N ARG D 359 -30.02 57.58 -6.78
CA ARG D 359 -29.94 59.03 -6.94
C ARG D 359 -30.77 59.79 -5.87
N GLY D 360 -30.13 60.74 -5.21
CA GLY D 360 -30.78 61.55 -4.19
C GLY D 360 -30.80 60.98 -2.78
N LEU D 361 -30.32 59.76 -2.59
CA LEU D 361 -30.28 59.13 -1.28
C LEU D 361 -28.85 58.78 -0.87
N LYS D 362 -28.62 58.67 0.45
CA LYS D 362 -27.34 58.28 1.04
C LYS D 362 -27.36 56.80 1.42
N MET D 363 -28.53 56.27 1.80
CA MET D 363 -28.71 54.88 2.19
C MET D 363 -30.12 54.42 1.82
N SER D 364 -30.28 53.15 1.44
CA SER D 364 -31.60 52.64 1.05
C SER D 364 -31.66 51.11 1.13
N ALA D 365 -32.87 50.57 1.09
CA ALA D 365 -33.07 49.13 1.05
C ALA D 365 -34.23 48.82 0.11
N THR D 366 -34.04 47.82 -0.76
CA THR D 366 -35.07 47.40 -1.68
C THR D 366 -35.36 45.93 -1.43
N PHE D 367 -36.63 45.57 -1.39
CA PHE D 367 -37.03 44.19 -1.15
C PHE D 367 -37.80 43.65 -2.32
N ILE D 368 -37.40 42.50 -2.82
CA ILE D 368 -38.11 41.84 -3.90
C ILE D 368 -38.63 40.63 -3.23
N GLY D 369 -39.92 40.63 -2.99
CA GLY D 369 -40.52 39.51 -2.29
C GLY D 369 -41.48 38.69 -3.12
N ASN D 370 -41.39 37.39 -2.95
CA ASN D 370 -42.37 36.51 -3.53
C ASN D 370 -43.23 36.06 -2.33
N SER D 371 -44.22 36.87 -1.98
CA SER D 371 -45.08 36.60 -0.84
C SER D 371 -46.43 36.06 -1.28
N THR D 372 -46.97 35.10 -0.53
CA THR D 372 -48.32 34.63 -0.79
C THR D 372 -49.38 35.72 -0.47
N ALA D 373 -48.99 36.86 0.17
CA ALA D 373 -49.90 37.97 0.44
C ALA D 373 -50.30 38.70 -0.85
N ILE D 374 -49.53 38.53 -1.95
CA ILE D 374 -49.84 39.11 -3.24
C ILE D 374 -51.21 38.66 -3.73
N GLN D 375 -51.77 37.58 -3.19
CA GLN D 375 -53.12 37.14 -3.54
C GLN D 375 -54.15 38.24 -3.20
N GLU D 376 -53.85 39.16 -2.24
CA GLU D 376 -54.76 40.26 -1.91
C GLU D 376 -54.92 41.20 -3.10
N LEU D 377 -53.85 41.44 -3.86
CA LEU D 377 -53.89 42.28 -5.02
C LEU D 377 -54.78 41.64 -6.08
N PHE D 378 -54.61 40.33 -6.35
CA PHE D 378 -55.40 39.61 -7.34
C PHE D 378 -56.86 39.46 -6.95
N LYS D 379 -57.11 39.31 -5.65
CA LYS D 379 -58.48 39.24 -5.12
C LYS D 379 -59.21 40.56 -5.34
N ARG D 380 -58.50 41.69 -5.15
CA ARG D 380 -59.09 43.00 -5.32
C ARG D 380 -59.50 43.20 -6.77
N ILE D 381 -58.60 42.86 -7.72
CA ILE D 381 -58.89 42.94 -9.15
C ILE D 381 -60.05 42.03 -9.51
N SER D 382 -60.01 40.79 -9.01
CA SER D 382 -61.05 39.81 -9.26
C SER D 382 -62.41 40.24 -8.78
N GLU D 383 -62.50 40.90 -7.60
CA GLU D 383 -63.79 41.36 -7.10
C GLU D 383 -64.33 42.47 -8.00
N GLN D 384 -63.46 43.39 -8.42
CA GLN D 384 -63.87 44.47 -9.30
C GLN D 384 -64.30 43.91 -10.65
N PHE D 385 -63.58 42.90 -11.15
CA PHE D 385 -63.92 42.24 -12.39
C PHE D 385 -65.32 41.59 -12.31
N THR D 386 -65.55 40.78 -11.27
CA THR D 386 -66.80 40.07 -11.08
C THR D 386 -68.00 40.98 -10.99
N ALA D 387 -67.86 42.09 -10.25
CA ALA D 387 -68.94 43.04 -10.08
C ALA D 387 -69.45 43.59 -11.43
N MET D 388 -68.54 43.73 -12.40
CA MET D 388 -68.88 44.23 -13.71
C MET D 388 -69.35 43.09 -14.62
N PHE D 389 -68.59 42.01 -14.66
CA PHE D 389 -68.83 40.87 -15.54
C PHE D 389 -70.12 40.13 -15.26
N ARG D 390 -70.53 40.10 -13.99
CA ARG D 390 -71.76 39.49 -13.54
C ARG D 390 -72.97 40.13 -14.28
N ARG D 391 -72.89 41.44 -14.59
CA ARG D 391 -73.92 42.14 -15.34
C ARG D 391 -73.55 42.39 -16.81
N LYS D 392 -72.42 41.83 -17.28
CA LYS D 392 -71.90 42.02 -18.62
C LYS D 392 -71.76 43.49 -19.01
N ALA D 393 -71.41 44.33 -18.04
CA ALA D 393 -71.30 45.77 -18.26
C ALA D 393 -70.14 46.08 -19.17
N PHE D 394 -70.33 46.98 -20.14
CA PHE D 394 -69.28 47.40 -21.07
C PHE D 394 -68.71 46.28 -21.92
N LEU D 395 -69.33 45.10 -21.92
CA LEU D 395 -68.79 43.94 -22.61
C LEU D 395 -68.73 44.12 -24.14
N HIS D 396 -69.63 44.95 -24.69
CA HIS D 396 -69.63 45.22 -26.13
C HIS D 396 -68.40 45.98 -26.59
N TRP D 397 -67.70 46.65 -25.67
CA TRP D 397 -66.47 47.33 -26.01
C TRP D 397 -65.40 46.35 -26.50
N TYR D 398 -65.49 45.09 -26.05
CA TYR D 398 -64.57 43.99 -26.37
C TYR D 398 -65.11 43.06 -27.42
N THR D 399 -66.38 42.62 -27.29
CA THR D 399 -66.97 41.75 -28.31
C THR D 399 -67.04 42.49 -29.68
N GLY D 400 -67.20 43.81 -29.67
CA GLY D 400 -67.17 44.63 -30.87
C GLY D 400 -65.84 44.57 -31.60
N GLU D 401 -64.75 44.29 -30.88
CA GLU D 401 -63.43 44.11 -31.47
C GLU D 401 -63.17 42.65 -31.94
N GLY D 402 -64.16 41.76 -31.80
CA GLY D 402 -64.10 40.38 -32.23
C GLY D 402 -63.89 39.38 -31.11
N MET D 403 -63.75 39.83 -29.85
CA MET D 403 -63.55 38.93 -28.72
C MET D 403 -64.80 38.16 -28.39
N ASP D 404 -64.62 37.01 -27.72
CA ASP D 404 -65.73 36.22 -27.26
C ASP D 404 -65.78 36.34 -25.73
N GLU D 405 -66.97 36.22 -25.17
CA GLU D 405 -67.20 36.26 -23.73
C GLU D 405 -66.42 35.12 -23.00
N MET D 406 -66.14 34.01 -23.70
CA MET D 406 -65.40 32.88 -23.16
C MET D 406 -63.98 33.29 -22.75
N GLU D 407 -63.35 34.22 -23.48
CA GLU D 407 -62.03 34.74 -23.12
C GLU D 407 -62.04 35.41 -21.75
N PHE D 408 -63.12 36.10 -21.43
CA PHE D 408 -63.28 36.76 -20.14
C PHE D 408 -63.41 35.73 -19.03
N THR D 409 -64.21 34.69 -19.26
CA THR D 409 -64.41 33.61 -18.29
C THR D 409 -63.10 32.91 -18.01
N GLU D 410 -62.29 32.67 -19.05
CA GLU D 410 -61.02 31.99 -18.93
C GLU D 410 -60.01 32.79 -18.20
N ALA D 411 -59.92 34.08 -18.52
CA ALA D 411 -58.99 34.96 -17.86
C ALA D 411 -59.32 35.06 -16.36
N GLU D 412 -60.62 35.17 -16.03
CA GLU D 412 -61.07 35.26 -14.64
C GLU D 412 -60.76 33.99 -13.88
N SER D 413 -61.00 32.84 -14.53
CA SER D 413 -60.80 31.53 -13.93
C SER D 413 -59.32 31.34 -13.60
N ASN D 414 -58.44 31.74 -14.54
CA ASN D 414 -57.01 31.58 -14.38
C ASN D 414 -56.49 32.42 -13.23
N MET D 415 -57.00 33.65 -13.10
CA MET D 415 -56.59 34.52 -12.03
C MET D 415 -57.14 34.05 -10.67
N ASN D 416 -58.35 33.47 -10.66
CA ASN D 416 -58.88 32.89 -9.42
C ASN D 416 -58.04 31.66 -9.01
N ASP D 417 -57.54 30.89 -10.01
CA ASP D 417 -56.69 29.73 -9.78
C ASP D 417 -55.37 30.17 -9.19
N LEU D 418 -54.82 31.29 -9.68
CA LEU D 418 -53.59 31.88 -9.19
C LEU D 418 -53.70 32.21 -7.71
N VAL D 419 -54.84 32.78 -7.29
CA VAL D 419 -55.12 33.09 -5.89
C VAL D 419 -55.15 31.80 -5.06
N SER D 420 -55.86 30.78 -5.54
CA SER D 420 -55.97 29.50 -4.82
C SER D 420 -54.59 28.87 -4.62
N GLU D 421 -53.74 28.96 -5.65
CA GLU D 421 -52.40 28.42 -5.60
C GLU D 421 -51.58 29.12 -4.53
N TYR D 422 -51.62 30.50 -4.45
CA TYR D 422 -50.90 31.26 -3.42
C TYR D 422 -51.38 30.85 -2.03
N GLN D 423 -52.70 30.64 -1.88
CA GLN D 423 -53.31 30.25 -0.59
C GLN D 423 -52.90 28.85 -0.19
N GLN D 424 -52.78 27.94 -1.17
CA GLN D 424 -52.38 26.57 -0.94
C GLN D 424 -50.98 26.54 -0.32
N TYR D 425 -50.05 27.31 -0.87
CA TYR D 425 -48.68 27.34 -0.36
C TYR D 425 -48.53 28.13 0.92
N GLN D 426 -49.45 29.08 1.17
CA GLN D 426 -49.47 29.82 2.41
C GLN D 426 -49.85 28.89 3.56
N GLU D 427 -50.80 27.98 3.32
CA GLU D 427 -51.27 27.02 4.32
C GLU D 427 -50.39 25.76 4.41
N ALA D 428 -49.53 25.51 3.40
CA ALA D 428 -48.67 24.33 3.38
C ALA D 428 -47.71 24.32 4.55
N THR D 429 -47.55 23.16 5.12
CA THR D 429 -46.66 22.99 6.26
C THR D 429 -45.53 22.04 5.87
N ALA D 430 -44.43 22.08 6.64
CA ALA D 430 -43.31 21.16 6.43
C ALA D 430 -43.67 19.71 6.93
N ASP D 431 -44.72 19.58 7.80
CA ASP D 431 -45.28 18.35 8.41
C ASP D 431 -44.25 17.24 8.71
N ALA E 2 45.90 -72.08 35.12
CA ALA E 2 47.23 -72.67 35.17
C ALA E 2 47.54 -73.45 33.88
N ASP E 3 46.58 -74.24 33.40
CA ASP E 3 46.79 -75.01 32.18
C ASP E 3 46.59 -74.08 30.97
N MET E 4 47.72 -73.50 30.50
CA MET E 4 47.81 -72.59 29.37
C MET E 4 48.62 -73.28 28.28
N GLU E 5 48.06 -73.34 27.08
CA GLU E 5 48.71 -73.98 25.95
C GLU E 5 49.16 -72.91 24.95
N VAL E 6 50.47 -72.80 24.73
CA VAL E 6 51.02 -71.85 23.77
C VAL E 6 51.38 -72.58 22.48
N ILE E 7 50.90 -72.11 21.34
CA ILE E 7 51.17 -72.73 20.05
C ILE E 7 51.90 -71.69 19.20
N GLU E 8 53.11 -71.99 18.71
CA GLU E 8 53.83 -71.04 17.88
C GLU E 8 53.18 -70.97 16.50
N LEU E 9 53.03 -69.75 15.98
CA LEU E 9 52.41 -69.56 14.68
C LEU E 9 53.41 -69.17 13.61
N ASN E 10 54.04 -67.97 13.75
CA ASN E 10 54.94 -67.41 12.75
C ASN E 10 56.14 -66.68 13.39
N LYS E 11 57.18 -66.52 12.61
CA LYS E 11 58.38 -65.77 12.98
C LYS E 11 58.88 -65.08 11.71
N ALA E 12 59.17 -63.79 11.81
CA ALA E 12 59.64 -63.00 10.69
C ALA E 12 60.65 -61.92 11.18
N THR E 13 61.24 -61.14 10.28
CA THR E 13 62.26 -60.12 10.56
C THR E 13 61.80 -59.05 11.58
N SER E 14 60.62 -58.47 11.43
CA SER E 14 60.17 -57.49 12.42
C SER E 14 58.96 -57.95 13.22
N GLY E 15 58.84 -59.26 13.41
CA GLY E 15 57.71 -59.80 14.15
C GLY E 15 57.81 -61.24 14.59
N GLN E 16 56.98 -61.60 15.55
CA GLN E 16 56.88 -62.93 16.13
C GLN E 16 55.43 -63.10 16.55
N SER E 17 54.80 -64.25 16.23
CA SER E 17 53.40 -64.45 16.61
C SER E 17 53.16 -65.84 17.12
N TRP E 18 52.17 -65.96 18.02
CA TRP E 18 51.77 -67.23 18.61
C TRP E 18 50.34 -67.16 19.12
N GLU E 19 49.75 -68.30 19.43
CA GLU E 19 48.40 -68.37 19.96
C GLU E 19 48.45 -68.96 21.37
N VAL E 20 47.64 -68.44 22.28
CA VAL E 20 47.55 -68.89 23.67
C VAL E 20 46.13 -69.38 23.88
N ILE E 21 45.93 -70.66 24.22
CA ILE E 21 44.59 -71.19 24.45
C ILE E 21 44.39 -71.49 25.94
N LEU E 22 43.43 -70.80 26.56
CA LEU E 22 43.15 -70.96 27.97
C LEU E 22 42.24 -72.15 28.21
N LYS E 23 41.16 -72.25 27.42
CA LYS E 23 40.23 -73.37 27.49
C LYS E 23 39.73 -73.68 26.09
N PRO E 24 39.62 -74.96 25.68
CA PRO E 24 39.09 -75.26 24.33
C PRO E 24 37.57 -75.05 24.26
N PRO E 25 36.96 -75.05 23.05
CA PRO E 25 35.51 -74.78 22.98
C PRO E 25 34.67 -75.89 23.56
N SER E 26 33.51 -75.52 24.13
CA SER E 26 32.59 -76.51 24.69
C SER E 26 31.96 -77.23 23.48
N PHE E 27 31.47 -76.47 22.47
CA PHE E 27 30.91 -77.03 21.25
C PHE E 27 31.95 -77.03 20.12
N ASP E 28 32.46 -78.20 19.79
CA ASP E 28 33.46 -78.42 18.74
C ASP E 28 32.81 -78.16 17.35
N GLY E 29 33.13 -77.02 16.77
CA GLY E 29 32.60 -76.62 15.47
C GLY E 29 31.64 -75.46 15.55
N ASP E 42 25.73 -62.05 -5.51
CA ASP E 42 26.69 -61.29 -6.30
C ASP E 42 26.03 -60.08 -6.92
N PRO E 43 26.43 -58.85 -6.54
CA PRO E 43 25.77 -57.66 -7.12
C PRO E 43 26.16 -57.48 -8.59
N SER E 44 25.20 -57.04 -9.42
CA SER E 44 25.54 -56.79 -10.81
C SER E 44 25.50 -55.30 -11.12
N LEU E 45 26.31 -54.90 -12.09
CA LEU E 45 26.40 -53.53 -12.52
C LEU E 45 25.05 -53.05 -13.05
N GLU E 46 24.34 -53.93 -13.79
CA GLU E 46 23.02 -53.62 -14.35
C GLU E 46 22.00 -53.36 -13.24
N GLU E 47 22.04 -54.16 -12.18
CA GLU E 47 21.10 -54.00 -11.06
C GLU E 47 21.33 -52.67 -10.35
N ILE E 48 22.60 -52.33 -10.11
CA ILE E 48 23.01 -51.07 -9.50
C ILE E 48 22.55 -49.91 -10.37
N GLN E 49 22.78 -50.01 -11.69
CA GLN E 49 22.40 -48.98 -12.66
C GLN E 49 20.89 -48.78 -12.70
N LYS E 50 20.14 -49.87 -12.58
CA LYS E 50 18.69 -49.87 -12.57
C LYS E 50 18.13 -49.08 -11.37
N LYS E 51 18.73 -49.26 -10.19
CA LYS E 51 18.31 -48.58 -8.99
C LYS E 51 18.61 -47.10 -9.06
N LEU E 52 19.82 -46.73 -9.51
CA LEU E 52 20.20 -45.32 -9.62
C LEU E 52 19.34 -44.59 -10.63
N GLU E 53 18.97 -45.27 -11.73
CA GLU E 53 18.13 -44.64 -12.75
C GLU E 53 16.70 -44.47 -12.29
N ALA E 54 16.19 -45.40 -11.49
CA ALA E 54 14.85 -45.29 -10.94
C ALA E 54 14.78 -44.10 -9.98
N ALA E 55 15.85 -43.88 -9.18
CA ALA E 55 15.93 -42.76 -8.24
C ALA E 55 16.04 -41.44 -8.96
N GLU E 56 16.81 -41.41 -10.05
CA GLU E 56 16.94 -40.21 -10.87
C GLU E 56 15.61 -39.85 -11.52
N GLU E 57 14.83 -40.87 -11.93
CA GLU E 57 13.53 -40.62 -12.54
C GLU E 57 12.54 -40.09 -11.54
N ARG E 58 12.61 -40.53 -10.27
CA ARG E 58 11.71 -40.03 -9.24
C ARG E 58 12.05 -38.58 -8.93
N ARG E 59 13.34 -38.25 -8.90
CA ARG E 59 13.80 -36.89 -8.65
C ARG E 59 13.32 -35.99 -9.79
N LYS E 60 13.50 -36.45 -11.04
CA LYS E 60 13.11 -35.72 -12.24
C LYS E 60 11.60 -35.52 -12.27
N TYR E 61 10.84 -36.55 -11.94
CA TYR E 61 9.39 -36.49 -11.91
C TYR E 61 8.89 -35.46 -10.89
N GLN E 62 9.46 -35.45 -9.67
CA GLN E 62 9.03 -34.48 -8.67
C GLN E 62 9.40 -33.06 -9.06
N GLU E 63 10.52 -32.86 -9.76
CA GLU E 63 10.88 -31.51 -10.18
C GLU E 63 9.95 -31.03 -11.29
N ALA E 64 9.56 -31.94 -12.19
CA ALA E 64 8.64 -31.64 -13.27
C ALA E 64 7.27 -31.27 -12.71
N GLU E 65 6.81 -31.96 -11.67
CA GLU E 65 5.53 -31.66 -11.04
C GLU E 65 5.57 -30.29 -10.38
N LEU E 66 6.71 -29.93 -9.77
CA LEU E 66 6.91 -28.61 -9.19
C LEU E 66 6.79 -27.52 -10.29
N LEU E 67 7.52 -27.70 -11.40
CA LEU E 67 7.50 -26.73 -12.49
C LEU E 67 6.14 -26.62 -13.14
N LYS E 68 5.40 -27.72 -13.20
CA LYS E 68 4.04 -27.76 -13.74
C LYS E 68 3.13 -26.92 -12.83
N HIS E 69 3.30 -27.03 -11.48
CA HIS E 69 2.54 -26.26 -10.53
C HIS E 69 2.86 -24.77 -10.67
N LEU E 70 4.14 -24.44 -10.84
CA LEU E 70 4.55 -23.07 -11.03
C LEU E 70 3.99 -22.50 -12.33
N ALA E 71 3.93 -23.32 -13.38
CA ALA E 71 3.38 -22.92 -14.68
C ALA E 71 1.90 -22.59 -14.54
N GLU E 72 1.18 -23.34 -13.70
CA GLU E 72 -0.22 -23.08 -13.42
C GLU E 72 -0.41 -21.76 -12.65
N LYS E 73 0.60 -21.34 -11.86
CA LYS E 73 0.61 -20.06 -11.13
C LYS E 73 0.80 -18.95 -12.14
N ARG E 74 1.69 -19.11 -13.14
CA ARG E 74 1.90 -18.10 -14.18
C ARG E 74 0.61 -17.89 -14.96
N GLU E 75 -0.12 -18.97 -15.23
CA GLU E 75 -1.38 -18.95 -15.94
C GLU E 75 -2.40 -18.15 -15.13
N HIS E 76 -2.42 -18.34 -13.81
CA HIS E 76 -3.33 -17.61 -12.94
C HIS E 76 -2.96 -16.13 -12.95
N GLU E 77 -1.66 -15.81 -12.86
CA GLU E 77 -1.20 -14.43 -12.89
C GLU E 77 -1.66 -13.70 -14.14
N ARG E 78 -1.64 -14.40 -15.29
CA ARG E 78 -2.07 -13.86 -16.56
C ARG E 78 -3.59 -13.67 -16.59
N GLU E 79 -4.34 -14.58 -15.97
CA GLU E 79 -5.79 -14.48 -15.89
C GLU E 79 -6.22 -13.31 -15.00
N VAL E 80 -5.44 -13.00 -13.93
CA VAL E 80 -5.85 -11.90 -13.06
C VAL E 80 -5.58 -10.52 -13.73
N ILE E 81 -4.50 -10.37 -14.50
CA ILE E 81 -4.21 -9.13 -15.21
C ILE E 81 -5.30 -8.89 -16.26
N GLN E 82 -5.63 -9.94 -17.01
CA GLN E 82 -6.67 -9.93 -18.01
C GLN E 82 -8.03 -9.62 -17.38
N LYS E 83 -8.32 -10.16 -16.18
CA LYS E 83 -9.58 -9.87 -15.50
C LYS E 83 -9.69 -8.38 -15.14
N ALA E 84 -8.59 -7.79 -14.62
CA ALA E 84 -8.58 -6.36 -14.31
C ALA E 84 -8.84 -5.51 -15.57
N ILE E 85 -8.25 -5.93 -16.70
CA ILE E 85 -8.45 -5.24 -17.97
C ILE E 85 -9.90 -5.36 -18.44
N GLU E 86 -10.50 -6.54 -18.32
CA GLU E 86 -11.88 -6.79 -18.74
C GLU E 86 -12.88 -6.00 -17.87
N GLU E 87 -12.59 -5.88 -16.58
CA GLU E 87 -13.46 -5.13 -15.68
C GLU E 87 -13.39 -3.63 -16.07
N ASN E 88 -12.18 -3.14 -16.38
CA ASN E 88 -12.01 -1.73 -16.77
C ASN E 88 -12.72 -1.43 -18.09
N ASN E 89 -12.66 -2.37 -19.03
CA ASN E 89 -13.30 -2.21 -20.33
C ASN E 89 -14.81 -2.24 -20.20
N ASN E 90 -15.34 -3.09 -19.33
CA ASN E 90 -16.77 -3.16 -19.10
C ASN E 90 -17.30 -1.91 -18.40
N PHE E 91 -16.47 -1.33 -17.52
CA PHE E 91 -16.79 -0.10 -16.82
C PHE E 91 -16.89 1.02 -17.84
N ILE E 92 -15.91 1.12 -18.75
CA ILE E 92 -15.90 2.14 -19.80
C ILE E 92 -17.14 2.00 -20.69
N LYS E 93 -17.41 0.78 -21.16
CA LYS E 93 -18.53 0.51 -22.02
C LYS E 93 -19.85 0.88 -21.38
N MET E 94 -20.08 0.46 -20.14
CA MET E 94 -21.33 0.79 -19.44
C MET E 94 -21.48 2.29 -19.18
N ALA E 95 -20.38 2.96 -18.81
CA ALA E 95 -20.37 4.39 -18.59
C ALA E 95 -20.74 5.12 -19.88
N LYS E 96 -20.20 4.65 -21.02
CA LYS E 96 -20.45 5.25 -22.32
C LYS E 96 -21.89 5.13 -22.75
N GLU E 97 -22.50 3.95 -22.57
CA GLU E 97 -23.87 3.73 -23.02
C GLU E 97 -24.86 4.42 -22.09
N LYS E 98 -24.59 4.45 -20.79
CA LYS E 98 -25.48 5.13 -19.84
C LYS E 98 -25.50 6.65 -20.13
N LEU E 99 -24.36 7.21 -20.47
CA LEU E 99 -24.24 8.63 -20.75
C LEU E 99 -24.94 8.97 -22.03
N ALA E 100 -24.77 8.14 -23.07
CA ALA E 100 -25.43 8.36 -24.35
C ALA E 100 -26.94 8.26 -24.18
N GLN E 101 -27.43 7.33 -23.35
CA GLN E 101 -28.87 7.16 -23.08
C GLN E 101 -29.42 8.47 -22.46
N LYS E 102 -28.72 8.98 -21.42
CA LYS E 102 -29.07 10.18 -20.65
C LYS E 102 -29.12 11.44 -21.53
N MET E 103 -28.07 11.68 -22.31
CA MET E 103 -28.01 12.86 -23.16
C MET E 103 -29.07 12.84 -24.22
N GLU E 104 -29.37 11.66 -24.79
CA GLU E 104 -30.39 11.56 -25.84
C GLU E 104 -31.78 11.73 -25.27
N SER E 105 -32.04 11.11 -24.12
CA SER E 105 -33.33 11.23 -23.45
C SER E 105 -33.57 12.67 -23.04
N ASN E 106 -32.53 13.38 -22.57
CA ASN E 106 -32.62 14.79 -22.16
C ASN E 106 -32.89 15.71 -23.35
N LYS E 107 -32.24 15.43 -24.50
CA LYS E 107 -32.44 16.23 -25.71
C LYS E 107 -33.87 16.08 -26.22
N GLU E 108 -34.39 14.86 -26.18
CA GLU E 108 -35.77 14.58 -26.57
C GLU E 108 -36.73 15.36 -25.66
N ASN E 109 -36.48 15.35 -24.34
CA ASN E 109 -37.33 16.05 -23.39
C ASN E 109 -37.30 17.55 -23.60
N ARG E 110 -36.10 18.14 -23.73
CA ARG E 110 -35.99 19.58 -23.92
C ARG E 110 -36.66 20.04 -25.23
N GLU E 111 -36.47 19.28 -26.30
CA GLU E 111 -37.10 19.58 -27.59
C GLU E 111 -38.62 19.50 -27.46
N ALA E 112 -39.13 18.47 -26.76
CA ALA E 112 -40.56 18.31 -26.53
C ALA E 112 -41.16 19.50 -25.78
N HIS E 113 -40.44 19.99 -24.75
CA HIS E 113 -40.86 21.13 -23.92
C HIS E 113 -40.93 22.41 -24.71
N LEU E 114 -40.01 22.59 -25.66
CA LEU E 114 -40.01 23.78 -26.50
C LEU E 114 -41.03 23.67 -27.62
N ALA E 115 -41.30 22.45 -28.12
CA ALA E 115 -42.31 22.27 -29.15
C ALA E 115 -43.69 22.54 -28.55
N ALA E 116 -43.94 22.10 -27.32
CA ALA E 116 -45.22 22.31 -26.67
C ALA E 116 -45.48 23.79 -26.42
N MET E 117 -44.42 24.54 -26.07
CA MET E 117 -44.54 25.96 -25.82
C MET E 117 -44.81 26.74 -27.11
N LEU E 118 -44.11 26.39 -28.20
CA LEU E 118 -44.32 27.07 -29.47
C LEU E 118 -45.68 26.74 -30.08
N GLU E 119 -46.17 25.52 -29.84
CA GLU E 119 -47.49 25.11 -30.31
C GLU E 119 -48.57 25.94 -29.62
N ARG E 120 -48.39 26.24 -28.32
CA ARG E 120 -49.34 27.06 -27.55
C ARG E 120 -49.40 28.47 -28.12
N LEU E 121 -48.23 29.02 -28.48
CA LEU E 121 -48.13 30.36 -29.06
C LEU E 121 -48.72 30.42 -30.48
N GLN E 122 -48.59 29.33 -31.25
CA GLN E 122 -49.16 29.22 -32.59
C GLN E 122 -50.68 29.19 -32.50
N GLU E 123 -51.24 28.51 -31.48
CA GLU E 123 -52.68 28.48 -31.28
C GLU E 123 -53.19 29.88 -30.96
N LYS E 124 -52.41 30.69 -30.20
CA LYS E 124 -52.79 32.06 -29.87
C LYS E 124 -52.85 32.87 -31.16
N ASP E 125 -51.89 32.67 -32.07
CA ASP E 125 -51.87 33.38 -33.34
C ASP E 125 -53.06 33.03 -34.20
N LYS E 126 -53.43 31.73 -34.21
CA LYS E 126 -54.60 31.25 -34.94
C LYS E 126 -55.86 31.93 -34.39
N HIS E 127 -55.99 31.98 -33.05
CA HIS E 127 -57.11 32.60 -32.38
C HIS E 127 -57.22 34.10 -32.68
N ALA E 128 -56.10 34.79 -32.72
CA ALA E 128 -56.08 36.23 -32.98
C ALA E 128 -56.59 36.55 -34.37
N GLU E 129 -56.26 35.70 -35.36
CA GLU E 129 -56.77 35.91 -36.72
C GLU E 129 -58.29 35.72 -36.79
N GLU E 130 -58.81 34.77 -36.00
CA GLU E 130 -60.23 34.47 -35.86
C GLU E 130 -60.96 35.64 -35.18
N VAL E 131 -60.30 36.28 -34.21
CA VAL E 131 -60.86 37.45 -33.54
C VAL E 131 -60.96 38.60 -34.53
N ARG E 132 -59.91 38.82 -35.32
CA ARG E 132 -59.91 39.88 -36.31
C ARG E 132 -60.94 39.64 -37.41
N LYS E 133 -61.15 38.38 -37.78
CA LYS E 133 -62.14 37.99 -38.77
C LYS E 133 -63.54 38.32 -38.23
N ASN E 134 -63.79 37.98 -36.96
CA ASN E 134 -65.06 38.23 -36.26
C ASN E 134 -65.37 39.72 -36.20
N LYS E 135 -64.33 40.54 -35.99
CA LYS E 135 -64.47 41.98 -35.96
C LYS E 135 -64.93 42.50 -37.32
N GLU E 136 -64.37 41.97 -38.44
CA GLU E 136 -64.75 42.39 -39.79
C GLU E 136 -66.24 42.14 -40.11
N LEU E 137 -66.87 41.16 -39.45
CA LEU E 137 -68.30 40.91 -39.64
C LEU E 137 -69.19 41.89 -38.83
N LYS E 138 -68.57 42.82 -38.07
CA LYS E 138 -69.24 43.85 -37.27
C LYS E 138 -68.82 45.23 -37.83
N GLU E 139 -67.51 45.41 -38.08
CA GLU E 139 -66.89 46.62 -38.63
C GLU E 139 -67.06 46.57 -40.15
N GLU E 140 -67.61 47.66 -40.72
CA GLU E 140 -67.96 47.81 -42.15
C GLU E 140 -69.33 47.19 -42.36
N ALA E 141 -69.53 45.95 -41.85
CA ALA E 141 -70.82 45.25 -41.92
C ALA E 141 -71.88 45.85 -40.97
N SER E 142 -71.65 47.09 -40.51
CA SER E 142 -72.56 47.88 -39.69
C SER E 142 -73.27 48.78 -40.70
N ARG E 143 -74.19 48.18 -41.50
CA ARG E 143 -74.98 48.78 -42.57
C ARG E 143 -74.19 49.79 -43.43
PG GTP F . 29.06 -34.02 3.36
O1G GTP F . 29.94 -32.85 3.68
O2G GTP F . 28.87 -34.18 1.88
O3G GTP F . 27.75 -33.99 4.12
O3B GTP F . 29.76 -35.36 3.85
PB GTP F . 31.17 -35.57 4.54
O1B GTP F . 32.20 -34.67 3.98
O2B GTP F . 31.57 -37.00 4.41
O3A GTP F . 30.92 -35.20 6.07
PA GTP F . 31.74 -35.46 7.40
O1A GTP F . 32.30 -34.17 7.90
O2A GTP F . 32.84 -36.44 7.10
O5' GTP F . 30.63 -36.15 8.32
C5' GTP F . 30.25 -35.58 9.56
C4' GTP F . 30.59 -36.56 10.67
O4' GTP F . 31.99 -36.93 10.59
C3' GTP F . 30.40 -36.00 12.09
O3' GTP F . 30.06 -37.04 12.99
C2' GTP F . 31.78 -35.43 12.39
O2' GTP F . 32.08 -35.23 13.75
C1' GTP F . 32.67 -36.50 11.75
N9 GTP F . 33.96 -35.95 11.36
C8 GTP F . 34.19 -34.97 10.43
N7 GTP F . 35.46 -34.66 10.29
C5 GTP F . 36.10 -35.49 11.19
C6 GTP F . 37.48 -35.64 11.49
O6 GTP F . 38.42 -35.11 10.92
N1 GTP F . 37.71 -36.57 12.50
C2 GTP F . 36.74 -37.32 13.11
N2 GTP F . 37.15 -38.25 13.98
N3 GTP F . 35.44 -37.20 12.83
C4 GTP F . 35.20 -36.29 11.87
MG MG G . 32.01 -32.61 3.80
S SO4 H . 23.19 -38.87 23.47
O1 SO4 H . 23.95 -37.81 24.16
O2 SO4 H . 24.03 -39.44 22.41
O3 SO4 H . 22.81 -39.93 24.40
O4 SO4 H . 21.97 -38.28 22.92
S SO4 I . 34.45 -59.77 34.52
O1 SO4 I . 35.06 -59.24 33.29
O2 SO4 I . 35.46 -60.58 35.22
O3 SO4 I . 33.26 -60.58 34.19
O4 SO4 I . 34.06 -58.66 35.42
S SO4 J . 46.46 -45.59 31.14
O1 SO4 J . 46.90 -44.52 30.26
O2 SO4 J . 46.25 -46.82 30.36
O3 SO4 J . 47.47 -45.83 32.18
O4 SO4 J . 45.18 -45.22 31.77
S SO4 K . 35.42 -29.98 16.43
O1 SO4 K . 36.09 -29.34 15.29
O2 SO4 K . 36.04 -31.27 16.68
O3 SO4 K . 35.58 -29.15 17.61
O4 SO4 K . 33.98 -30.14 16.13
C1 GOL L . 14.70 -32.28 -6.13
O1 GOL L . 13.85 -33.21 -6.78
C2 GOL L . 16.15 -32.51 -6.52
O2 GOL L . 16.32 -32.20 -7.91
C3 GOL L . 17.12 -31.73 -5.67
O3 GOL L . 18.44 -32.24 -5.81
PB GDP M . 6.89 -1.46 0.45
O1B GDP M . 7.79 -0.39 0.02
O2B GDP M . 7.64 -2.83 0.61
O3B GDP M . 5.62 -1.45 -0.40
O3A GDP M . 6.33 -1.11 1.89
PA GDP M . 7.05 -1.17 3.31
O1A GDP M . 8.32 -2.00 3.18
O2A GDP M . 7.38 0.17 3.78
O5' GDP M . 6.01 -1.98 4.16
C5' GDP M . 5.36 -1.46 5.33
C4' GDP M . 5.70 -2.37 6.48
O4' GDP M . 7.14 -2.44 6.65
C3' GDP M . 5.16 -1.98 7.85
O3' GDP M . 4.99 -3.12 8.68
C2' GDP M . 6.30 -1.12 8.40
O2' GDP M . 6.27 -0.95 9.80
C1' GDP M . 7.50 -1.93 7.91
N9 GDP M . 8.70 -1.12 7.77
C8 GDP M . 8.94 -0.12 6.88
N7 GDP M . 10.15 0.35 6.94
C5 GDP M . 10.76 -0.39 7.94
C6 GDP M . 12.08 -0.34 8.50
O6 GDP M . 13.01 0.39 8.14
N1 GDP M . 12.26 -1.25 9.52
C2 GDP M . 11.33 -2.13 9.96
N2 GDP M . 11.71 -3.03 10.86
N3 GDP M . 10.09 -2.19 9.46
C4 GDP M . 9.88 -1.29 8.47
S SO4 N . 15.90 7.44 13.26
O1 SO4 N . 17.12 7.38 12.46
O2 SO4 N . 14.89 6.54 12.67
O3 SO4 N . 16.20 7.04 14.64
O4 SO4 N . 15.37 8.80 13.26
S SO4 O . 13.09 8.23 24.14
O1 SO4 O . 12.32 7.53 23.12
O2 SO4 O . 14.35 8.68 23.56
O3 SO4 O . 13.36 7.32 25.27
O4 SO4 O . 12.33 9.38 24.61
S SO4 P . 11.96 -28.81 32.82
O1 SO4 P . 13.09 -29.65 33.23
O2 SO4 P . 11.97 -28.60 31.38
O3 SO4 P . 10.71 -29.49 33.17
O4 SO4 P . 12.05 -27.50 33.49
C1 GOL Q . 1.15 3.90 13.20
O1 GOL Q . 0.43 3.19 14.18
C2 GOL Q . 2.19 4.80 13.83
O2 GOL Q . 2.92 4.08 14.83
C3 GOL Q . 3.14 5.35 12.79
O3 GOL Q . 4.04 4.34 12.34
PG GTP R . -22.89 28.81 -12.30
O1G GTP R . -22.32 30.17 -12.17
O2G GTP R . -22.89 28.33 -13.74
O3G GTP R . -24.22 28.65 -11.65
O3B GTP R . -21.95 27.77 -11.52
PB GTP R . -20.59 28.03 -10.74
O1B GTP R . -19.73 29.02 -11.42
O2B GTP R . -19.85 26.71 -10.59
O3A GTP R . -21.04 28.59 -9.33
PA GTP R . -20.28 28.76 -7.93
O1A GTP R . -20.09 30.21 -7.66
O2A GTP R . -18.94 27.97 -7.99
O5' GTP R . -21.24 27.97 -6.95
C5' GTP R . -21.84 28.66 -5.85
C4' GTP R . -21.37 28.02 -4.57
O4' GTP R . -19.92 27.98 -4.53
C3' GTP R . -21.79 28.77 -3.31
O3' GTP R . -21.92 27.87 -2.22
C2' GTP R . -20.60 29.70 -3.06
O2' GTP R . -20.46 30.20 -1.74
C1' GTP R . -19.44 28.78 -3.46
N9 GTP R . -18.27 29.54 -3.90
C8 GTP R . -18.21 30.36 -4.99
N7 GTP R . -17.05 30.95 -5.14
C5 GTP R . -16.30 30.49 -4.08
C6 GTP R . -14.95 30.76 -3.71
O6 GTP R . -14.11 31.40 -4.35
N1 GTP R . -14.58 30.11 -2.54
C2 GTP R . -15.39 29.26 -1.84
N2 GTP R . -14.84 28.61 -0.82
N3 GTP R . -16.65 28.98 -2.18
C4 GTP R . -17.03 29.62 -3.31
MG MG S . -20.46 30.92 -11.91
S SO4 T . -28.75 26.71 8.40
O1 SO4 T . -28.78 28.17 8.32
O2 SO4 T . -28.05 26.17 7.21
O3 SO4 T . -30.12 26.18 8.45
O4 SO4 T . -28.03 26.34 9.61
PB GDP U . -52.25 53.07 -22.56
O1B GDP U . -51.63 54.22 -23.20
O2B GDP U . -51.25 52.05 -22.11
O3B GDP U . -53.33 52.45 -23.34
O3A GDP U . -53.01 53.53 -21.25
PA GDP U . -52.41 53.96 -19.85
O1A GDP U . -50.96 53.51 -19.78
O2A GDP U . -52.54 55.43 -19.68
O5' GDP U . -53.30 53.05 -18.87
C5' GDP U . -54.16 53.59 -17.87
C4' GDP U . -53.68 53.03 -16.55
O4' GDP U . -52.29 53.38 -16.33
C3' GDP U . -54.43 53.53 -15.31
O3' GDP U . -54.37 52.56 -14.26
C2' GDP U . -53.61 54.75 -14.92
O2' GDP U . -53.83 55.16 -13.58
C1' GDP U . -52.20 54.24 -15.19
N9 GDP U . -51.23 55.29 -15.49
C8 GDP U . -51.19 56.11 -16.59
N7 GDP U . -50.14 56.89 -16.61
C5 GDP U . -49.44 56.57 -15.46
C6 GDP U . -48.20 57.06 -14.93
O6 GDP U . -47.46 57.92 -15.40
N1 GDP U . -47.87 56.44 -13.74
C2 GDP U . -48.59 55.47 -13.12
N2 GDP U . -48.07 54.93 -12.02
N3 GDP U . -49.74 55.00 -13.59
C4 GDP U . -50.11 55.59 -14.75
S SO4 V . -46.18 67.12 -11.70
O1 SO4 V . -44.73 67.20 -11.74
O2 SO4 V . -46.63 65.97 -12.48
O3 SO4 V . -46.65 67.06 -10.31
O4 SO4 V . -46.73 68.32 -12.30
S SO4 W . -39.43 55.14 5.75
O1 SO4 W . -38.27 56.03 5.87
O2 SO4 W . -39.03 53.88 5.12
O3 SO4 W . -39.98 54.85 7.09
O4 SO4 W . -40.43 55.81 4.94
S SO4 X . -38.21 62.65 -10.50
O1 SO4 X . -37.08 62.73 -11.43
O2 SO4 X . -38.50 61.23 -10.21
O3 SO4 X . -37.85 63.34 -9.25
O4 SO4 X . -39.37 63.30 -11.11
#